data_1H84
#
_entry.id   1H84
#
_cell.length_a   184.040
_cell.length_b   184.040
_cell.length_c   280.800
_cell.angle_alpha   90.00
_cell.angle_beta   90.00
_cell.angle_gamma   120.00
#
_symmetry.space_group_name_H-M   'P 65 2 2'
#
loop_
_entity.id
_entity.type
_entity.pdbx_description
1 polymer 'POLYAMINE OXIDASE'
2 branched 2-acetamido-2-deoxy-beta-D-glucopyranose-(1-4)-2-acetamido-2-deoxy-beta-D-glucopyranose
3 branched alpha-D-mannopyranose-(1-6)-alpha-D-mannopyranose-(1-4)-2-acetamido-2-deoxy-beta-D-glucopyranose-(1-4)-[alpha-D-fucopyranose-(1-3)]2-acetamido-2-deoxy-beta-D-glucopyranose
4 non-polymer 'FLAVIN-ADENINE DINUCLEOTIDE'
5 non-polymer 3-[(3-{[3-(METHYLAMINO)PROPYL]AMINO}PROPYL)AMINO]PROPANE-1,1-DIOL
6 water water
#
_entity_poly.entity_id   1
_entity_poly.type   'polypeptide(L)'
_entity_poly.pdbx_seq_one_letter_code
;ATVGPRVIVVGAGMSGISAAKRLSEAGITDLLILEATDHIGGRMHKTNFAGINVELGANWVEGVNGGKMNPIWPIVNSTL
KLRNFRSDFDYLAQNVYKEDGGVYDEDYVQKRIELADSVEEMGEKLSATLHASGRDDMSILAMQRLNEHQPNGPATPVDM
VVDYYKFDYEFAEPPRVTSLQNTVPLATFSDFGDDVYFVADQRGYEAVVYYLAGQYLKTDDKSGKIVDPRLQLNKVVREI
KYSPGGVTVKTEDNSVYSADYVMVSASLGVLQSDLIQFKPKLPTWKVRAIYQFDMAVYTKIFLKFPRKFWPEGKGREFFL
YASSRRGYYGVWQEFEKQYPDANVLLVTVTDEESRRIEQQSDEQTKAEIMQVLRKMFPGKDVPDATDILVPRWWSDRFYK
GTFSNWPVGVNRYEYDQLRAPVGRVYFTGEHTSEHYNGYVHGAYLSGIDSAEILINCAQKKMCKYHVQGKYD
;
_entity_poly.pdbx_strand_id   A,B,C
#
# COMPACT_ATOMS: atom_id res chain seq x y z
N PRO A 5 -52.22 -13.05 26.95
CA PRO A 5 -51.53 -14.34 26.85
C PRO A 5 -50.24 -14.37 27.64
N ARG A 6 -49.86 -15.54 28.13
CA ARG A 6 -48.63 -15.56 28.89
C ARG A 6 -47.53 -15.81 27.88
N VAL A 7 -46.44 -15.05 28.03
CA VAL A 7 -45.33 -15.23 27.11
C VAL A 7 -44.00 -15.39 27.82
N ILE A 8 -43.23 -16.41 27.45
CA ILE A 8 -41.92 -16.58 28.04
C ILE A 8 -40.92 -16.04 27.06
N VAL A 9 -39.97 -15.27 27.59
CA VAL A 9 -38.93 -14.71 26.73
C VAL A 9 -37.62 -15.34 27.15
N VAL A 10 -36.93 -15.96 26.21
CA VAL A 10 -35.64 -16.58 26.54
C VAL A 10 -34.54 -15.59 26.21
N GLY A 11 -33.89 -15.20 27.30
CA GLY A 11 -32.79 -14.26 27.19
C GLY A 11 -33.17 -12.81 27.53
N ALA A 12 -32.36 -12.17 28.38
CA ALA A 12 -32.50 -10.79 28.79
C ALA A 12 -31.40 -9.88 28.22
N GLY A 13 -31.02 -10.12 26.97
CA GLY A 13 -30.05 -9.28 26.28
C GLY A 13 -30.86 -8.10 25.71
N MET A 14 -30.28 -7.33 24.80
CA MET A 14 -31.07 -6.21 24.27
C MET A 14 -32.38 -6.58 23.59
N SER A 15 -32.39 -7.61 22.76
CA SER A 15 -33.61 -7.90 22.02
C SER A 15 -34.67 -8.49 22.94
N GLY A 16 -34.24 -9.28 23.91
CA GLY A 16 -35.23 -9.85 24.83
C GLY A 16 -35.93 -8.77 25.67
N ILE A 17 -35.10 -7.86 26.18
CA ILE A 17 -35.68 -6.81 27.02
C ILE A 17 -36.55 -5.91 26.16
N SER A 18 -36.09 -5.69 24.94
CA SER A 18 -36.81 -4.84 23.97
C SER A 18 -38.15 -5.45 23.60
N ALA A 19 -38.14 -6.74 23.32
CA ALA A 19 -39.39 -7.37 22.96
C ALA A 19 -40.37 -7.36 24.14
N ALA A 20 -39.91 -7.76 25.33
CA ALA A 20 -40.79 -7.81 26.51
C ALA A 20 -41.38 -6.42 26.69
N LYS A 21 -40.55 -5.40 26.54
CA LYS A 21 -41.07 -4.05 26.67
C LYS A 21 -42.19 -3.75 25.68
N ARG A 22 -42.02 -4.23 24.45
CA ARG A 22 -43.03 -3.92 23.45
C ARG A 22 -44.35 -4.65 23.68
N LEU A 23 -44.20 -5.83 24.26
CA LEU A 23 -45.32 -6.69 24.56
C LEU A 23 -46.10 -6.03 25.70
N SER A 24 -45.34 -5.60 26.69
CA SER A 24 -45.94 -4.98 27.86
C SER A 24 -46.71 -3.77 27.32
N GLU A 25 -46.08 -3.01 26.44
CA GLU A 25 -46.79 -1.87 25.94
C GLU A 25 -48.06 -2.25 25.22
N ALA A 26 -48.20 -3.47 24.72
CA ALA A 26 -49.42 -3.85 24.02
C ALA A 26 -50.33 -4.40 25.10
N GLY A 27 -49.91 -4.25 26.35
CA GLY A 27 -50.74 -4.78 27.41
C GLY A 27 -50.45 -6.24 27.68
N ILE A 28 -49.48 -6.85 27.00
CA ILE A 28 -49.22 -8.23 27.33
C ILE A 28 -48.17 -8.17 28.39
N THR A 29 -48.63 -8.29 29.63
CA THR A 29 -47.79 -8.17 30.81
C THR A 29 -47.55 -9.45 31.59
N ASP A 30 -48.22 -10.52 31.21
CA ASP A 30 -48.01 -11.77 31.89
C ASP A 30 -46.79 -12.38 31.21
N LEU A 31 -45.64 -11.82 31.58
CA LEU A 31 -44.40 -12.23 30.94
C LEU A 31 -43.51 -12.94 31.92
N LEU A 32 -42.60 -13.76 31.40
CA LEU A 32 -41.60 -14.43 32.21
C LEU A 32 -40.33 -14.45 31.35
N ILE A 33 -39.35 -13.67 31.80
CA ILE A 33 -38.07 -13.56 31.11
C ILE A 33 -37.07 -14.45 31.83
N LEU A 34 -36.60 -15.45 31.10
CA LEU A 34 -35.64 -16.39 31.66
C LEU A 34 -34.25 -16.14 31.05
N GLU A 35 -33.34 -15.71 31.91
CA GLU A 35 -31.97 -15.38 31.51
C GLU A 35 -30.98 -16.35 32.10
N ALA A 36 -30.11 -16.85 31.24
CA ALA A 36 -29.07 -17.79 31.69
C ALA A 36 -28.05 -17.27 32.69
N THR A 37 -27.47 -16.08 32.46
CA THR A 37 -26.44 -15.57 33.36
C THR A 37 -27.08 -14.89 34.57
N ASP A 38 -26.21 -14.39 35.44
CA ASP A 38 -26.68 -13.71 36.62
C ASP A 38 -26.94 -12.26 36.32
N HIS A 39 -27.07 -11.86 35.05
CA HIS A 39 -27.35 -10.45 34.84
C HIS A 39 -28.00 -10.32 33.50
N ILE A 40 -28.54 -9.13 33.20
CA ILE A 40 -29.17 -8.84 31.92
C ILE A 40 -28.18 -8.07 31.06
N GLY A 41 -28.49 -7.84 29.78
CA GLY A 41 -27.62 -7.07 28.87
C GLY A 41 -26.88 -7.89 27.77
N GLY A 42 -26.69 -9.17 28.05
CA GLY A 42 -26.07 -10.09 27.09
C GLY A 42 -24.75 -9.61 26.50
N ARG A 43 -24.78 -9.39 25.19
CA ARG A 43 -23.58 -8.95 24.48
C ARG A 43 -23.11 -7.51 24.70
N MET A 44 -23.85 -6.78 25.53
CA MET A 44 -23.46 -5.41 25.92
C MET A 44 -23.04 -5.69 27.35
N HIS A 45 -21.74 -5.75 27.61
CA HIS A 45 -21.41 -6.11 28.99
C HIS A 45 -20.00 -5.72 29.32
N LYS A 46 -19.89 -5.05 30.47
CA LYS A 46 -18.63 -4.47 30.91
C LYS A 46 -17.95 -5.35 31.93
N THR A 47 -16.71 -5.00 32.22
CA THR A 47 -15.96 -5.73 33.24
C THR A 47 -14.81 -4.85 33.75
N ASN A 48 -14.36 -5.17 34.96
CA ASN A 48 -13.27 -4.35 35.50
C ASN A 48 -11.95 -4.86 34.96
N PHE A 49 -11.12 -4.00 34.38
CA PHE A 49 -9.81 -4.46 33.93
C PHE A 49 -8.86 -3.35 34.33
N ALA A 50 -7.80 -3.67 35.08
CA ALA A 50 -6.84 -2.62 35.45
C ALA A 50 -7.49 -1.51 36.25
N GLY A 51 -8.40 -1.85 37.17
CA GLY A 51 -9.06 -0.80 37.91
C GLY A 51 -9.99 0.08 37.06
N ILE A 52 -10.39 -0.41 35.90
CA ILE A 52 -11.33 0.40 35.13
C ILE A 52 -12.28 -0.55 34.42
N ASN A 53 -13.46 -0.05 34.13
CA ASN A 53 -14.44 -0.91 33.46
C ASN A 53 -14.30 -0.79 31.97
N VAL A 54 -14.09 -1.90 31.27
CA VAL A 54 -14.01 -1.79 29.82
C VAL A 54 -15.12 -2.69 29.28
N GLU A 55 -15.48 -2.50 28.01
CA GLU A 55 -16.52 -3.31 27.39
C GLU A 55 -16.02 -4.63 26.85
N LEU A 56 -16.56 -5.76 27.30
CA LEU A 56 -16.17 -7.05 26.72
C LEU A 56 -16.85 -7.26 25.36
N GLY A 57 -18.03 -6.66 25.18
CA GLY A 57 -18.84 -6.82 23.96
C GLY A 57 -18.93 -5.56 23.13
N ALA A 58 -20.14 -5.18 22.74
CA ALA A 58 -20.28 -3.98 21.90
C ALA A 58 -19.65 -2.77 22.62
N ASN A 59 -19.12 -1.85 21.84
CA ASN A 59 -18.50 -0.67 22.41
C ASN A 59 -18.90 0.60 21.68
N TRP A 60 -19.43 0.48 20.46
CA TRP A 60 -19.79 1.69 19.73
C TRP A 60 -21.28 1.84 19.42
N VAL A 61 -21.72 3.07 19.22
CA VAL A 61 -23.08 3.19 18.72
C VAL A 61 -22.68 3.44 17.28
N GLU A 62 -23.08 2.56 16.39
CA GLU A 62 -22.64 2.79 15.02
C GLU A 62 -23.72 3.29 14.10
N GLY A 63 -23.38 4.27 13.29
CA GLY A 63 -24.31 4.85 12.34
C GLY A 63 -24.93 6.00 13.11
N VAL A 64 -24.31 7.18 12.99
CA VAL A 64 -24.77 8.41 13.67
C VAL A 64 -24.53 9.62 12.77
N ASN A 65 -25.39 10.62 12.91
CA ASN A 65 -25.31 11.85 12.14
C ASN A 65 -25.85 11.74 10.72
N GLY A 66 -26.60 10.69 10.38
CA GLY A 66 -27.11 10.58 9.00
C GLY A 66 -28.56 11.05 8.81
N GLY A 67 -29.18 10.55 7.74
CA GLY A 67 -30.54 10.89 7.37
C GLY A 67 -31.58 10.41 8.35
N LYS A 68 -31.33 9.36 9.11
CA LYS A 68 -32.34 8.91 10.05
C LYS A 68 -31.64 8.79 11.39
N MET A 69 -32.44 8.90 12.44
CA MET A 69 -31.89 8.78 13.78
C MET A 69 -31.76 7.34 14.27
N ASN A 70 -30.54 6.94 14.62
CA ASN A 70 -30.37 5.59 15.14
C ASN A 70 -31.01 5.62 16.52
N PRO A 71 -31.99 4.75 16.70
CA PRO A 71 -32.75 4.69 17.94
C PRO A 71 -31.89 4.60 19.16
N ILE A 72 -30.70 4.05 19.03
CA ILE A 72 -29.95 3.95 20.27
C ILE A 72 -29.27 5.24 20.67
N TRP A 73 -29.00 6.07 19.67
CA TRP A 73 -28.22 7.27 19.96
C TRP A 73 -28.71 8.23 21.03
N PRO A 74 -29.98 8.57 20.90
CA PRO A 74 -30.57 9.50 21.85
C PRO A 74 -30.54 8.85 23.22
N ILE A 75 -30.74 7.54 23.28
CA ILE A 75 -30.70 6.98 24.62
C ILE A 75 -29.33 7.17 25.24
N VAL A 76 -28.32 6.83 24.45
CA VAL A 76 -26.96 6.95 24.95
C VAL A 76 -26.55 8.42 25.08
N ASN A 77 -26.74 9.20 24.02
CA ASN A 77 -26.26 10.57 24.07
C ASN A 77 -27.08 11.61 24.84
N SER A 78 -28.38 11.38 25.00
CA SER A 78 -29.26 12.34 25.69
C SER A 78 -29.93 11.83 26.95
N THR A 79 -30.67 10.73 26.84
CA THR A 79 -31.32 10.20 28.01
C THR A 79 -30.32 9.86 29.09
N LEU A 80 -29.34 9.02 28.83
CA LEU A 80 -28.38 8.66 29.87
C LEU A 80 -27.10 9.47 29.90
N LYS A 81 -26.86 10.16 28.79
CA LYS A 81 -25.59 10.87 28.73
C LYS A 81 -24.43 9.94 29.09
N LEU A 82 -24.28 8.80 28.40
CA LEU A 82 -23.15 7.92 28.73
C LEU A 82 -21.96 8.62 28.09
N ARG A 83 -20.82 8.58 28.77
CA ARG A 83 -19.65 9.27 28.22
C ARG A 83 -19.20 8.64 26.91
N ASN A 84 -18.93 9.41 25.86
CA ASN A 84 -18.54 8.84 24.58
C ASN A 84 -17.78 9.79 23.67
N PHE A 85 -17.12 9.24 22.65
CA PHE A 85 -16.29 10.02 21.72
C PHE A 85 -16.39 9.48 20.30
N ARG A 86 -16.46 10.38 19.32
CA ARG A 86 -16.58 10.01 17.90
C ARG A 86 -15.24 9.43 17.48
N SER A 87 -15.25 8.32 16.76
CA SER A 87 -13.99 7.74 16.35
C SER A 87 -13.53 8.40 15.06
N ASP A 88 -12.26 8.80 14.98
CA ASP A 88 -11.76 9.39 13.75
C ASP A 88 -10.71 8.46 13.14
N PHE A 89 -10.97 7.97 11.94
CA PHE A 89 -10.11 7.01 11.25
C PHE A 89 -9.35 7.71 10.13
N ASP A 90 -9.42 9.03 10.18
CA ASP A 90 -8.76 9.76 9.11
C ASP A 90 -7.25 9.67 9.03
N TYR A 91 -6.62 9.31 10.14
CA TYR A 91 -5.16 9.29 10.13
C TYR A 91 -4.50 7.91 10.04
N LEU A 92 -5.28 6.88 9.69
CA LEU A 92 -4.72 5.54 9.63
C LEU A 92 -3.42 5.48 8.82
N ALA A 93 -3.38 6.22 7.71
CA ALA A 93 -2.19 6.20 6.87
C ALA A 93 -0.90 6.52 7.59
N GLN A 94 -1.00 7.20 8.72
CA GLN A 94 0.23 7.52 9.45
C GLN A 94 0.54 6.48 10.48
N ASN A 95 -0.31 5.47 10.56
CA ASN A 95 -0.16 4.54 11.65
C ASN A 95 -0.19 3.07 11.26
N VAL A 96 0.47 2.73 10.17
CA VAL A 96 0.47 1.32 9.78
C VAL A 96 1.89 0.83 9.99
N TYR A 97 2.08 -0.11 10.91
CA TYR A 97 3.42 -0.61 11.24
C TYR A 97 3.88 -1.75 10.35
N LYS A 98 5.15 -1.73 9.98
CA LYS A 98 5.77 -2.81 9.21
C LYS A 98 5.95 -4.03 10.12
N GLU A 99 5.95 -5.22 9.55
CA GLU A 99 6.05 -6.44 10.35
C GLU A 99 7.29 -6.39 11.20
N ASP A 100 8.32 -5.82 10.61
CA ASP A 100 9.60 -5.72 11.30
C ASP A 100 10.03 -4.27 11.18
N GLY A 101 9.72 -3.59 12.27
CA GLY A 101 9.95 -2.19 12.61
C GLY A 101 9.46 -0.92 11.91
N GLY A 102 8.86 -0.04 12.71
CA GLY A 102 8.40 1.25 12.26
C GLY A 102 7.22 1.26 11.30
N VAL A 103 6.75 2.47 11.07
CA VAL A 103 5.63 2.67 10.17
C VAL A 103 6.07 2.81 8.72
N TYR A 104 5.13 2.50 7.86
CA TYR A 104 5.26 2.65 6.42
C TYR A 104 5.15 4.13 6.10
N ASP A 105 5.66 4.51 4.93
CA ASP A 105 5.57 5.86 4.43
C ASP A 105 4.07 6.17 4.30
N GLU A 106 3.72 7.31 4.85
CA GLU A 106 2.32 7.71 4.90
C GLU A 106 1.71 7.92 3.53
N ASP A 107 2.43 8.49 2.59
CA ASP A 107 1.77 8.66 1.30
C ASP A 107 1.54 7.33 0.59
N TYR A 108 2.49 6.41 0.71
CA TYR A 108 2.30 5.10 0.10
C TYR A 108 1.03 4.50 0.70
N VAL A 109 0.93 4.50 2.03
CA VAL A 109 -0.27 3.93 2.65
C VAL A 109 -1.58 4.61 2.26
N GLN A 110 -1.58 5.93 2.22
CA GLN A 110 -2.80 6.63 1.89
C GLN A 110 -3.26 6.22 0.51
N LYS A 111 -2.30 6.04 -0.38
CA LYS A 111 -2.79 5.62 -1.70
C LYS A 111 -3.38 4.21 -1.70
N ARG A 112 -2.78 3.30 -0.91
CA ARG A 112 -3.32 1.93 -0.84
C ARG A 112 -4.73 2.00 -0.28
N ILE A 113 -4.93 2.85 0.73
CA ILE A 113 -6.25 2.99 1.34
C ILE A 113 -7.27 3.50 0.31
N GLU A 114 -6.81 4.47 -0.46
CA GLU A 114 -7.67 5.03 -1.50
C GLU A 114 -8.06 3.99 -2.53
N LEU A 115 -7.11 3.15 -2.94
CA LEU A 115 -7.49 2.14 -3.94
C LEU A 115 -8.53 1.26 -3.32
N ALA A 116 -8.29 0.86 -2.08
CA ALA A 116 -9.21 -0.05 -1.42
C ALA A 116 -10.61 0.57 -1.36
N ASP A 117 -10.64 1.85 -1.01
CA ASP A 117 -11.92 2.55 -0.89
C ASP A 117 -12.57 2.65 -2.23
N SER A 118 -11.73 2.94 -3.20
CA SER A 118 -12.33 3.10 -4.49
C SER A 118 -12.95 1.79 -5.00
N VAL A 119 -12.29 0.68 -4.69
CA VAL A 119 -12.81 -0.62 -5.15
C VAL A 119 -14.13 -0.91 -4.46
N GLU A 120 -14.16 -0.60 -3.17
CA GLU A 120 -15.41 -0.83 -2.43
C GLU A 120 -16.54 -0.01 -3.04
N GLU A 121 -16.24 1.23 -3.38
CA GLU A 121 -17.25 2.10 -3.99
C GLU A 121 -17.83 1.54 -5.29
N MET A 122 -16.90 1.02 -6.07
CA MET A 122 -17.39 0.38 -7.28
C MET A 122 -18.22 -0.81 -6.83
N GLY A 123 -17.81 -1.49 -5.77
CA GLY A 123 -18.63 -2.63 -5.36
C GLY A 123 -20.06 -2.18 -5.00
N GLU A 124 -20.12 -1.00 -4.40
CA GLU A 124 -21.44 -0.48 -4.03
C GLU A 124 -22.29 -0.26 -5.27
N LYS A 125 -21.69 0.30 -6.30
CA LYS A 125 -22.47 0.50 -7.51
C LYS A 125 -22.94 -0.83 -8.04
N LEU A 126 -22.07 -1.81 -7.95
CA LEU A 126 -22.44 -3.08 -8.57
C LEU A 126 -23.55 -3.72 -7.82
N SER A 127 -23.39 -3.67 -6.50
CA SER A 127 -24.35 -4.32 -5.61
C SER A 127 -25.76 -3.78 -5.91
N ALA A 128 -25.86 -2.49 -6.17
CA ALA A 128 -27.16 -1.89 -6.45
C ALA A 128 -27.83 -2.54 -7.65
N THR A 129 -27.02 -3.03 -8.58
CA THR A 129 -27.64 -3.63 -9.73
C THR A 129 -28.01 -5.10 -9.62
N LEU A 130 -27.66 -5.79 -8.54
CA LEU A 130 -27.97 -7.22 -8.49
C LEU A 130 -29.47 -7.44 -8.28
N HIS A 131 -29.95 -8.64 -8.58
CA HIS A 131 -31.36 -8.91 -8.38
C HIS A 131 -31.73 -9.30 -6.99
N ALA A 132 -32.96 -8.94 -6.66
CA ALA A 132 -33.52 -9.20 -5.36
C ALA A 132 -33.40 -10.67 -4.93
N SER A 133 -33.58 -11.56 -5.88
CA SER A 133 -33.50 -12.98 -5.56
C SER A 133 -32.15 -13.38 -5.02
N GLY A 134 -31.15 -12.54 -5.27
CA GLY A 134 -29.82 -12.91 -4.82
C GLY A 134 -29.18 -13.80 -5.86
N ARG A 135 -29.85 -14.11 -6.95
CA ARG A 135 -29.19 -14.98 -7.92
C ARG A 135 -27.84 -14.53 -8.49
N ASP A 136 -27.54 -13.25 -8.46
CA ASP A 136 -26.26 -12.85 -9.00
C ASP A 136 -25.32 -12.30 -7.92
N ASP A 137 -25.63 -12.60 -6.67
CA ASP A 137 -24.75 -12.15 -5.58
C ASP A 137 -23.35 -12.82 -5.71
N MET A 138 -22.35 -12.27 -5.02
CA MET A 138 -21.00 -12.82 -5.00
C MET A 138 -20.34 -12.35 -3.70
N SER A 139 -19.21 -12.95 -3.34
CA SER A 139 -18.53 -12.55 -2.12
C SER A 139 -17.89 -11.18 -2.37
N ILE A 140 -17.54 -10.46 -1.31
CA ILE A 140 -16.87 -9.16 -1.55
C ILE A 140 -15.53 -9.39 -2.29
N LEU A 141 -14.88 -10.52 -1.98
CA LEU A 141 -13.60 -10.83 -2.64
C LEU A 141 -13.75 -10.94 -4.16
N ALA A 142 -14.83 -11.62 -4.56
CA ALA A 142 -15.08 -11.79 -6.00
C ALA A 142 -15.22 -10.40 -6.61
N MET A 143 -15.90 -9.49 -5.92
CA MET A 143 -16.07 -8.12 -6.42
C MET A 143 -14.71 -7.42 -6.50
N GLN A 144 -13.87 -7.63 -5.49
CA GLN A 144 -12.55 -6.98 -5.54
C GLN A 144 -11.81 -7.53 -6.76
N ARG A 145 -11.86 -8.85 -7.01
CA ARG A 145 -11.12 -9.41 -8.16
C ARG A 145 -11.62 -8.75 -9.43
N LEU A 146 -12.92 -8.65 -9.53
CA LEU A 146 -13.54 -8.11 -10.74
C LEU A 146 -13.18 -6.67 -10.92
N ASN A 147 -13.19 -5.91 -9.83
CA ASN A 147 -12.91 -4.49 -10.00
C ASN A 147 -11.42 -4.23 -10.18
N GLU A 148 -10.57 -5.09 -9.67
CA GLU A 148 -9.17 -4.81 -9.87
C GLU A 148 -8.65 -5.65 -11.03
N HIS A 149 -9.43 -6.53 -11.64
CA HIS A 149 -8.76 -7.37 -12.65
C HIS A 149 -7.55 -8.19 -12.20
N GLN A 150 -7.72 -8.99 -11.15
CA GLN A 150 -6.60 -9.82 -10.67
C GLN A 150 -7.21 -11.14 -10.28
N PRO A 151 -6.40 -12.19 -10.13
CA PRO A 151 -6.90 -13.49 -9.73
C PRO A 151 -6.92 -13.53 -8.21
N ASN A 152 -6.65 -12.41 -7.57
CA ASN A 152 -6.69 -12.43 -6.10
C ASN A 152 -7.07 -11.05 -5.58
N GLY A 153 -7.49 -10.94 -4.33
CA GLY A 153 -7.81 -9.64 -3.73
C GLY A 153 -6.50 -9.22 -3.07
N PRO A 154 -6.58 -8.26 -2.16
CA PRO A 154 -5.42 -7.71 -1.46
C PRO A 154 -4.57 -8.87 -0.97
N ALA A 155 -3.25 -8.77 -1.14
CA ALA A 155 -2.35 -9.88 -0.88
C ALA A 155 -0.98 -9.49 -0.32
N THR A 156 -0.60 -8.22 -0.38
CA THR A 156 0.65 -7.87 0.31
C THR A 156 0.22 -7.59 1.77
N PRO A 157 1.18 -7.57 2.69
CA PRO A 157 0.84 -7.38 4.09
C PRO A 157 0.10 -6.09 4.35
N VAL A 158 0.57 -5.05 3.69
CA VAL A 158 -0.08 -3.78 3.89
C VAL A 158 -1.49 -3.79 3.32
N ASP A 159 -1.62 -4.30 2.10
CA ASP A 159 -2.97 -4.33 1.52
C ASP A 159 -3.94 -5.22 2.33
N MET A 160 -3.38 -6.32 2.80
CA MET A 160 -4.19 -7.22 3.61
C MET A 160 -4.71 -6.58 4.91
N VAL A 161 -3.83 -5.85 5.59
CA VAL A 161 -4.25 -5.26 6.86
C VAL A 161 -5.25 -4.14 6.59
N VAL A 162 -5.07 -3.46 5.47
CA VAL A 162 -6.02 -2.39 5.16
C VAL A 162 -7.36 -3.09 4.91
N ASP A 163 -7.28 -4.19 4.16
CA ASP A 163 -8.49 -4.95 3.83
C ASP A 163 -9.14 -5.44 5.15
N TYR A 164 -8.31 -5.95 6.06
CA TYR A 164 -8.84 -6.49 7.30
C TYR A 164 -9.48 -5.35 8.11
N TYR A 165 -8.84 -4.21 8.10
CA TYR A 165 -9.42 -3.14 8.88
C TYR A 165 -10.73 -2.70 8.26
N LYS A 166 -10.80 -2.65 6.94
CA LYS A 166 -12.05 -2.21 6.35
C LYS A 166 -13.21 -3.21 6.42
N PHE A 167 -12.94 -4.52 6.42
CA PHE A 167 -14.05 -5.46 6.42
C PHE A 167 -14.14 -6.34 7.67
N ASP A 168 -13.09 -7.13 7.89
CA ASP A 168 -13.10 -8.04 9.01
C ASP A 168 -13.33 -7.31 10.34
N TYR A 169 -12.75 -6.12 10.49
CA TYR A 169 -12.89 -5.39 11.76
C TYR A 169 -14.35 -4.93 11.91
N GLU A 170 -15.07 -4.89 10.79
CA GLU A 170 -16.47 -4.54 10.91
C GLU A 170 -17.29 -5.82 10.99
N PHE A 171 -17.07 -6.78 10.09
CA PHE A 171 -17.93 -7.96 10.04
C PHE A 171 -17.44 -9.20 10.75
N ALA A 172 -16.17 -9.21 11.10
CA ALA A 172 -15.57 -10.33 11.81
C ALA A 172 -15.40 -11.62 11.01
N GLU A 173 -15.47 -11.55 9.68
CA GLU A 173 -15.12 -12.73 8.87
C GLU A 173 -14.53 -12.09 7.63
N PRO A 174 -13.78 -12.84 6.84
CA PRO A 174 -13.15 -12.24 5.66
C PRO A 174 -14.11 -11.91 4.53
N PRO A 175 -13.67 -11.00 3.68
CA PRO A 175 -14.51 -10.62 2.55
C PRO A 175 -14.87 -11.83 1.69
N ARG A 176 -13.97 -12.79 1.58
CA ARG A 176 -14.33 -13.88 0.68
C ARG A 176 -15.49 -14.72 1.12
N VAL A 177 -15.86 -14.62 2.39
CA VAL A 177 -17.01 -15.40 2.85
C VAL A 177 -18.20 -14.48 2.85
N THR A 178 -17.97 -13.17 2.80
CA THR A 178 -19.09 -12.25 2.99
C THR A 178 -19.97 -11.92 1.79
N SER A 179 -21.29 -11.88 1.97
CA SER A 179 -22.18 -11.53 0.85
C SER A 179 -21.98 -10.08 0.41
N LEU A 180 -21.70 -9.85 -0.86
CA LEU A 180 -21.58 -8.43 -1.18
C LEU A 180 -22.92 -7.71 -1.11
N GLN A 181 -23.89 -8.37 -1.71
CA GLN A 181 -25.20 -7.77 -1.86
C GLN A 181 -25.76 -7.37 -0.54
N ASN A 182 -25.49 -8.18 0.48
CA ASN A 182 -26.07 -7.84 1.77
C ASN A 182 -25.21 -7.13 2.78
N THR A 183 -24.08 -6.55 2.35
CA THR A 183 -23.24 -5.83 3.32
C THR A 183 -22.65 -4.61 2.63
N VAL A 184 -22.65 -4.60 1.31
CA VAL A 184 -22.08 -3.41 0.69
C VAL A 184 -22.99 -2.74 -0.32
N PRO A 185 -23.48 -1.53 -0.06
CA PRO A 185 -23.29 -0.75 1.16
C PRO A 185 -24.10 -1.30 2.34
N LEU A 186 -23.81 -0.84 3.54
CA LEU A 186 -24.47 -1.36 4.71
C LEU A 186 -25.55 -0.40 5.19
N ALA A 187 -26.75 -0.92 5.37
CA ALA A 187 -27.89 -0.09 5.79
C ALA A 187 -27.64 0.80 6.99
N THR A 188 -26.98 0.22 7.99
CA THR A 188 -26.67 0.92 9.23
C THR A 188 -26.05 2.26 8.87
N PHE A 189 -25.05 2.26 8.00
CA PHE A 189 -24.44 3.55 7.68
C PHE A 189 -25.25 4.33 6.67
N SER A 190 -25.80 3.60 5.71
CA SER A 190 -26.58 4.35 4.73
C SER A 190 -27.72 5.06 5.41
N ASP A 191 -28.35 4.41 6.37
CA ASP A 191 -29.52 5.06 6.96
C ASP A 191 -29.26 6.05 8.08
N PHE A 192 -28.41 5.62 8.98
CA PHE A 192 -28.15 6.38 10.19
C PHE A 192 -26.95 7.30 10.16
N GLY A 193 -26.14 7.24 9.12
CA GLY A 193 -24.94 8.09 9.07
C GLY A 193 -23.62 7.31 9.23
N ASP A 194 -22.55 7.95 8.75
CA ASP A 194 -21.24 7.32 8.77
C ASP A 194 -20.43 7.32 10.06
N ASP A 195 -20.77 8.17 11.01
CA ASP A 195 -19.96 8.21 12.24
C ASP A 195 -20.28 7.09 13.18
N VAL A 196 -19.35 6.85 14.10
CA VAL A 196 -19.53 5.84 15.11
C VAL A 196 -18.94 6.55 16.32
N TYR A 197 -19.55 6.29 17.48
CA TYR A 197 -19.15 6.90 18.74
C TYR A 197 -18.87 5.81 19.73
N PHE A 198 -17.67 5.92 20.28
CA PHE A 198 -17.18 4.94 21.25
C PHE A 198 -17.64 5.29 22.65
N VAL A 199 -18.40 4.38 23.26
CA VAL A 199 -18.90 4.54 24.62
C VAL A 199 -17.85 4.10 25.66
N ALA A 200 -17.49 5.02 26.55
CA ALA A 200 -16.50 4.78 27.58
C ALA A 200 -17.05 5.43 28.85
N ASP A 201 -18.00 4.77 29.49
CA ASP A 201 -18.65 5.31 30.67
C ASP A 201 -18.66 4.19 31.70
N GLN A 202 -18.34 4.50 32.95
CA GLN A 202 -18.26 3.42 33.91
C GLN A 202 -19.58 2.70 34.11
N ARG A 203 -20.70 3.33 33.77
CA ARG A 203 -21.94 2.60 33.99
C ARG A 203 -22.04 1.48 32.96
N GLY A 204 -21.26 1.60 31.88
CA GLY A 204 -21.29 0.60 30.80
C GLY A 204 -22.33 0.86 29.70
N TYR A 205 -22.06 0.40 28.49
CA TYR A 205 -22.98 0.56 27.38
C TYR A 205 -24.26 -0.19 27.76
N GLU A 206 -24.11 -1.21 28.60
CA GLU A 206 -25.27 -2.00 29.04
C GLU A 206 -26.37 -1.21 29.74
N ALA A 207 -26.01 -0.02 30.18
CA ALA A 207 -26.95 0.83 30.90
C ALA A 207 -28.17 1.05 30.04
N VAL A 208 -27.95 1.01 28.74
CA VAL A 208 -29.06 1.24 27.82
C VAL A 208 -30.13 0.17 28.07
N VAL A 209 -29.68 -1.07 28.20
CA VAL A 209 -30.60 -2.16 28.42
C VAL A 209 -31.28 -2.02 29.78
N TYR A 210 -30.49 -1.67 30.80
CA TYR A 210 -31.06 -1.48 32.13
C TYR A 210 -32.09 -0.36 32.00
N TYR A 211 -31.78 0.72 31.28
CA TYR A 211 -32.79 1.74 31.28
C TYR A 211 -34.06 1.26 30.65
N LEU A 212 -33.92 0.52 29.54
CA LEU A 212 -35.12 0.05 28.88
C LEU A 212 -35.88 -0.90 29.81
N ALA A 213 -35.18 -1.79 30.48
CA ALA A 213 -35.90 -2.74 31.32
C ALA A 213 -36.69 -2.03 32.44
N GLY A 214 -36.07 -0.99 33.00
CA GLY A 214 -36.66 -0.24 34.10
C GLY A 214 -37.89 0.52 33.61
N GLN A 215 -38.07 0.62 32.31
CA GLN A 215 -39.28 1.31 31.95
C GLN A 215 -40.49 0.40 32.21
N TYR A 216 -40.36 -0.87 32.55
CA TYR A 216 -41.57 -1.68 32.70
C TYR A 216 -41.39 -2.80 33.70
N LEU A 217 -40.18 -3.01 34.14
CA LEU A 217 -40.00 -4.11 35.08
C LEU A 217 -39.91 -3.42 36.43
N LYS A 218 -40.35 -4.05 37.51
CA LYS A 218 -40.22 -3.36 38.79
C LYS A 218 -38.80 -3.27 39.35
N THR A 219 -38.47 -2.12 39.93
CA THR A 219 -37.17 -1.89 40.57
C THR A 219 -37.28 -1.29 41.98
N ASP A 220 -36.38 -1.71 42.85
CA ASP A 220 -36.32 -1.23 44.23
C ASP A 220 -36.12 0.27 44.26
N ASP A 221 -36.94 0.95 45.05
CA ASP A 221 -36.75 2.39 45.16
C ASP A 221 -35.43 2.85 45.78
N LYS A 222 -34.81 2.06 46.64
CA LYS A 222 -33.51 2.47 47.19
C LYS A 222 -32.43 2.08 46.18
N SER A 223 -32.18 0.77 46.07
CA SER A 223 -31.17 0.21 45.18
C SER A 223 -31.35 0.56 43.72
N GLY A 224 -32.57 0.45 43.21
CA GLY A 224 -32.78 0.74 41.81
C GLY A 224 -32.65 -0.58 41.05
N LYS A 225 -32.32 -1.66 41.76
CA LYS A 225 -32.18 -2.95 41.14
C LYS A 225 -33.55 -3.45 40.73
N ILE A 226 -33.56 -4.27 39.69
CA ILE A 226 -34.82 -4.81 39.21
C ILE A 226 -35.23 -5.83 40.23
N VAL A 227 -36.50 -5.88 40.60
CA VAL A 227 -36.91 -6.87 41.60
C VAL A 227 -38.18 -7.58 41.19
N ASP A 228 -38.62 -7.27 39.99
CA ASP A 228 -39.81 -7.88 39.39
C ASP A 228 -39.65 -9.38 39.20
N PRO A 229 -40.54 -10.17 39.79
CA PRO A 229 -40.46 -11.62 39.68
C PRO A 229 -40.63 -12.08 38.25
N ARG A 230 -41.04 -11.16 37.39
CA ARG A 230 -41.17 -11.54 35.99
C ARG A 230 -39.78 -11.75 35.34
N LEU A 231 -38.72 -11.28 35.98
CA LEU A 231 -37.37 -11.49 35.45
C LEU A 231 -36.68 -12.52 36.31
N GLN A 232 -36.22 -13.64 35.75
CA GLN A 232 -35.56 -14.63 36.59
C GLN A 232 -34.18 -14.89 36.01
N LEU A 233 -33.15 -14.58 36.77
CA LEU A 233 -31.80 -14.81 36.30
C LEU A 233 -31.32 -16.18 36.70
N ASN A 234 -30.21 -16.56 36.10
CA ASN A 234 -29.68 -17.90 36.33
C ASN A 234 -30.66 -18.96 35.90
N LYS A 235 -31.39 -18.70 34.84
CA LYS A 235 -32.34 -19.70 34.37
C LYS A 235 -31.85 -20.12 32.98
N VAL A 236 -31.19 -21.27 32.87
CA VAL A 236 -30.70 -21.71 31.57
C VAL A 236 -31.74 -22.58 30.91
N VAL A 237 -32.36 -22.04 29.88
CA VAL A 237 -33.35 -22.89 29.20
C VAL A 237 -32.67 -24.03 28.47
N ARG A 238 -33.17 -25.26 28.60
CA ARG A 238 -32.53 -26.38 27.91
C ARG A 238 -33.54 -27.11 27.04
N GLU A 239 -34.82 -26.90 27.26
CA GLU A 239 -35.82 -27.59 26.43
C GLU A 239 -37.07 -26.75 26.26
N ILE A 240 -37.55 -26.72 25.01
CA ILE A 240 -38.77 -25.98 24.68
C ILE A 240 -39.70 -26.93 23.94
N LYS A 241 -40.85 -27.27 24.54
CA LYS A 241 -41.82 -28.17 23.90
C LYS A 241 -42.95 -27.26 23.48
N TYR A 242 -43.52 -27.56 22.31
CA TYR A 242 -44.61 -26.74 21.80
C TYR A 242 -45.66 -27.60 21.11
N SER A 243 -46.89 -27.11 21.05
CA SER A 243 -48.00 -27.82 20.42
C SER A 243 -48.85 -26.69 19.87
N PRO A 244 -49.90 -27.05 19.17
CA PRO A 244 -50.69 -25.98 18.59
C PRO A 244 -51.35 -25.23 19.73
N GLY A 245 -51.38 -25.80 20.92
CA GLY A 245 -52.06 -25.08 21.97
C GLY A 245 -51.21 -24.22 22.90
N GLY A 246 -49.91 -24.52 23.00
CA GLY A 246 -49.12 -23.72 23.93
C GLY A 246 -47.70 -24.25 23.97
N VAL A 247 -46.92 -23.89 24.99
CA VAL A 247 -45.54 -24.33 25.13
C VAL A 247 -45.14 -24.60 26.58
N THR A 248 -44.09 -25.38 26.71
CA THR A 248 -43.54 -25.68 28.02
C THR A 248 -42.07 -25.47 27.79
N VAL A 249 -41.44 -24.90 28.81
CA VAL A 249 -40.04 -24.56 28.77
C VAL A 249 -39.41 -25.07 30.03
N LYS A 250 -38.36 -25.87 29.86
CA LYS A 250 -37.65 -26.42 31.01
C LYS A 250 -36.25 -25.81 31.12
N THR A 251 -35.86 -25.50 32.36
CA THR A 251 -34.53 -24.97 32.60
C THR A 251 -33.59 -26.00 33.20
N GLU A 252 -32.31 -25.70 33.07
CA GLU A 252 -31.31 -26.60 33.56
C GLU A 252 -31.47 -26.91 35.05
N ASP A 253 -32.00 -26.03 35.87
CA ASP A 253 -32.13 -26.41 37.27
C ASP A 253 -33.36 -27.28 37.50
N ASN A 254 -34.02 -27.68 36.42
CA ASN A 254 -35.22 -28.52 36.51
C ASN A 254 -36.57 -27.86 36.64
N SER A 255 -36.57 -26.53 36.68
CA SER A 255 -37.84 -25.84 36.73
C SER A 255 -38.57 -26.10 35.41
N VAL A 256 -39.88 -25.97 35.45
CA VAL A 256 -40.69 -26.15 34.24
C VAL A 256 -41.73 -25.05 34.23
N TYR A 257 -41.88 -24.43 33.08
CA TYR A 257 -42.81 -23.33 32.96
C TYR A 257 -43.70 -23.55 31.76
N SER A 258 -44.86 -22.93 31.81
CA SER A 258 -45.87 -23.07 30.78
C SER A 258 -46.25 -21.69 30.32
N ALA A 259 -46.70 -21.58 29.07
CA ALA A 259 -47.11 -20.26 28.58
C ALA A 259 -47.84 -20.46 27.29
N ASP A 260 -48.41 -19.40 26.74
CA ASP A 260 -49.08 -19.52 25.45
C ASP A 260 -48.12 -19.45 24.26
N TYR A 261 -46.99 -18.78 24.45
CA TYR A 261 -45.98 -18.55 23.43
C TYR A 261 -44.62 -18.42 24.05
N VAL A 262 -43.62 -18.64 23.19
CA VAL A 262 -42.27 -18.43 23.67
C VAL A 262 -41.52 -17.57 22.64
N MET A 263 -40.72 -16.64 23.14
CA MET A 263 -40.02 -15.71 22.26
C MET A 263 -38.55 -16.00 22.51
N VAL A 264 -37.86 -16.60 21.55
CA VAL A 264 -36.48 -17.00 21.78
C VAL A 264 -35.49 -15.92 21.40
N SER A 265 -34.73 -15.37 22.35
CA SER A 265 -33.77 -14.33 21.93
C SER A 265 -32.29 -14.72 21.97
N ALA A 266 -31.95 -15.96 22.29
CA ALA A 266 -30.57 -16.42 22.37
C ALA A 266 -29.91 -16.21 21.00
N SER A 267 -28.59 -16.02 20.98
CA SER A 267 -27.85 -15.75 19.74
C SER A 267 -27.98 -16.86 18.66
N LEU A 268 -27.67 -16.53 17.41
CA LEU A 268 -27.68 -17.55 16.37
C LEU A 268 -26.70 -18.65 16.75
N GLY A 269 -25.58 -18.28 17.35
CA GLY A 269 -24.61 -19.32 17.74
C GLY A 269 -25.24 -20.27 18.74
N VAL A 270 -26.02 -19.74 19.67
CA VAL A 270 -26.62 -20.66 20.63
C VAL A 270 -27.59 -21.60 19.90
N LEU A 271 -28.33 -21.01 18.97
CA LEU A 271 -29.26 -21.85 18.23
C LEU A 271 -28.53 -22.87 17.37
N GLN A 272 -27.35 -22.55 16.85
CA GLN A 272 -26.64 -23.55 16.04
C GLN A 272 -26.03 -24.63 16.93
N SER A 273 -25.95 -24.37 18.23
CA SER A 273 -25.34 -25.37 19.10
C SER A 273 -26.22 -26.44 19.72
N ASP A 274 -27.54 -26.48 19.62
CA ASP A 274 -28.13 -27.57 20.43
C ASP A 274 -28.19 -27.43 21.94
N LEU A 275 -27.85 -26.27 22.50
CA LEU A 275 -27.96 -26.10 23.95
C LEU A 275 -29.47 -26.23 24.26
N ILE A 276 -30.30 -25.71 23.36
CA ILE A 276 -31.74 -25.82 23.60
C ILE A 276 -32.36 -26.91 22.75
N GLN A 277 -33.02 -27.88 23.37
CA GLN A 277 -33.68 -28.89 22.55
C GLN A 277 -35.12 -28.50 22.25
N PHE A 278 -35.51 -28.56 20.98
CA PHE A 278 -36.89 -28.26 20.58
C PHE A 278 -37.58 -29.59 20.40
N LYS A 279 -38.83 -29.66 20.85
CA LYS A 279 -39.63 -30.88 20.76
C LYS A 279 -41.08 -30.46 20.47
N PRO A 280 -41.53 -30.78 19.27
CA PRO A 280 -40.70 -31.49 18.32
C PRO A 280 -39.57 -30.64 17.72
N LYS A 281 -38.73 -31.35 16.99
CA LYS A 281 -37.59 -30.73 16.34
C LYS A 281 -38.05 -29.65 15.39
N LEU A 282 -37.27 -28.59 15.27
CA LEU A 282 -37.68 -27.53 14.36
C LEU A 282 -37.70 -28.14 12.98
N PRO A 283 -38.55 -27.64 12.10
CA PRO A 283 -38.63 -28.19 10.74
C PRO A 283 -37.36 -27.88 9.95
N THR A 284 -37.14 -28.74 8.97
CA THR A 284 -35.98 -28.67 8.10
C THR A 284 -35.74 -27.29 7.53
N TRP A 285 -36.79 -26.62 7.05
CA TRP A 285 -36.54 -25.30 6.50
C TRP A 285 -35.95 -24.33 7.51
N LYS A 286 -36.37 -24.51 8.76
CA LYS A 286 -35.88 -23.62 9.80
C LYS A 286 -34.42 -23.96 10.11
N VAL A 287 -34.21 -25.25 10.25
CA VAL A 287 -32.87 -25.72 10.57
C VAL A 287 -31.84 -25.32 9.50
N ARG A 288 -32.22 -25.39 8.23
CA ARG A 288 -31.26 -25.04 7.21
C ARG A 288 -30.91 -23.56 7.21
N ALA A 289 -31.93 -22.76 7.45
CA ALA A 289 -31.66 -21.33 7.48
C ALA A 289 -30.77 -21.08 8.69
N ILE A 290 -31.02 -21.77 9.80
CA ILE A 290 -30.18 -21.48 10.97
C ILE A 290 -28.70 -21.75 10.70
N TYR A 291 -28.42 -22.92 10.15
CA TYR A 291 -27.03 -23.29 9.96
C TYR A 291 -26.33 -22.63 8.80
N GLN A 292 -27.12 -22.12 7.87
CA GLN A 292 -26.50 -21.46 6.73
C GLN A 292 -25.99 -20.06 7.05
N PHE A 293 -26.57 -19.42 8.05
CA PHE A 293 -26.10 -18.07 8.39
C PHE A 293 -24.85 -18.20 9.28
N ASP A 294 -24.04 -17.15 9.36
CA ASP A 294 -22.80 -17.23 10.13
C ASP A 294 -22.87 -16.55 11.49
N MET A 295 -22.32 -17.19 12.51
CA MET A 295 -22.25 -16.50 13.79
C MET A 295 -20.76 -16.19 13.89
N ALA A 296 -20.38 -14.93 13.76
CA ALA A 296 -18.97 -14.54 13.84
C ALA A 296 -18.47 -14.34 15.26
N VAL A 297 -17.14 -14.21 15.40
CA VAL A 297 -16.51 -14.01 16.72
C VAL A 297 -15.50 -12.88 16.57
N TYR A 298 -15.50 -11.95 17.53
CA TYR A 298 -14.64 -10.77 17.53
C TYR A 298 -14.09 -10.65 18.94
N THR A 299 -12.78 -10.84 19.07
CA THR A 299 -12.16 -10.86 20.39
C THR A 299 -11.36 -9.60 20.73
N LYS A 300 -11.76 -8.91 21.80
CA LYS A 300 -11.15 -7.67 22.25
C LYS A 300 -10.13 -8.01 23.34
N ILE A 301 -8.86 -8.09 22.98
CA ILE A 301 -7.85 -8.45 23.95
C ILE A 301 -7.29 -7.19 24.57
N PHE A 302 -7.59 -6.97 25.84
CA PHE A 302 -7.08 -5.78 26.55
C PHE A 302 -5.76 -6.10 27.23
N LEU A 303 -4.91 -5.07 27.26
CA LEU A 303 -3.61 -5.27 27.87
C LEU A 303 -3.24 -4.06 28.70
N LYS A 304 -2.65 -4.32 29.86
CA LYS A 304 -2.23 -3.23 30.72
C LYS A 304 -0.71 -3.23 30.89
N PHE A 305 -0.08 -2.06 30.79
CA PHE A 305 1.37 -1.99 30.95
C PHE A 305 1.77 -1.01 32.05
N PRO A 306 2.98 -1.23 32.55
CA PRO A 306 3.56 -0.42 33.63
C PRO A 306 3.89 0.98 33.16
N ARG A 307 3.93 1.20 31.85
CA ARG A 307 4.19 2.52 31.29
C ARG A 307 3.95 2.50 29.79
N LYS A 308 3.66 3.67 29.22
CA LYS A 308 3.31 3.78 27.80
C LYS A 308 4.55 3.76 26.96
N PHE A 309 4.47 3.17 25.77
CA PHE A 309 5.65 3.18 24.91
C PHE A 309 5.19 3.40 23.49
N TRP A 310 3.91 3.69 23.34
CA TRP A 310 3.41 3.90 22.00
C TRP A 310 3.06 5.35 21.92
N PRO A 311 2.89 5.81 20.69
CA PRO A 311 2.54 7.20 20.46
C PRO A 311 1.14 7.59 20.91
N GLU A 312 1.02 8.84 21.31
CA GLU A 312 -0.28 9.39 21.69
C GLU A 312 -0.36 10.73 21.00
N GLY A 313 -1.56 11.19 20.71
CA GLY A 313 -1.60 12.45 20.00
C GLY A 313 -2.58 12.40 18.85
N LYS A 314 -2.57 13.49 18.10
CA LYS A 314 -3.49 13.57 17.00
C LYS A 314 -3.37 12.39 16.03
N GLY A 315 -4.49 11.75 15.76
CA GLY A 315 -4.56 10.64 14.81
C GLY A 315 -3.95 9.36 15.32
N ARG A 316 -3.48 9.34 16.57
CA ARG A 316 -2.84 8.17 17.15
C ARG A 316 -3.76 7.08 17.71
N GLU A 317 -5.04 7.38 17.86
CA GLU A 317 -5.93 6.39 18.48
C GLU A 317 -5.92 4.97 17.91
N PHE A 318 -5.96 4.88 16.58
CA PHE A 318 -6.03 3.60 15.88
C PHE A 318 -4.77 3.35 15.10
N PHE A 319 -4.26 2.13 15.18
CA PHE A 319 -3.05 1.78 14.41
C PHE A 319 -3.10 0.32 14.02
N LEU A 320 -2.46 -0.01 12.90
CA LEU A 320 -2.49 -1.36 12.34
C LEU A 320 -1.11 -1.98 12.32
N TYR A 321 -1.08 -3.30 12.46
CA TYR A 321 0.20 -4.01 12.36
C TYR A 321 0.10 -4.83 11.07
N ALA A 322 0.95 -4.53 10.10
CA ALA A 322 0.85 -5.29 8.86
C ALA A 322 1.62 -6.61 8.86
N SER A 323 1.11 -7.63 9.54
CA SER A 323 1.80 -8.91 9.54
C SER A 323 1.72 -9.59 8.18
N SER A 324 2.67 -10.45 7.86
CA SER A 324 2.59 -11.17 6.59
C SER A 324 1.57 -12.30 6.77
N ARG A 325 1.11 -12.54 8.00
CA ARG A 325 0.09 -13.57 8.25
C ARG A 325 -1.22 -12.80 8.42
N ARG A 326 -2.07 -12.84 7.41
CA ARG A 326 -3.31 -12.06 7.47
C ARG A 326 -4.04 -12.15 8.77
N GLY A 327 -4.47 -11.01 9.32
CA GLY A 327 -5.27 -11.01 10.55
C GLY A 327 -4.56 -11.31 11.86
N TYR A 328 -3.23 -11.37 11.82
CA TYR A 328 -2.50 -11.65 13.06
C TYR A 328 -2.34 -10.37 13.89
N TYR A 329 -2.97 -10.30 15.06
CA TYR A 329 -2.88 -9.12 15.93
C TYR A 329 -2.79 -7.82 15.12
N GLY A 330 -3.73 -7.61 14.19
CA GLY A 330 -3.63 -6.49 13.26
C GLY A 330 -4.19 -5.10 13.51
N VAL A 331 -5.20 -5.00 14.39
CA VAL A 331 -5.90 -3.75 14.66
C VAL A 331 -5.83 -3.37 16.12
N TRP A 332 -5.14 -2.25 16.32
CA TRP A 332 -4.88 -1.69 17.64
C TRP A 332 -5.57 -0.38 18.00
N GLN A 333 -5.81 -0.17 19.28
CA GLN A 333 -6.42 1.11 19.71
C GLN A 333 -5.82 1.49 21.06
N GLU A 334 -5.58 2.79 21.25
CA GLU A 334 -5.02 3.32 22.50
C GLU A 334 -6.05 4.37 22.95
N PHE A 335 -6.19 4.42 24.26
CA PHE A 335 -7.22 5.20 24.93
C PHE A 335 -6.87 6.49 25.64
N GLU A 336 -5.99 7.26 25.04
CA GLU A 336 -5.61 8.51 25.65
C GLU A 336 -6.85 9.31 25.97
N LYS A 337 -7.90 9.22 25.17
CA LYS A 337 -9.06 10.03 25.53
C LYS A 337 -9.97 9.29 26.49
N GLN A 338 -10.16 8.01 26.21
CA GLN A 338 -11.11 7.26 27.01
C GLN A 338 -10.72 6.97 28.42
N TYR A 339 -9.49 6.53 28.59
CA TYR A 339 -9.07 6.13 29.91
C TYR A 339 -7.68 6.76 30.09
N PRO A 340 -7.67 8.07 30.12
CA PRO A 340 -6.41 8.79 30.26
C PRO A 340 -5.58 8.23 31.41
N ASP A 341 -4.30 8.12 31.12
CA ASP A 341 -3.42 7.61 32.17
C ASP A 341 -3.49 6.14 32.58
N ALA A 342 -4.37 5.37 31.94
CA ALA A 342 -4.47 3.92 32.19
C ALA A 342 -3.41 2.97 31.62
N ASN A 343 -2.69 3.33 30.56
CA ASN A 343 -1.64 2.45 30.00
C ASN A 343 -2.24 1.17 29.46
N VAL A 344 -3.42 1.29 28.86
CA VAL A 344 -4.08 0.10 28.32
C VAL A 344 -4.06 0.16 26.79
N LEU A 345 -3.89 -1.01 26.17
CA LEU A 345 -3.97 -1.03 24.71
C LEU A 345 -5.03 -2.09 24.41
N LEU A 346 -5.69 -1.98 23.26
CA LEU A 346 -6.66 -2.99 22.87
C LEU A 346 -6.28 -3.52 21.49
N VAL A 347 -6.09 -4.83 21.36
CA VAL A 347 -5.83 -5.40 20.04
C VAL A 347 -7.02 -6.32 19.76
N THR A 348 -7.58 -6.21 18.55
CA THR A 348 -8.72 -7.03 18.19
C THR A 348 -8.43 -8.08 17.12
N VAL A 349 -8.96 -9.29 17.31
CA VAL A 349 -8.79 -10.35 16.30
C VAL A 349 -10.18 -10.96 16.12
N THR A 350 -10.33 -11.78 15.08
CA THR A 350 -11.64 -12.40 14.82
C THR A 350 -11.47 -13.79 14.23
N ASP A 351 -12.59 -14.46 14.04
CA ASP A 351 -12.63 -15.67 13.27
C ASP A 351 -11.58 -16.70 13.67
N GLU A 352 -10.77 -17.15 12.72
CA GLU A 352 -9.78 -18.19 12.98
C GLU A 352 -8.85 -17.87 14.12
N GLU A 353 -8.34 -16.64 14.09
CA GLU A 353 -7.47 -16.30 15.21
C GLU A 353 -8.26 -16.32 16.52
N SER A 354 -9.49 -15.83 16.49
CA SER A 354 -10.26 -15.83 17.75
C SER A 354 -10.42 -17.28 18.24
N ARG A 355 -10.77 -18.23 17.39
CA ARG A 355 -10.97 -19.58 17.92
C ARG A 355 -9.68 -20.22 18.39
N ARG A 356 -8.57 -19.88 17.76
CA ARG A 356 -7.30 -20.47 18.18
C ARG A 356 -6.93 -19.85 19.53
N ILE A 357 -7.05 -18.54 19.58
CA ILE A 357 -6.63 -17.90 20.83
C ILE A 357 -7.48 -18.24 22.06
N GLU A 358 -8.78 -18.39 21.82
CA GLU A 358 -9.66 -18.70 22.95
C GLU A 358 -9.22 -20.05 23.47
N GLN A 359 -8.63 -20.84 22.58
CA GLN A 359 -8.25 -22.16 23.03
C GLN A 359 -6.87 -22.19 23.66
N GLN A 360 -6.21 -21.08 23.89
CA GLN A 360 -4.90 -21.26 24.53
C GLN A 360 -4.92 -20.35 25.74
N SER A 361 -3.89 -20.43 26.58
CA SER A 361 -3.91 -19.63 27.79
C SER A 361 -3.64 -18.19 27.52
N ASP A 362 -4.02 -17.41 28.51
CA ASP A 362 -3.83 -15.98 28.39
C ASP A 362 -2.33 -15.70 28.36
N GLU A 363 -1.59 -16.47 29.15
CA GLU A 363 -0.14 -16.24 29.19
C GLU A 363 0.42 -16.45 27.79
N GLN A 364 0.01 -17.54 27.14
CA GLN A 364 0.53 -17.83 25.80
C GLN A 364 0.14 -16.68 24.87
N THR A 365 -1.10 -16.22 25.00
CA THR A 365 -1.48 -15.12 24.11
C THR A 365 -0.69 -13.85 24.44
N LYS A 366 -0.49 -13.64 25.73
CA LYS A 366 0.26 -12.45 26.06
C LYS A 366 1.67 -12.51 25.48
N ALA A 367 2.25 -13.69 25.58
CA ALA A 367 3.59 -13.79 25.06
C ALA A 367 3.55 -13.57 23.56
N GLU A 368 2.55 -14.08 22.85
CA GLU A 368 2.55 -13.80 21.41
C GLU A 368 2.44 -12.31 21.20
N ILE A 369 1.58 -11.64 21.95
CA ILE A 369 1.45 -10.22 21.71
C ILE A 369 2.71 -9.44 22.06
N MET A 370 3.42 -9.85 23.11
CA MET A 370 4.62 -9.08 23.43
C MET A 370 5.61 -9.14 22.26
N GLN A 371 5.67 -10.29 21.58
CA GLN A 371 6.59 -10.41 20.46
C GLN A 371 6.20 -9.44 19.36
N VAL A 372 4.91 -9.29 19.11
CA VAL A 372 4.52 -8.34 18.07
C VAL A 372 4.85 -6.90 18.49
N LEU A 373 4.47 -6.52 19.72
CA LEU A 373 4.73 -5.13 20.10
C LEU A 373 6.21 -4.73 20.02
N ARG A 374 7.05 -5.66 20.43
CA ARG A 374 8.51 -5.48 20.42
C ARG A 374 8.95 -5.32 18.99
N LYS A 375 8.29 -6.05 18.09
CA LYS A 375 8.68 -5.89 16.70
C LYS A 375 8.19 -4.55 16.21
N MET A 376 7.09 -4.08 16.78
CA MET A 376 6.55 -2.82 16.32
C MET A 376 7.30 -1.62 16.85
N PHE A 377 7.85 -1.75 18.05
CA PHE A 377 8.49 -0.60 18.67
C PHE A 377 9.91 -0.95 19.07
N PRO A 378 10.67 -1.32 18.05
CA PRO A 378 12.05 -1.74 18.25
C PRO A 378 12.85 -0.65 18.98
N GLY A 379 12.50 0.61 18.76
CA GLY A 379 13.28 1.60 19.46
C GLY A 379 12.99 1.71 20.95
N LYS A 380 11.94 1.06 21.45
CA LYS A 380 11.62 1.23 22.86
C LYS A 380 11.97 0.08 23.79
N ASP A 381 11.91 0.33 25.09
CA ASP A 381 12.16 -0.80 25.99
C ASP A 381 10.69 -1.10 26.26
N VAL A 382 10.17 -2.17 25.68
CA VAL A 382 8.76 -2.42 25.86
C VAL A 382 8.57 -3.31 27.05
N PRO A 383 7.87 -2.83 28.08
CA PRO A 383 7.67 -3.66 29.26
C PRO A 383 6.62 -4.70 28.93
N ASP A 384 6.75 -5.85 29.53
CA ASP A 384 5.82 -6.94 29.39
C ASP A 384 4.47 -6.47 29.96
N ALA A 385 3.35 -6.89 29.40
CA ALA A 385 2.11 -6.40 29.97
C ALA A 385 1.94 -7.03 31.33
N THR A 386 1.39 -6.22 32.23
CA THR A 386 1.09 -6.54 33.61
C THR A 386 -0.20 -7.35 33.74
N ASP A 387 -1.13 -7.08 32.83
CA ASP A 387 -2.37 -7.82 32.86
C ASP A 387 -2.95 -7.95 31.46
N ILE A 388 -3.75 -8.98 31.23
CA ILE A 388 -4.36 -9.16 29.91
C ILE A 388 -5.76 -9.72 30.07
N LEU A 389 -6.62 -9.38 29.14
CA LEU A 389 -7.97 -9.88 29.32
C LEU A 389 -8.37 -10.39 27.95
N VAL A 390 -8.68 -11.67 27.92
CA VAL A 390 -9.06 -12.30 26.65
C VAL A 390 -10.50 -12.78 26.75
N PRO A 391 -11.45 -12.03 26.20
CA PRO A 391 -12.86 -12.43 26.22
C PRO A 391 -13.04 -13.76 25.43
N ARG A 392 -13.76 -14.73 25.96
CA ARG A 392 -13.99 -16.02 25.28
C ARG A 392 -15.44 -16.26 24.88
N TRP A 393 -15.94 -15.38 24.02
CA TRP A 393 -17.35 -15.47 23.63
C TRP A 393 -17.76 -16.76 22.87
N TRP A 394 -16.87 -17.23 22.00
CA TRP A 394 -17.18 -18.41 21.19
C TRP A 394 -17.21 -19.61 22.10
N SER A 395 -16.34 -19.58 23.12
CA SER A 395 -16.39 -20.72 24.01
C SER A 395 -17.57 -20.66 24.97
N ASP A 396 -18.18 -19.50 25.15
CA ASP A 396 -19.24 -19.39 26.14
C ASP A 396 -20.51 -19.97 25.53
N ARG A 397 -21.00 -21.00 26.19
CA ARG A 397 -22.19 -21.68 25.70
C ARG A 397 -23.39 -20.79 25.60
N PHE A 398 -23.42 -19.64 26.27
CA PHE A 398 -24.60 -18.78 26.17
C PHE A 398 -24.50 -17.79 25.01
N TYR A 399 -23.41 -17.85 24.25
CA TYR A 399 -23.21 -16.91 23.14
C TYR A 399 -22.66 -17.60 21.91
N LYS A 400 -21.63 -18.42 22.09
CA LYS A 400 -21.07 -19.18 20.98
C LYS A 400 -20.69 -18.24 19.85
N GLY A 401 -20.28 -17.02 20.18
CA GLY A 401 -19.87 -16.08 19.14
C GLY A 401 -20.17 -14.65 19.59
N THR A 402 -19.99 -13.68 18.71
CA THR A 402 -20.22 -12.27 19.09
C THR A 402 -21.26 -11.62 18.21
N PHE A 403 -21.37 -11.96 16.94
CA PHE A 403 -22.47 -11.36 16.17
C PHE A 403 -22.62 -12.01 14.82
N SER A 404 -23.83 -12.01 14.26
CA SER A 404 -23.93 -12.71 12.99
C SER A 404 -23.21 -11.96 11.87
N ASN A 405 -23.03 -12.66 10.76
CA ASN A 405 -22.47 -12.03 9.56
C ASN A 405 -23.14 -12.75 8.39
N TRP A 406 -23.43 -12.02 7.31
CA TRP A 406 -24.21 -12.55 6.20
C TRP A 406 -23.29 -13.13 5.12
N PRO A 407 -23.36 -14.44 4.91
CA PRO A 407 -22.46 -15.09 3.97
C PRO A 407 -22.99 -15.19 2.56
N VAL A 408 -22.05 -15.24 1.60
CA VAL A 408 -22.43 -15.34 0.18
C VAL A 408 -23.13 -16.68 0.07
N GLY A 409 -24.23 -16.74 -0.66
CA GLY A 409 -24.96 -18.00 -0.70
C GLY A 409 -26.34 -17.85 -0.09
N VAL A 410 -26.51 -17.03 0.95
CA VAL A 410 -27.83 -16.87 1.59
C VAL A 410 -28.57 -15.68 1.02
N ASN A 411 -29.79 -15.82 0.53
CA ASN A 411 -30.41 -14.62 0.01
C ASN A 411 -31.35 -14.09 1.06
N ARG A 412 -32.04 -13.04 0.63
CA ARG A 412 -32.92 -12.37 1.58
C ARG A 412 -34.04 -13.27 2.11
N TYR A 413 -34.58 -14.05 1.21
CA TYR A 413 -35.64 -14.96 1.60
C TYR A 413 -35.14 -15.94 2.63
N GLU A 414 -33.97 -16.49 2.38
CA GLU A 414 -33.53 -17.45 3.38
C GLU A 414 -33.16 -16.75 4.66
N TYR A 415 -32.67 -15.51 4.55
CA TYR A 415 -32.34 -14.83 5.80
C TYR A 415 -33.63 -14.58 6.60
N ASP A 416 -34.67 -14.16 5.90
CA ASP A 416 -35.92 -13.91 6.59
C ASP A 416 -36.43 -15.18 7.27
N GLN A 417 -36.15 -16.37 6.74
CA GLN A 417 -36.63 -17.56 7.44
C GLN A 417 -36.12 -17.64 8.87
N LEU A 418 -35.07 -16.89 9.15
CA LEU A 418 -34.50 -16.92 10.49
C LEU A 418 -35.45 -16.27 11.46
N ARG A 419 -36.17 -15.27 10.95
CA ARG A 419 -37.10 -14.51 11.75
C ARG A 419 -38.42 -15.24 11.92
N ALA A 420 -38.70 -16.14 10.99
CA ALA A 420 -39.99 -16.80 10.97
C ALA A 420 -40.30 -17.66 12.18
N PRO A 421 -41.48 -17.50 12.77
CA PRO A 421 -41.80 -18.32 13.93
C PRO A 421 -42.08 -19.73 13.46
N VAL A 422 -42.17 -20.63 14.42
CA VAL A 422 -42.53 -22.02 14.15
C VAL A 422 -43.73 -22.30 15.08
N GLY A 423 -44.95 -22.27 14.54
CA GLY A 423 -46.11 -22.50 15.41
C GLY A 423 -46.12 -21.31 16.39
N ARG A 424 -46.05 -21.66 17.66
CA ARG A 424 -46.07 -20.67 18.72
C ARG A 424 -44.66 -20.28 19.18
N VAL A 425 -43.63 -20.77 18.51
CA VAL A 425 -42.23 -20.45 18.87
C VAL A 425 -41.79 -19.29 18.00
N TYR A 426 -41.60 -18.15 18.67
CA TYR A 426 -41.18 -16.94 17.98
C TYR A 426 -39.69 -16.71 18.19
N PHE A 427 -39.05 -16.00 17.26
CA PHE A 427 -37.61 -15.71 17.40
C PHE A 427 -37.33 -14.23 17.34
N THR A 428 -36.29 -13.81 18.05
CA THR A 428 -35.91 -12.39 17.97
C THR A 428 -34.42 -12.35 18.19
N GLY A 429 -33.82 -11.15 18.11
CA GLY A 429 -32.37 -11.00 18.27
C GLY A 429 -31.70 -10.39 17.04
N GLU A 430 -30.44 -9.98 17.20
CA GLU A 430 -29.78 -9.32 16.08
C GLU A 430 -29.79 -10.09 14.77
N HIS A 431 -29.71 -11.43 14.82
CA HIS A 431 -29.70 -12.23 13.58
C HIS A 431 -31.07 -12.23 12.94
N THR A 432 -32.08 -11.60 13.57
CA THR A 432 -33.40 -11.54 12.91
C THR A 432 -33.70 -10.11 12.48
N SER A 433 -32.76 -9.18 12.71
CA SER A 433 -33.00 -7.80 12.30
C SER A 433 -33.10 -7.68 10.78
N GLU A 434 -34.20 -7.13 10.31
CA GLU A 434 -34.33 -7.04 8.87
C GLU A 434 -33.18 -6.36 8.16
N HIS A 435 -32.69 -5.24 8.67
CA HIS A 435 -31.59 -4.63 7.92
C HIS A 435 -30.42 -4.25 8.76
N TYR A 436 -30.47 -4.63 10.03
CA TYR A 436 -29.34 -4.23 10.86
C TYR A 436 -28.77 -5.44 11.58
N ASN A 437 -28.69 -6.59 10.92
CA ASN A 437 -28.07 -7.68 11.66
C ASN A 437 -26.66 -7.31 12.05
N GLY A 438 -26.27 -7.80 13.23
CA GLY A 438 -24.94 -7.60 13.78
C GLY A 438 -24.77 -6.42 14.71
N TYR A 439 -25.79 -5.61 14.98
CA TYR A 439 -25.61 -4.40 15.80
C TYR A 439 -26.51 -4.28 17.03
N VAL A 440 -26.14 -3.38 17.94
CA VAL A 440 -26.97 -3.12 19.11
C VAL A 440 -28.33 -2.55 18.65
N HIS A 441 -28.31 -1.63 17.69
CA HIS A 441 -29.59 -1.11 17.26
C HIS A 441 -30.39 -2.20 16.54
N GLY A 442 -29.74 -3.15 15.88
CA GLY A 442 -30.48 -4.23 15.22
C GLY A 442 -31.12 -5.11 16.30
N ALA A 443 -30.41 -5.43 17.38
CA ALA A 443 -31.05 -6.26 18.42
C ALA A 443 -32.29 -5.51 18.95
N TYR A 444 -32.12 -4.21 19.18
CA TYR A 444 -33.20 -3.37 19.71
C TYR A 444 -34.44 -3.38 18.81
N LEU A 445 -34.25 -3.02 17.56
CA LEU A 445 -35.40 -3.02 16.67
C LEU A 445 -35.94 -4.42 16.44
N SER A 446 -35.07 -5.42 16.53
CA SER A 446 -35.53 -6.79 16.28
C SER A 446 -36.52 -7.19 17.37
N GLY A 447 -36.31 -6.74 18.60
CA GLY A 447 -37.20 -7.10 19.70
C GLY A 447 -38.56 -6.48 19.41
N ILE A 448 -38.57 -5.24 18.94
CA ILE A 448 -39.85 -4.59 18.69
C ILE A 448 -40.59 -5.28 17.56
N ASP A 449 -39.86 -5.56 16.49
CA ASP A 449 -40.53 -6.22 15.37
C ASP A 449 -41.06 -7.60 15.72
N SER A 450 -40.21 -8.41 16.34
CA SER A 450 -40.63 -9.77 16.68
C SER A 450 -41.87 -9.67 17.57
N ALA A 451 -41.86 -8.74 18.52
CA ALA A 451 -42.98 -8.59 19.44
C ALA A 451 -44.22 -8.22 18.64
N GLU A 452 -44.04 -7.29 17.72
CA GLU A 452 -45.21 -6.93 16.95
C GLU A 452 -45.79 -8.10 16.14
N ILE A 453 -44.89 -8.92 15.66
CA ILE A 453 -45.41 -10.03 14.89
C ILE A 453 -46.21 -10.93 15.81
N LEU A 454 -45.73 -11.19 17.03
CA LEU A 454 -46.47 -12.07 17.92
C LEU A 454 -47.79 -11.42 18.33
N ILE A 455 -47.75 -10.10 18.55
CA ILE A 455 -48.95 -9.34 18.96
C ILE A 455 -50.05 -9.43 17.89
N ASN A 456 -49.68 -9.19 16.64
CA ASN A 456 -50.75 -9.35 15.67
C ASN A 456 -51.29 -10.76 15.57
N CYS A 457 -50.41 -11.73 15.73
CA CYS A 457 -50.93 -13.08 15.57
C CYS A 457 -51.78 -13.37 16.79
N ALA A 458 -51.19 -13.19 17.96
CA ALA A 458 -51.88 -13.54 19.20
C ALA A 458 -53.10 -12.67 19.48
N GLN A 459 -52.91 -11.37 19.38
CA GLN A 459 -54.07 -10.57 19.71
C GLN A 459 -55.04 -10.37 18.54
N LYS A 460 -54.63 -10.12 17.31
CA LYS A 460 -55.63 -9.94 16.26
C LYS A 460 -55.88 -11.16 15.40
N LYS A 461 -55.21 -12.25 15.72
CA LYS A 461 -55.40 -13.46 14.93
C LYS A 461 -54.99 -13.18 13.51
N MET A 462 -54.09 -12.24 13.37
CA MET A 462 -53.61 -12.04 12.03
C MET A 462 -52.14 -12.45 12.02
N CYS A 463 -51.88 -13.69 11.63
CA CYS A 463 -50.53 -14.26 11.54
C CYS A 463 -49.95 -14.35 10.10
N PRO B 5 -10.59 -24.43 -42.74
CA PRO B 5 -10.69 -23.34 -41.74
C PRO B 5 -9.36 -23.30 -41.06
N ARG B 6 -8.91 -22.10 -40.73
CA ARG B 6 -7.63 -22.01 -40.05
C ARG B 6 -8.04 -21.70 -38.63
N VAL B 7 -7.36 -22.37 -37.71
CA VAL B 7 -7.66 -22.13 -36.30
C VAL B 7 -6.37 -21.89 -35.50
N ILE B 8 -6.39 -20.85 -34.68
CA ILE B 8 -5.24 -20.62 -33.81
C ILE B 8 -5.67 -21.10 -32.42
N VAL B 9 -4.77 -21.87 -31.80
CA VAL B 9 -4.99 -22.38 -30.45
C VAL B 9 -3.95 -21.68 -29.58
N VAL B 10 -4.42 -20.99 -28.54
CA VAL B 10 -3.48 -20.31 -27.63
C VAL B 10 -3.14 -21.25 -26.46
N GLY B 11 -1.88 -21.62 -26.33
CA GLY B 11 -1.43 -22.47 -25.23
C GLY B 11 -1.29 -23.93 -25.65
N ALA B 12 -0.19 -24.58 -25.27
CA ALA B 12 0.03 -26.00 -25.55
C ALA B 12 0.11 -26.88 -24.30
N GLY B 13 -0.81 -26.63 -23.38
CA GLY B 13 -0.95 -27.42 -22.17
C GLY B 13 -1.79 -28.59 -22.68
N MET B 14 -2.33 -29.35 -21.75
CA MET B 14 -3.12 -30.52 -22.08
C MET B 14 -4.36 -30.19 -22.93
N SER B 15 -5.11 -29.17 -22.53
CA SER B 15 -6.36 -28.89 -23.25
C SER B 15 -6.06 -28.35 -24.64
N GLY B 16 -5.07 -27.48 -24.77
CA GLY B 16 -4.80 -26.94 -26.10
C GLY B 16 -4.28 -28.05 -27.03
N ILE B 17 -3.38 -28.88 -26.52
CA ILE B 17 -2.88 -29.92 -27.40
C ILE B 17 -4.03 -30.88 -27.65
N SER B 18 -4.84 -31.10 -26.64
CA SER B 18 -5.96 -32.01 -26.82
C SER B 18 -6.96 -31.46 -27.85
N ALA B 19 -7.22 -30.16 -27.81
CA ALA B 19 -8.18 -29.56 -28.74
C ALA B 19 -7.66 -29.60 -30.16
N ALA B 20 -6.39 -29.26 -30.33
CA ALA B 20 -5.85 -29.25 -31.67
C ALA B 20 -5.90 -30.66 -32.21
N LYS B 21 -5.70 -31.64 -31.32
CA LYS B 21 -5.73 -33.03 -31.78
C LYS B 21 -7.10 -33.40 -32.35
N ARG B 22 -8.13 -33.00 -31.62
CA ARG B 22 -9.48 -33.32 -32.02
C ARG B 22 -9.81 -32.64 -33.33
N LEU B 23 -9.29 -31.42 -33.48
CA LEU B 23 -9.56 -30.64 -34.70
C LEU B 23 -8.88 -31.36 -35.84
N SER B 24 -7.65 -31.78 -35.59
CA SER B 24 -6.93 -32.48 -36.65
C SER B 24 -7.77 -33.65 -37.06
N GLU B 25 -8.27 -34.39 -36.08
CA GLU B 25 -9.11 -35.55 -36.35
C GLU B 25 -10.32 -35.26 -37.23
N ALA B 26 -10.93 -34.10 -37.07
CA ALA B 26 -12.10 -33.75 -37.90
C ALA B 26 -11.62 -33.20 -39.22
N GLY B 27 -10.33 -33.35 -39.49
CA GLY B 27 -9.81 -32.82 -40.74
C GLY B 27 -9.42 -31.35 -40.71
N ILE B 28 -9.44 -30.68 -39.56
CA ILE B 28 -9.05 -29.28 -39.54
C ILE B 28 -7.57 -29.26 -39.17
N THR B 29 -6.75 -29.23 -40.22
CA THR B 29 -5.34 -29.32 -40.03
C THR B 29 -4.57 -28.03 -40.23
N ASP B 30 -5.29 -27.00 -40.66
CA ASP B 30 -4.68 -25.67 -40.84
C ASP B 30 -4.72 -25.01 -39.46
N LEU B 31 -3.81 -25.48 -38.63
CA LEU B 31 -3.68 -25.11 -37.23
C LEU B 31 -2.42 -24.33 -36.90
N LEU B 32 -2.51 -23.47 -35.89
CA LEU B 32 -1.31 -22.76 -35.43
C LEU B 32 -1.43 -22.74 -33.91
N ILE B 33 -0.55 -23.47 -33.25
CA ILE B 33 -0.53 -23.53 -31.79
C ILE B 33 0.57 -22.63 -31.28
N LEU B 34 0.12 -21.61 -30.58
CA LEU B 34 1.02 -20.61 -29.98
C LEU B 34 1.21 -20.83 -28.48
N GLU B 35 2.42 -21.22 -28.08
CA GLU B 35 2.73 -21.51 -26.69
C GLU B 35 3.68 -20.46 -26.13
N ALA B 36 3.26 -19.91 -25.01
CA ALA B 36 4.05 -18.86 -24.38
C ALA B 36 5.44 -19.32 -23.96
N THR B 37 5.57 -20.48 -23.33
CA THR B 37 6.90 -20.87 -22.87
C THR B 37 7.67 -21.58 -23.95
N ASP B 38 8.84 -22.03 -23.54
CA ASP B 38 9.73 -22.79 -24.40
C ASP B 38 9.35 -24.25 -24.38
N HIS B 39 8.20 -24.66 -23.86
CA HIS B 39 7.89 -26.09 -23.91
C HIS B 39 6.39 -26.32 -23.91
N ILE B 40 5.93 -27.55 -24.12
CA ILE B 40 4.49 -27.80 -24.04
C ILE B 40 4.24 -28.53 -22.72
N GLY B 41 2.96 -28.70 -22.38
CA GLY B 41 2.60 -29.39 -21.15
C GLY B 41 1.99 -28.50 -20.06
N GLY B 42 2.35 -27.22 -20.04
CA GLY B 42 1.75 -26.30 -19.07
C GLY B 42 1.85 -26.73 -17.62
N ARG B 43 0.67 -26.90 -17.01
CA ARG B 43 0.64 -27.26 -15.60
C ARG B 43 1.12 -28.68 -15.31
N MET B 44 1.49 -29.43 -16.35
CA MET B 44 2.06 -30.77 -16.12
C MET B 44 3.51 -30.46 -16.48
N HIS B 45 4.37 -30.35 -15.47
CA HIS B 45 5.76 -30.02 -15.80
C HIS B 45 6.67 -30.35 -14.64
N LYS B 46 7.76 -31.00 -15.03
CA LYS B 46 8.74 -31.49 -14.06
C LYS B 46 9.94 -30.58 -13.99
N THR B 47 10.76 -30.87 -12.99
CA THR B 47 11.96 -30.08 -12.87
C THR B 47 13.00 -30.85 -12.07
N ASN B 48 14.26 -30.49 -12.25
CA ASN B 48 15.28 -31.20 -11.48
C ASN B 48 15.36 -30.72 -10.04
N PHE B 49 15.22 -31.58 -9.05
CA PHE B 49 15.40 -31.01 -7.74
C PHE B 49 16.45 -31.90 -7.13
N ALA B 50 17.57 -31.29 -6.75
CA ALA B 50 18.59 -32.08 -6.07
C ALA B 50 18.92 -33.38 -6.77
N GLY B 51 18.99 -33.35 -8.09
CA GLY B 51 19.31 -34.62 -8.71
C GLY B 51 18.16 -35.52 -9.09
N ILE B 52 16.91 -35.17 -8.77
CA ILE B 52 15.83 -36.01 -9.31
C ILE B 52 14.77 -35.15 -9.96
N ASN B 53 14.03 -35.70 -10.91
CA ASN B 53 12.98 -34.89 -11.51
C ASN B 53 11.74 -35.10 -10.66
N VAL B 54 11.15 -34.01 -10.21
CA VAL B 54 9.94 -34.06 -9.41
C VAL B 54 8.98 -33.18 -10.20
N GLU B 55 7.69 -33.35 -9.93
CA GLU B 55 6.65 -32.62 -10.62
C GLU B 55 6.37 -31.31 -9.91
N LEU B 56 6.48 -30.22 -10.65
CA LEU B 56 6.17 -28.91 -10.10
C LEU B 56 4.66 -28.76 -9.96
N GLY B 57 3.93 -29.37 -10.88
CA GLY B 57 2.48 -29.29 -10.98
C GLY B 57 1.73 -30.57 -10.70
N ALA B 58 0.86 -30.98 -11.63
CA ALA B 58 0.00 -32.17 -11.41
C ALA B 58 0.90 -33.33 -11.08
N ASN B 59 0.46 -34.23 -10.20
CA ASN B 59 1.33 -35.35 -9.88
C ASN B 59 0.55 -36.66 -9.89
N TRP B 60 -0.77 -36.58 -9.78
CA TRP B 60 -1.55 -37.83 -9.77
C TRP B 60 -2.51 -38.03 -10.92
N VAL B 61 -2.81 -39.28 -11.21
CA VAL B 61 -3.91 -39.57 -12.11
C VAL B 61 -4.97 -39.83 -11.03
N GLU B 62 -5.93 -38.92 -10.94
CA GLU B 62 -6.97 -39.06 -9.92
C GLU B 62 -8.24 -39.60 -10.50
N GLY B 63 -8.75 -40.62 -9.84
CA GLY B 63 -9.99 -41.20 -10.31
C GLY B 63 -9.60 -42.42 -11.12
N VAL B 64 -9.39 -43.55 -10.43
CA VAL B 64 -9.03 -44.79 -11.10
C VAL B 64 -9.73 -45.98 -10.41
N ASN B 65 -9.94 -47.01 -11.23
CA ASN B 65 -10.56 -48.27 -10.83
C ASN B 65 -12.06 -48.15 -10.62
N GLY B 66 -12.73 -47.16 -11.20
CA GLY B 66 -14.16 -47.02 -10.96
C GLY B 66 -14.96 -47.54 -12.14
N GLY B 67 -16.23 -47.18 -12.17
CA GLY B 67 -17.16 -47.62 -13.20
C GLY B 67 -16.80 -47.16 -14.59
N LYS B 68 -16.03 -46.10 -14.75
CA LYS B 68 -15.73 -45.69 -16.13
C LYS B 68 -14.24 -45.45 -16.12
N MET B 69 -13.64 -45.57 -17.29
CA MET B 69 -12.20 -45.39 -17.43
C MET B 69 -11.75 -43.93 -17.58
N ASN B 70 -10.97 -43.44 -16.62
CA ASN B 70 -10.45 -42.08 -16.76
C ASN B 70 -9.58 -42.17 -18.02
N PRO B 71 -9.86 -41.33 -18.99
CA PRO B 71 -9.11 -41.40 -20.24
C PRO B 71 -7.63 -41.19 -20.07
N ILE B 72 -7.21 -40.56 -18.97
CA ILE B 72 -5.78 -40.37 -18.82
C ILE B 72 -5.09 -41.67 -18.36
N TRP B 73 -5.82 -42.54 -17.67
CA TRP B 73 -5.17 -43.75 -17.15
C TRP B 73 -4.43 -44.72 -18.09
N PRO B 74 -5.09 -45.11 -19.16
CA PRO B 74 -4.48 -46.02 -20.10
C PRO B 74 -3.22 -45.43 -20.70
N ILE B 75 -3.27 -44.13 -20.99
CA ILE B 75 -2.07 -43.57 -21.62
C ILE B 75 -0.90 -43.61 -20.67
N VAL B 76 -1.22 -43.32 -19.42
CA VAL B 76 -0.18 -43.30 -18.43
C VAL B 76 0.26 -44.72 -18.08
N ASN B 77 -0.73 -45.51 -17.71
CA ASN B 77 -0.40 -46.83 -17.21
C ASN B 77 -0.13 -47.91 -18.24
N SER B 78 -0.44 -47.67 -19.50
CA SER B 78 -0.23 -48.68 -20.51
C SER B 78 0.48 -48.13 -21.71
N THR B 79 -0.08 -47.11 -22.35
CA THR B 79 0.61 -46.70 -23.55
C THR B 79 2.04 -46.28 -23.27
N LEU B 80 2.18 -45.47 -22.23
CA LEU B 80 3.51 -44.99 -21.95
C LEU B 80 4.20 -45.76 -20.86
N LYS B 81 3.42 -46.45 -20.03
CA LYS B 81 4.11 -47.12 -18.94
C LYS B 81 4.87 -46.12 -18.05
N LEU B 82 4.24 -45.02 -17.61
CA LEU B 82 4.96 -44.10 -16.72
C LEU B 82 5.00 -44.78 -15.34
N ARG B 83 6.14 -44.72 -14.66
CA ARG B 83 6.26 -45.38 -13.36
C ARG B 83 5.25 -44.73 -12.41
N ASN B 84 4.54 -45.50 -11.59
CA ASN B 84 3.57 -44.85 -10.73
C ASN B 84 3.19 -45.78 -9.59
N PHE B 85 2.56 -45.23 -8.54
CA PHE B 85 2.15 -45.99 -7.38
C PHE B 85 0.81 -45.55 -6.81
N ARG B 86 -0.06 -46.48 -6.46
CA ARG B 86 -1.37 -46.16 -5.93
C ARG B 86 -1.10 -45.53 -4.58
N SER B 87 -1.75 -44.42 -4.26
CA SER B 87 -1.55 -43.81 -2.95
C SER B 87 -2.46 -44.50 -1.96
N ASP B 88 -1.94 -44.83 -0.78
CA ASP B 88 -2.83 -45.49 0.16
C ASP B 88 -3.04 -44.59 1.37
N PHE B 89 -4.25 -44.12 1.62
CA PHE B 89 -4.42 -43.24 2.77
C PHE B 89 -5.02 -43.93 3.95
N ASP B 90 -5.08 -45.26 3.94
CA ASP B 90 -5.69 -45.91 5.07
C ASP B 90 -5.03 -45.81 6.45
N TYR B 91 -3.77 -45.43 6.52
CA TYR B 91 -3.11 -45.38 7.81
C TYR B 91 -2.88 -44.01 8.39
N LEU B 92 -3.65 -43.04 7.92
CA LEU B 92 -3.41 -41.70 8.42
C LEU B 92 -3.54 -41.56 9.94
N ALA B 93 -4.51 -42.27 10.49
CA ALA B 93 -4.73 -42.16 11.94
C ALA B 93 -3.49 -42.48 12.76
N GLN B 94 -2.55 -43.21 12.17
CA GLN B 94 -1.34 -43.55 12.92
C GLN B 94 -0.28 -42.49 12.64
N ASN B 95 -0.66 -41.50 11.85
CA ASN B 95 0.38 -40.56 11.46
C ASN B 95 0.03 -39.10 11.64
N VAL B 96 -0.65 -38.75 12.72
CA VAL B 96 -0.95 -37.32 12.89
C VAL B 96 -0.10 -36.79 14.01
N TYR B 97 0.75 -35.83 13.71
CA TYR B 97 1.66 -35.35 14.77
C TYR B 97 1.09 -34.22 15.59
N LYS B 98 1.41 -34.20 16.87
CA LYS B 98 0.95 -33.16 17.76
C LYS B 98 1.76 -31.91 17.50
N GLU B 99 1.20 -30.73 17.72
CA GLU B 99 1.97 -29.53 17.48
C GLU B 99 3.31 -29.57 18.21
N ASP B 100 3.30 -30.18 19.40
CA ASP B 100 4.43 -30.38 20.28
C ASP B 100 5.14 -31.74 20.43
N GLY B 101 5.22 -32.46 19.31
CA GLY B 101 5.90 -33.74 19.28
C GLY B 101 5.12 -35.02 19.53
N GLY B 102 5.46 -35.99 18.70
CA GLY B 102 4.86 -37.30 18.77
C GLY B 102 3.50 -37.31 18.12
N VAL B 103 3.04 -38.51 17.80
CA VAL B 103 1.73 -38.62 17.17
C VAL B 103 0.65 -38.83 18.19
N TYR B 104 -0.58 -38.55 17.78
CA TYR B 104 -1.72 -38.74 18.64
C TYR B 104 -2.06 -40.23 18.65
N ASP B 105 -2.85 -40.67 19.63
CA ASP B 105 -3.28 -42.05 19.71
C ASP B 105 -4.11 -42.30 18.47
N GLU B 106 -3.80 -43.42 17.83
CA GLU B 106 -4.48 -43.80 16.60
C GLU B 106 -5.99 -43.92 16.70
N ASP B 107 -6.46 -44.57 17.76
CA ASP B 107 -7.90 -44.77 17.87
C ASP B 107 -8.61 -43.43 18.04
N TYR B 108 -7.96 -42.53 18.78
CA TYR B 108 -8.56 -41.23 18.96
C TYR B 108 -8.66 -40.62 17.55
N VAL B 109 -7.56 -40.65 16.80
CA VAL B 109 -7.59 -40.03 15.47
C VAL B 109 -8.56 -40.73 14.52
N GLN B 110 -8.58 -42.05 14.51
CA GLN B 110 -9.49 -42.72 13.59
C GLN B 110 -10.94 -42.29 13.86
N LYS B 111 -11.27 -42.07 15.11
CA LYS B 111 -12.63 -41.62 15.37
C LYS B 111 -12.93 -40.26 14.74
N ARG B 112 -11.97 -39.35 14.89
CA ARG B 112 -12.20 -38.01 14.35
C ARG B 112 -12.34 -38.13 12.84
N ILE B 113 -11.57 -39.00 12.21
CA ILE B 113 -11.66 -39.15 10.77
C ILE B 113 -12.98 -39.77 10.37
N GLU B 114 -13.40 -40.71 11.19
CA GLU B 114 -14.64 -41.36 10.83
C GLU B 114 -15.74 -40.33 10.98
N LEU B 115 -15.64 -39.51 11.99
CA LEU B 115 -16.74 -38.55 12.08
C LEU B 115 -16.74 -37.59 10.89
N ALA B 116 -15.55 -37.19 10.46
CA ALA B 116 -15.48 -36.22 9.38
C ALA B 116 -16.06 -36.84 8.13
N ASP B 117 -15.75 -38.11 7.96
CA ASP B 117 -16.27 -38.76 6.76
C ASP B 117 -17.80 -38.87 6.84
N SER B 118 -18.35 -39.14 8.01
CA SER B 118 -19.81 -39.29 8.07
C SER B 118 -20.54 -38.01 7.69
N VAL B 119 -20.01 -36.89 8.18
CA VAL B 119 -20.59 -35.58 7.89
C VAL B 119 -20.51 -35.41 6.39
N GLU B 120 -19.35 -35.75 5.84
CA GLU B 120 -19.33 -35.54 4.40
C GLU B 120 -20.34 -36.41 3.66
N GLU B 121 -20.52 -37.64 4.10
CA GLU B 121 -21.50 -38.48 3.40
C GLU B 121 -22.88 -37.86 3.56
N MET B 122 -23.18 -37.38 4.77
CA MET B 122 -24.49 -36.75 4.91
C MET B 122 -24.50 -35.61 3.91
N GLY B 123 -23.34 -34.99 3.71
CA GLY B 123 -23.36 -33.89 2.75
C GLY B 123 -23.65 -34.33 1.31
N GLU B 124 -23.16 -35.50 0.94
CA GLU B 124 -23.45 -35.89 -0.42
C GLU B 124 -24.96 -36.11 -0.57
N LYS B 125 -25.64 -36.60 0.46
CA LYS B 125 -27.07 -36.80 0.24
C LYS B 125 -27.81 -35.48 0.04
N LEU B 126 -27.37 -34.46 0.74
CA LEU B 126 -28.05 -33.17 0.68
C LEU B 126 -27.81 -32.57 -0.68
N SER B 127 -26.55 -32.69 -1.07
CA SER B 127 -26.16 -32.17 -2.37
C SER B 127 -27.01 -32.66 -3.57
N ALA B 128 -27.32 -33.96 -3.56
CA ALA B 128 -28.08 -34.55 -4.66
C ALA B 128 -29.44 -33.91 -4.78
N THR B 129 -29.97 -33.41 -3.66
CA THR B 129 -31.33 -32.86 -3.73
C THR B 129 -31.38 -31.39 -4.13
N LEU B 130 -30.26 -30.70 -4.09
CA LEU B 130 -30.30 -29.27 -4.39
C LEU B 130 -30.70 -28.95 -5.82
N HIS B 131 -31.35 -27.81 -5.96
CA HIS B 131 -31.86 -27.40 -7.25
C HIS B 131 -30.69 -27.29 -8.22
N ALA B 132 -30.92 -27.84 -9.40
CA ALA B 132 -29.88 -27.88 -10.41
C ALA B 132 -29.41 -26.49 -10.80
N SER B 133 -30.19 -25.45 -10.57
CA SER B 133 -29.67 -24.13 -10.96
C SER B 133 -28.46 -23.75 -10.07
N GLY B 134 -28.28 -24.37 -8.92
CA GLY B 134 -27.17 -23.96 -8.04
C GLY B 134 -27.70 -22.86 -7.13
N ARG B 135 -28.91 -22.44 -7.38
CA ARG B 135 -29.43 -21.42 -6.49
C ARG B 135 -29.57 -21.76 -5.00
N ASP B 136 -29.65 -23.04 -4.64
CA ASP B 136 -29.77 -23.35 -3.20
C ASP B 136 -28.39 -23.79 -2.73
N ASP B 137 -27.30 -23.52 -3.45
CA ASP B 137 -26.04 -24.09 -3.00
C ASP B 137 -25.60 -23.50 -1.68
N MET B 138 -24.64 -24.12 -0.99
CA MET B 138 -24.11 -23.58 0.27
C MET B 138 -22.65 -24.06 0.32
N SER B 139 -21.83 -23.50 1.21
CA SER B 139 -20.42 -23.90 1.26
C SER B 139 -20.36 -25.25 1.95
N ILE B 140 -19.21 -25.90 1.78
CA ILE B 140 -19.05 -27.19 2.45
C ILE B 140 -19.14 -26.89 3.94
N LEU B 141 -18.62 -25.73 4.34
CA LEU B 141 -18.65 -25.43 5.78
C LEU B 141 -20.07 -25.34 6.33
N ALA B 142 -20.96 -24.70 5.57
CA ALA B 142 -22.34 -24.58 6.06
C ALA B 142 -22.88 -26.01 6.29
N MET B 143 -22.63 -26.90 5.33
CA MET B 143 -23.07 -28.30 5.46
C MET B 143 -22.43 -28.91 6.70
N GLN B 144 -21.16 -28.62 6.97
CA GLN B 144 -20.58 -29.18 8.19
C GLN B 144 -21.33 -28.71 9.43
N ARG B 145 -21.57 -27.41 9.54
CA ARG B 145 -22.25 -26.89 10.74
C ARG B 145 -23.62 -27.58 10.93
N LEU B 146 -24.31 -27.72 9.81
CA LEU B 146 -25.65 -28.31 9.79
C LEU B 146 -25.61 -29.71 10.35
N ASN B 147 -24.63 -30.48 9.89
CA ASN B 147 -24.56 -31.85 10.36
C ASN B 147 -23.85 -31.99 11.65
N GLU B 148 -23.04 -31.03 12.03
CA GLU B 148 -22.45 -31.30 13.32
C GLU B 148 -23.25 -30.52 14.36
N HIS B 149 -24.14 -29.64 13.93
CA HIS B 149 -24.86 -28.82 14.90
C HIS B 149 -23.89 -28.08 15.75
N GLN B 150 -23.07 -27.25 15.12
CA GLN B 150 -22.14 -26.43 15.88
C GLN B 150 -22.09 -25.14 15.10
N PRO B 151 -21.69 -24.05 15.73
CA PRO B 151 -21.63 -22.77 15.01
C PRO B 151 -20.28 -22.66 14.33
N ASN B 152 -19.58 -23.77 14.14
CA ASN B 152 -18.31 -23.67 13.44
C ASN B 152 -18.03 -25.07 12.91
N GLY B 153 -17.10 -25.15 11.97
CA GLY B 153 -16.69 -26.46 11.47
C GLY B 153 -15.54 -26.95 12.35
N PRO B 154 -14.78 -27.94 11.87
CA PRO B 154 -13.66 -28.50 12.64
C PRO B 154 -12.85 -27.36 13.26
N ALA B 155 -12.53 -27.39 14.55
CA ALA B 155 -11.79 -26.25 15.08
C ALA B 155 -10.64 -26.56 16.04
N THR B 156 -10.41 -27.83 16.33
CA THR B 156 -9.30 -28.20 17.22
C THR B 156 -8.18 -28.60 16.25
N PRO B 157 -6.95 -28.58 16.72
CA PRO B 157 -5.84 -28.89 15.85
C PRO B 157 -6.01 -30.16 15.03
N VAL B 158 -6.38 -31.25 15.68
CA VAL B 158 -6.54 -32.50 14.94
C VAL B 158 -7.70 -32.47 13.94
N ASP B 159 -8.88 -32.02 14.36
CA ASP B 159 -9.98 -32.01 13.38
C ASP B 159 -9.73 -31.05 12.25
N MET B 160 -9.04 -29.95 12.54
CA MET B 160 -8.72 -29.00 11.47
C MET B 160 -7.69 -29.62 10.49
N VAL B 161 -6.64 -30.31 10.93
CA VAL B 161 -5.78 -30.81 9.86
C VAL B 161 -6.44 -31.97 9.14
N VAL B 162 -7.32 -32.69 9.83
CA VAL B 162 -8.05 -33.73 9.10
C VAL B 162 -8.96 -33.12 8.02
N ASP B 163 -9.55 -31.97 8.36
CA ASP B 163 -10.44 -31.26 7.42
C ASP B 163 -9.61 -30.77 6.23
N TYR B 164 -8.46 -30.18 6.55
CA TYR B 164 -7.61 -29.62 5.49
C TYR B 164 -7.16 -30.74 4.55
N TYR B 165 -6.85 -31.86 5.19
CA TYR B 165 -6.43 -33.00 4.40
C TYR B 165 -7.58 -33.45 3.50
N LYS B 166 -8.78 -33.44 4.07
CA LYS B 166 -9.92 -33.90 3.28
C LYS B 166 -10.32 -32.96 2.19
N PHE B 167 -10.23 -31.67 2.47
CA PHE B 167 -10.72 -30.72 1.50
C PHE B 167 -9.70 -29.82 0.81
N ASP B 168 -9.01 -29.01 1.61
CA ASP B 168 -8.01 -28.09 1.04
C ASP B 168 -6.94 -28.83 0.25
N TYR B 169 -6.56 -30.03 0.69
CA TYR B 169 -5.51 -30.74 -0.06
C TYR B 169 -6.00 -31.22 -1.41
N GLU B 170 -7.32 -31.22 -1.59
CA GLU B 170 -7.87 -31.64 -2.89
C GLU B 170 -8.22 -30.38 -3.68
N PHE B 171 -8.90 -29.44 -3.04
CA PHE B 171 -9.40 -28.26 -3.77
C PHE B 171 -8.57 -26.99 -3.69
N ALA B 172 -7.67 -26.96 -2.73
CA ALA B 172 -6.81 -25.81 -2.59
C ALA B 172 -7.41 -24.51 -2.02
N GLU B 173 -8.62 -24.56 -1.46
CA GLU B 173 -9.20 -23.39 -0.77
C GLU B 173 -10.01 -24.07 0.32
N PRO B 174 -10.41 -23.34 1.35
CA PRO B 174 -11.14 -23.95 2.46
C PRO B 174 -12.58 -24.34 2.13
N PRO B 175 -13.11 -25.28 2.92
CA PRO B 175 -14.50 -25.71 2.73
C PRO B 175 -15.38 -24.48 2.74
N ARG B 176 -15.03 -23.50 3.56
CA ARG B 176 -16.00 -22.41 3.60
C ARG B 176 -16.14 -21.58 2.35
N VAL B 177 -15.20 -21.75 1.45
CA VAL B 177 -15.35 -20.93 0.26
C VAL B 177 -15.87 -21.82 -0.86
N THR B 178 -15.80 -23.11 -0.64
CA THR B 178 -16.09 -24.04 -1.74
C THR B 178 -17.52 -24.48 -1.92
N SER B 179 -17.96 -24.60 -3.17
CA SER B 179 -19.32 -25.04 -3.46
C SER B 179 -19.56 -26.50 -3.06
N LEU B 180 -20.53 -26.73 -2.18
CA LEU B 180 -20.87 -28.11 -1.82
C LEU B 180 -21.39 -28.88 -3.05
N GLN B 181 -22.37 -28.26 -3.67
CA GLN B 181 -23.06 -28.91 -4.76
C GLN B 181 -22.12 -29.34 -5.86
N ASN B 182 -21.09 -28.53 -6.09
CA ASN B 182 -20.16 -28.92 -7.15
C ASN B 182 -18.94 -29.70 -6.73
N THR B 183 -18.84 -30.07 -5.45
CA THR B 183 -17.64 -30.84 -5.14
C THR B 183 -17.91 -32.00 -4.26
N VAL B 184 -19.11 -32.06 -3.67
CA VAL B 184 -19.33 -33.19 -2.77
C VAL B 184 -20.63 -33.86 -3.20
N PRO B 185 -20.66 -35.04 -3.82
CA PRO B 185 -19.48 -35.82 -4.12
C PRO B 185 -18.83 -35.20 -5.35
N LEU B 186 -17.63 -35.67 -5.65
CA LEU B 186 -16.86 -35.16 -6.78
C LEU B 186 -16.97 -36.16 -7.92
N ALA B 187 -17.38 -35.67 -9.08
CA ALA B 187 -17.57 -36.54 -10.25
C ALA B 187 -16.35 -37.37 -10.66
N THR B 188 -15.21 -36.72 -10.52
CA THR B 188 -13.96 -37.39 -10.88
C THR B 188 -13.95 -38.73 -10.16
N PHE B 189 -14.28 -38.71 -8.87
CA PHE B 189 -14.27 -39.94 -8.07
C PHE B 189 -15.48 -40.81 -8.32
N SER B 190 -16.66 -40.20 -8.37
CA SER B 190 -17.87 -40.96 -8.64
C SER B 190 -17.76 -41.66 -9.97
N ASP B 191 -17.32 -40.96 -10.98
CA ASP B 191 -17.28 -41.64 -12.28
C ASP B 191 -16.12 -42.60 -12.53
N PHE B 192 -14.94 -42.14 -12.15
CA PHE B 192 -13.72 -42.88 -12.45
C PHE B 192 -13.13 -43.81 -11.40
N GLY B 193 -13.58 -43.67 -10.15
CA GLY B 193 -13.03 -44.51 -9.11
C GLY B 193 -12.41 -43.68 -7.99
N ASP B 194 -12.35 -44.27 -6.80
CA ASP B 194 -11.79 -43.58 -5.66
C ASP B 194 -10.27 -43.59 -5.66
N ASP B 195 -9.62 -44.41 -6.47
CA ASP B 195 -8.19 -44.39 -6.31
C ASP B 195 -7.51 -43.27 -7.06
N VAL B 196 -6.28 -43.02 -6.57
CA VAL B 196 -5.36 -42.05 -7.16
C VAL B 196 -3.96 -42.68 -7.26
N TYR B 197 -3.28 -42.41 -8.38
CA TYR B 197 -1.96 -42.98 -8.63
C TYR B 197 -1.00 -41.84 -8.87
N PHE B 198 0.07 -41.83 -8.09
CA PHE B 198 1.10 -40.79 -8.16
C PHE B 198 2.18 -41.14 -9.18
N VAL B 199 2.33 -40.28 -10.19
CA VAL B 199 3.33 -40.54 -11.21
C VAL B 199 4.72 -40.13 -10.78
N ALA B 200 5.69 -41.04 -10.82
CA ALA B 200 7.03 -40.67 -10.37
C ALA B 200 7.95 -41.27 -11.41
N ASP B 201 8.05 -40.61 -12.55
CA ASP B 201 8.82 -41.10 -13.68
C ASP B 201 9.70 -40.00 -14.25
N GLN B 202 10.96 -40.35 -14.48
CA GLN B 202 11.91 -39.34 -14.95
C GLN B 202 11.41 -38.61 -16.15
N ARG B 203 10.55 -39.27 -16.89
CA ARG B 203 10.09 -38.58 -18.09
C ARG B 203 9.04 -37.51 -17.76
N GLY B 204 8.48 -37.54 -16.56
CA GLY B 204 7.42 -36.60 -16.18
C GLY B 204 6.03 -36.98 -16.68
N TYR B 205 5.05 -36.59 -15.88
CA TYR B 205 3.62 -36.80 -16.21
C TYR B 205 3.33 -36.11 -17.55
N GLU B 206 4.10 -35.06 -17.86
CA GLU B 206 3.96 -34.28 -19.11
C GLU B 206 4.18 -35.14 -20.34
N ALA B 207 4.81 -36.30 -20.15
CA ALA B 207 4.99 -37.19 -21.30
C ALA B 207 3.62 -37.50 -21.93
N VAL B 208 2.57 -37.45 -21.12
CA VAL B 208 1.25 -37.74 -21.71
C VAL B 208 0.92 -36.69 -22.77
N VAL B 209 1.33 -35.47 -22.46
CA VAL B 209 1.02 -34.42 -23.43
C VAL B 209 1.88 -34.58 -24.69
N TYR B 210 3.17 -34.83 -24.50
CA TYR B 210 4.05 -35.00 -25.66
C TYR B 210 3.50 -36.16 -26.46
N TYR B 211 2.98 -37.17 -25.78
CA TYR B 211 2.46 -38.30 -26.56
C TYR B 211 1.30 -37.85 -27.45
N LEU B 212 0.33 -37.21 -26.84
CA LEU B 212 -0.80 -36.81 -27.65
C LEU B 212 -0.40 -35.90 -28.80
N ALA B 213 0.51 -35.00 -28.49
CA ALA B 213 0.94 -34.02 -29.47
C ALA B 213 1.56 -34.79 -30.65
N GLY B 214 2.31 -35.82 -30.30
CA GLY B 214 2.99 -36.58 -31.35
C GLY B 214 2.03 -37.34 -32.26
N GLN B 215 0.77 -37.45 -31.88
CA GLN B 215 -0.16 -38.20 -32.70
C GLN B 215 -0.54 -37.37 -33.88
N TYR B 216 -0.20 -36.10 -33.91
CA TYR B 216 -0.66 -35.39 -35.10
C TYR B 216 0.31 -34.31 -35.52
N LEU B 217 1.33 -34.08 -34.70
CA LEU B 217 2.28 -33.07 -35.10
C LEU B 217 3.53 -33.81 -35.49
N LYS B 218 4.22 -33.31 -36.50
CA LYS B 218 5.45 -33.95 -36.94
C LYS B 218 6.60 -33.94 -35.95
N THR B 219 7.29 -35.07 -35.85
CA THR B 219 8.43 -35.11 -34.95
C THR B 219 9.72 -35.63 -35.62
N ASP B 220 10.85 -35.27 -35.03
CA ASP B 220 12.16 -35.66 -35.54
C ASP B 220 12.36 -37.16 -35.39
N ASP B 221 12.72 -37.82 -36.48
CA ASP B 221 12.99 -39.25 -36.41
C ASP B 221 14.07 -39.69 -35.43
N LYS B 222 15.18 -38.97 -35.30
CA LYS B 222 16.14 -39.45 -34.32
C LYS B 222 15.89 -38.98 -32.89
N SER B 223 15.54 -37.71 -32.74
CA SER B 223 15.31 -37.13 -31.41
C SER B 223 13.86 -37.30 -31.02
N GLY B 224 12.98 -37.39 -32.01
CA GLY B 224 11.56 -37.49 -31.68
C GLY B 224 11.01 -36.13 -31.24
N LYS B 225 11.82 -35.07 -31.37
CA LYS B 225 11.39 -33.75 -30.96
C LYS B 225 10.32 -33.35 -31.93
N ILE B 226 9.35 -32.57 -31.48
CA ILE B 226 8.30 -32.17 -32.40
C ILE B 226 8.97 -31.10 -33.26
N VAL B 227 8.74 -31.17 -34.56
CA VAL B 227 9.35 -30.19 -35.45
C VAL B 227 8.32 -29.54 -36.36
N ASP B 228 7.07 -29.89 -36.15
CA ASP B 228 6.01 -29.35 -36.96
C ASP B 228 5.94 -27.83 -36.83
N PRO B 229 5.99 -27.13 -37.96
CA PRO B 229 5.94 -25.67 -37.86
C PRO B 229 4.57 -25.24 -37.37
N ARG B 230 3.58 -26.12 -37.26
CA ARG B 230 2.30 -25.67 -36.73
C ARG B 230 2.34 -25.40 -35.22
N LEU B 231 3.41 -25.84 -34.56
CA LEU B 231 3.55 -25.60 -33.14
C LEU B 231 4.59 -24.49 -33.06
N GLN B 232 4.30 -23.36 -32.40
CA GLN B 232 5.30 -22.30 -32.27
C GLN B 232 5.49 -21.94 -30.79
N LEU B 233 6.63 -22.31 -30.25
CA LEU B 233 6.87 -22.04 -28.85
C LEU B 233 7.41 -20.62 -28.64
N ASN B 234 7.48 -20.21 -27.39
CA ASN B 234 7.96 -18.86 -27.11
C ASN B 234 7.16 -17.86 -27.86
N LYS B 235 5.86 -18.08 -27.93
CA LYS B 235 5.04 -17.09 -28.62
C LYS B 235 3.96 -16.69 -27.61
N VAL B 236 4.10 -15.54 -26.97
CA VAL B 236 3.11 -15.13 -25.98
C VAL B 236 2.02 -14.30 -26.59
N VAL B 237 0.80 -14.83 -26.65
CA VAL B 237 -0.31 -14.08 -27.22
C VAL B 237 -0.68 -12.89 -26.33
N ARG B 238 -0.69 -11.70 -26.90
CA ARG B 238 -1.00 -10.54 -26.07
C ARG B 238 -2.29 -9.88 -26.52
N GLU B 239 -2.81 -10.19 -27.70
CA GLU B 239 -4.05 -9.51 -28.07
C GLU B 239 -4.82 -10.39 -29.04
N ILE B 240 -6.14 -10.42 -28.94
CA ILE B 240 -6.94 -11.22 -29.83
C ILE B 240 -8.02 -10.28 -30.34
N LYS B 241 -8.05 -10.03 -31.66
CA LYS B 241 -9.08 -9.15 -32.22
C LYS B 241 -9.98 -10.09 -32.99
N TYR B 242 -11.29 -9.90 -32.88
CA TYR B 242 -12.22 -10.83 -33.54
C TYR B 242 -13.37 -10.01 -34.09
N SER B 243 -13.88 -10.51 -35.21
CA SER B 243 -15.00 -9.91 -35.93
C SER B 243 -15.81 -11.02 -36.60
N PRO B 244 -16.92 -10.60 -37.22
CA PRO B 244 -17.84 -11.51 -37.88
C PRO B 244 -17.09 -12.26 -38.93
N GLY B 245 -16.09 -11.62 -39.49
CA GLY B 245 -15.35 -12.32 -40.53
C GLY B 245 -14.16 -13.15 -40.13
N GLY B 246 -13.55 -12.87 -38.97
CA GLY B 246 -12.40 -13.67 -38.60
C GLY B 246 -11.76 -13.15 -37.32
N VAL B 247 -10.53 -13.60 -37.07
CA VAL B 247 -9.78 -13.17 -35.88
C VAL B 247 -8.32 -12.88 -36.24
N THR B 248 -7.72 -12.01 -35.46
CA THR B 248 -6.31 -11.67 -35.63
C THR B 248 -5.71 -11.81 -34.25
N VAL B 249 -4.54 -12.44 -34.24
CA VAL B 249 -3.79 -12.71 -33.01
C VAL B 249 -2.38 -12.17 -33.06
N LYS B 250 -2.02 -11.35 -32.07
CA LYS B 250 -0.71 -10.72 -31.95
C LYS B 250 0.07 -11.23 -30.74
N THR B 251 1.36 -11.45 -30.96
CA THR B 251 2.19 -11.92 -29.88
C THR B 251 3.08 -10.79 -29.40
N GLU B 252 3.74 -11.01 -28.28
CA GLU B 252 4.63 -10.00 -27.73
C GLU B 252 5.79 -9.66 -28.65
N ASP B 253 6.26 -10.61 -29.43
CA ASP B 253 7.39 -10.32 -30.31
C ASP B 253 6.83 -9.69 -31.56
N ASN B 254 5.61 -9.21 -31.46
CA ASN B 254 5.00 -8.54 -32.62
C ASN B 254 4.55 -9.42 -33.78
N SER B 255 4.52 -10.73 -33.61
CA SER B 255 4.01 -11.52 -34.71
C SER B 255 2.50 -11.31 -34.79
N VAL B 256 1.97 -11.46 -35.99
CA VAL B 256 0.54 -11.25 -36.20
C VAL B 256 0.14 -12.40 -37.11
N TYR B 257 -0.96 -13.01 -36.73
CA TYR B 257 -1.51 -14.16 -37.41
C TYR B 257 -3.00 -13.92 -37.59
N SER B 258 -3.56 -14.60 -38.58
CA SER B 258 -4.98 -14.52 -38.92
C SER B 258 -5.55 -15.94 -39.00
N ALA B 259 -6.85 -16.10 -38.73
CA ALA B 259 -7.50 -17.41 -38.72
C ALA B 259 -9.00 -17.25 -38.78
N ASP B 260 -9.68 -18.38 -38.93
CA ASP B 260 -11.13 -18.25 -38.97
C ASP B 260 -11.67 -18.21 -37.57
N TYR B 261 -10.95 -18.88 -36.68
CA TYR B 261 -11.31 -18.99 -35.26
C TYR B 261 -10.07 -19.04 -34.37
N VAL B 262 -10.27 -18.79 -33.07
CA VAL B 262 -9.17 -18.90 -32.13
C VAL B 262 -9.76 -19.70 -30.98
N MET B 263 -8.91 -20.53 -30.37
CA MET B 263 -9.30 -21.38 -29.24
C MET B 263 -8.35 -20.95 -28.13
N VAL B 264 -8.93 -20.35 -27.09
CA VAL B 264 -8.12 -19.91 -25.96
C VAL B 264 -7.98 -20.96 -24.83
N SER B 265 -6.77 -21.42 -24.54
CA SER B 265 -6.58 -22.44 -23.51
C SER B 265 -5.86 -21.99 -22.25
N ALA B 266 -5.53 -20.72 -22.17
CA ALA B 266 -4.81 -20.18 -21.02
C ALA B 266 -5.62 -20.35 -19.74
N SER B 267 -4.95 -20.47 -18.58
CA SER B 267 -5.70 -20.70 -17.36
C SER B 267 -6.69 -19.61 -16.97
N LEU B 268 -7.54 -19.98 -16.03
CA LEU B 268 -8.52 -19.01 -15.55
C LEU B 268 -7.75 -17.83 -14.96
N GLY B 269 -6.67 -18.12 -14.26
CA GLY B 269 -5.92 -17.01 -13.64
C GLY B 269 -5.34 -16.11 -14.73
N VAL B 270 -4.96 -16.69 -15.85
CA VAL B 270 -4.44 -15.79 -16.88
C VAL B 270 -5.57 -14.90 -17.35
N LEU B 271 -6.72 -15.54 -17.55
CA LEU B 271 -7.83 -14.72 -18.02
C LEU B 271 -8.17 -13.67 -16.99
N GLN B 272 -8.04 -14.00 -15.71
CA GLN B 272 -8.39 -12.98 -14.72
C GLN B 272 -7.30 -11.90 -14.62
N SER B 273 -6.15 -12.08 -15.26
CA SER B 273 -5.06 -11.11 -15.08
C SER B 273 -4.96 -10.10 -16.22
N ASP B 274 -5.77 -10.28 -17.27
CA ASP B 274 -5.62 -9.35 -18.38
C ASP B 274 -4.32 -9.42 -19.16
N LEU B 275 -3.66 -10.57 -19.18
CA LEU B 275 -2.44 -10.63 -19.95
C LEU B 275 -2.90 -10.52 -21.41
N ILE B 276 -4.03 -11.12 -21.76
CA ILE B 276 -4.44 -11.06 -23.15
C ILE B 276 -5.50 -10.00 -23.33
N GLN B 277 -5.28 -9.08 -24.27
CA GLN B 277 -6.28 -8.05 -24.54
C GLN B 277 -7.21 -8.52 -25.65
N PHE B 278 -8.51 -8.41 -25.37
CA PHE B 278 -9.53 -8.79 -26.34
C PHE B 278 -10.06 -7.54 -27.00
N LYS B 279 -10.23 -7.59 -28.31
CA LYS B 279 -10.74 -6.42 -29.00
C LYS B 279 -11.76 -6.86 -30.07
N PRO B 280 -13.02 -6.50 -29.88
CA PRO B 280 -13.51 -5.72 -28.75
C PRO B 280 -13.45 -6.47 -27.41
N LYS B 281 -13.57 -5.66 -26.36
CA LYS B 281 -13.52 -6.16 -25.00
C LYS B 281 -14.56 -7.27 -24.85
N LEU B 282 -14.32 -8.25 -23.99
CA LEU B 282 -15.31 -9.29 -23.84
C LEU B 282 -16.58 -8.66 -23.24
N PRO B 283 -17.75 -9.25 -23.46
CA PRO B 283 -18.98 -8.72 -22.88
C PRO B 283 -18.93 -8.84 -21.37
N THR B 284 -19.66 -7.93 -20.73
CA THR B 284 -19.71 -7.92 -19.28
C THR B 284 -20.13 -9.26 -18.69
N TRP B 285 -21.09 -9.95 -19.30
CA TRP B 285 -21.51 -11.18 -18.67
C TRP B 285 -20.34 -12.15 -18.66
N LYS B 286 -19.53 -12.05 -19.71
CA LYS B 286 -18.40 -12.98 -19.80
C LYS B 286 -17.37 -12.58 -18.72
N VAL B 287 -17.12 -11.28 -18.68
CA VAL B 287 -16.17 -10.78 -17.70
C VAL B 287 -16.57 -11.15 -16.30
N ARG B 288 -17.84 -10.96 -15.99
CA ARG B 288 -18.19 -11.29 -14.62
C ARG B 288 -18.00 -12.77 -14.36
N ALA B 289 -18.30 -13.55 -15.39
CA ALA B 289 -18.19 -15.00 -15.16
C ALA B 289 -16.73 -15.33 -14.89
N ILE B 290 -15.86 -14.66 -15.62
CA ILE B 290 -14.46 -14.96 -15.40
C ILE B 290 -14.03 -14.65 -13.96
N TYR B 291 -14.42 -13.48 -13.48
CA TYR B 291 -13.95 -13.08 -12.14
C TYR B 291 -14.57 -13.79 -10.95
N GLN B 292 -15.78 -14.28 -11.16
CA GLN B 292 -16.44 -14.93 -10.03
C GLN B 292 -15.90 -16.30 -9.73
N PHE B 293 -15.36 -17.02 -10.71
CA PHE B 293 -14.86 -18.36 -10.42
C PHE B 293 -13.50 -18.20 -9.74
N ASP B 294 -13.04 -19.18 -8.95
CA ASP B 294 -11.78 -19.04 -8.23
C ASP B 294 -10.60 -19.76 -8.91
N MET B 295 -9.43 -19.13 -8.96
CA MET B 295 -8.20 -19.76 -9.47
C MET B 295 -7.38 -20.07 -8.20
N ALA B 296 -7.32 -21.33 -7.75
CA ALA B 296 -6.60 -21.64 -6.51
C ALA B 296 -5.09 -21.80 -6.69
N VAL B 297 -4.34 -21.96 -5.60
CA VAL B 297 -2.88 -22.10 -5.69
C VAL B 297 -2.54 -23.23 -4.71
N TYR B 298 -1.69 -24.15 -5.12
CA TYR B 298 -1.30 -25.34 -4.35
C TYR B 298 0.21 -25.43 -4.50
N THR B 299 0.93 -25.22 -3.41
CA THR B 299 2.39 -25.15 -3.48
C THR B 299 3.04 -26.39 -2.92
N LYS B 300 3.80 -27.07 -3.78
CA LYS B 300 4.45 -28.33 -3.38
C LYS B 300 5.84 -27.98 -2.91
N ILE B 301 6.03 -27.89 -1.61
CA ILE B 301 7.38 -27.50 -1.21
C ILE B 301 8.31 -28.70 -1.01
N PHE B 302 9.26 -28.93 -1.92
CA PHE B 302 10.18 -30.04 -1.76
C PHE B 302 11.38 -29.68 -0.91
N LEU B 303 11.82 -30.62 -0.07
CA LEU B 303 12.98 -30.42 0.81
C LEU B 303 13.89 -31.66 0.67
N LYS B 304 15.18 -31.39 0.75
CA LYS B 304 16.20 -32.42 0.63
C LYS B 304 17.11 -32.37 1.86
N PHE B 305 17.29 -33.53 2.49
CA PHE B 305 18.11 -33.66 3.70
C PHE B 305 19.34 -34.56 3.55
N PRO B 306 20.34 -34.31 4.40
CA PRO B 306 21.59 -35.07 4.40
C PRO B 306 21.34 -36.47 4.97
N ARG B 307 20.29 -36.65 5.77
CA ARG B 307 19.95 -37.99 6.28
C ARG B 307 18.44 -38.01 6.59
N LYS B 308 17.89 -39.21 6.75
CA LYS B 308 16.47 -39.47 7.02
C LYS B 308 16.18 -39.40 8.51
N PHE B 309 15.13 -38.70 8.93
CA PHE B 309 14.83 -38.72 10.36
C PHE B 309 13.36 -38.97 10.60
N TRP B 310 12.60 -39.32 9.58
CA TRP B 310 11.17 -39.57 9.75
C TRP B 310 10.92 -41.05 9.50
N PRO B 311 9.78 -41.59 9.90
CA PRO B 311 9.46 -43.00 9.67
C PRO B 311 9.21 -43.40 8.22
N GLU B 312 9.50 -44.66 7.87
CA GLU B 312 9.26 -45.23 6.54
C GLU B 312 8.65 -46.59 6.81
N GLY B 313 7.83 -47.11 5.90
CA GLY B 313 7.27 -48.41 6.19
C GLY B 313 5.81 -48.35 5.86
N LYS B 314 5.12 -49.43 6.20
CA LYS B 314 3.69 -49.55 5.93
C LYS B 314 2.94 -48.35 6.50
N GLY B 315 2.16 -47.73 5.64
CA GLY B 315 1.36 -46.59 6.08
C GLY B 315 2.16 -45.35 6.42
N ARG B 316 3.46 -45.29 6.14
CA ARG B 316 4.15 -44.05 6.49
C ARG B 316 4.21 -42.97 5.38
N GLU B 317 3.77 -43.24 4.15
CA GLU B 317 3.96 -42.29 3.08
C GLU B 317 3.40 -40.89 3.35
N PHE B 318 2.23 -40.84 3.97
CA PHE B 318 1.50 -39.60 4.25
C PHE B 318 1.38 -39.34 5.74
N PHE B 319 1.65 -38.11 6.14
CA PHE B 319 1.56 -37.81 7.54
C PHE B 319 1.14 -36.34 7.68
N LEU B 320 0.52 -35.98 8.82
CA LEU B 320 -0.02 -34.65 9.01
C LEU B 320 0.52 -34.01 10.25
N TYR B 321 0.58 -32.68 10.21
CA TYR B 321 1.05 -31.89 11.35
C TYR B 321 -0.16 -31.13 11.88
N ALA B 322 -0.61 -31.43 13.09
CA ALA B 322 -1.79 -30.81 13.68
C ALA B 322 -1.42 -29.46 14.28
N SER B 323 -1.19 -28.46 13.43
CA SER B 323 -0.82 -27.16 13.98
C SER B 323 -2.03 -26.45 14.61
N SER B 324 -1.83 -25.61 15.60
CA SER B 324 -3.02 -24.95 16.12
C SER B 324 -3.38 -23.84 15.13
N ARG B 325 -2.52 -23.63 14.12
CA ARG B 325 -2.76 -22.60 13.08
C ARG B 325 -3.19 -23.36 11.82
N ARG B 326 -4.47 -23.28 11.50
CA ARG B 326 -4.98 -24.03 10.34
C ARG B 326 -4.18 -23.85 9.06
N GLY B 327 -3.84 -24.98 8.43
CA GLY B 327 -3.15 -25.00 7.15
C GLY B 327 -1.66 -24.71 7.23
N TYR B 328 -1.12 -24.64 8.43
CA TYR B 328 0.31 -24.35 8.57
C TYR B 328 1.14 -25.63 8.39
N TYR B 329 1.83 -25.73 7.26
CA TYR B 329 2.69 -26.88 6.93
C TYR B 329 2.05 -28.16 7.43
N GLY B 330 0.83 -28.41 6.95
CA GLY B 330 0.08 -29.56 7.45
C GLY B 330 0.14 -30.97 6.84
N VAL B 331 0.34 -31.05 5.53
CA VAL B 331 0.27 -32.30 4.81
C VAL B 331 1.61 -32.66 4.22
N TRP B 332 2.16 -33.75 4.77
CA TRP B 332 3.48 -34.23 4.42
C TRP B 332 3.45 -35.55 3.65
N GLN B 333 4.44 -35.77 2.79
CA GLN B 333 4.54 -37.05 2.08
C GLN B 333 6.04 -37.41 2.01
N GLU B 334 6.37 -38.68 2.27
CA GLU B 334 7.74 -39.18 2.22
C GLU B 334 7.81 -40.15 1.06
N PHE B 335 8.97 -40.18 0.42
CA PHE B 335 9.09 -40.94 -0.80
C PHE B 335 9.86 -42.23 -0.81
N GLU B 336 9.65 -43.05 0.21
CA GLU B 336 10.37 -44.33 0.22
C GLU B 336 10.19 -45.07 -1.12
N LYS B 337 9.03 -45.01 -1.77
CA LYS B 337 8.89 -45.71 -3.05
C LYS B 337 9.27 -44.91 -4.27
N GLN B 338 8.80 -43.67 -4.30
CA GLN B 338 9.07 -42.87 -5.48
C GLN B 338 10.52 -42.49 -5.72
N TYR B 339 11.22 -42.00 -4.69
CA TYR B 339 12.62 -41.55 -4.80
C TYR B 339 13.44 -42.20 -3.67
N PRO B 340 13.47 -43.52 -3.70
CA PRO B 340 14.15 -44.21 -2.60
C PRO B 340 15.55 -43.68 -2.31
N ASP B 341 15.84 -43.59 -1.02
CA ASP B 341 17.14 -43.15 -0.59
C ASP B 341 17.47 -41.73 -0.96
N ALA B 342 16.55 -40.98 -1.56
CA ALA B 342 16.88 -39.58 -1.84
C ALA B 342 16.74 -38.66 -0.63
N ASN B 343 16.07 -39.08 0.43
CA ASN B 343 15.98 -38.16 1.57
C ASN B 343 15.20 -36.88 1.27
N VAL B 344 14.18 -37.01 0.44
CA VAL B 344 13.37 -35.86 0.15
C VAL B 344 12.04 -35.94 0.89
N LEU B 345 11.47 -34.78 1.22
CA LEU B 345 10.15 -34.72 1.83
C LEU B 345 9.47 -33.62 1.02
N LEU B 346 8.14 -33.69 0.99
CA LEU B 346 7.23 -32.77 0.30
C LEU B 346 6.14 -32.34 1.28
N VAL B 347 6.09 -31.05 1.58
CA VAL B 347 5.04 -30.51 2.44
C VAL B 347 4.19 -29.65 1.49
N THR B 348 2.87 -29.82 1.57
CA THR B 348 1.99 -29.07 0.68
C THR B 348 1.21 -27.94 1.38
N VAL B 349 1.16 -26.76 0.78
CA VAL B 349 0.35 -25.69 1.38
C VAL B 349 -0.50 -25.10 0.26
N THR B 350 -1.52 -24.31 0.61
CA THR B 350 -2.33 -23.75 -0.47
C THR B 350 -2.77 -22.35 -0.11
N ASP B 351 -3.56 -21.77 -1.00
CA ASP B 351 -4.26 -20.54 -0.65
C ASP B 351 -3.50 -19.47 0.12
N GLU B 352 -4.01 -19.07 1.28
CA GLU B 352 -3.33 -18.01 2.02
C GLU B 352 -1.86 -18.29 2.29
N GLU B 353 -1.54 -19.48 2.78
CA GLU B 353 -0.13 -19.76 3.05
C GLU B 353 0.68 -19.73 1.74
N SER B 354 0.08 -20.23 0.66
CA SER B 354 0.81 -20.21 -0.62
C SER B 354 1.13 -18.77 -0.96
N ARG B 355 0.14 -17.89 -0.85
CA ARG B 355 0.47 -16.52 -1.25
C ARG B 355 1.51 -15.85 -0.37
N ARG B 356 1.49 -16.22 0.91
CA ARG B 356 2.44 -15.61 1.83
C ARG B 356 3.82 -16.13 1.44
N ILE B 357 3.85 -17.43 1.29
CA ILE B 357 5.13 -18.06 1.06
C ILE B 357 5.79 -17.70 -0.28
N GLU B 358 4.99 -17.52 -1.33
CA GLU B 358 5.57 -17.17 -2.62
C GLU B 358 6.25 -15.81 -2.49
N GLN B 359 5.74 -14.97 -1.59
CA GLN B 359 6.26 -13.61 -1.41
C GLN B 359 7.46 -13.42 -0.50
N GLN B 360 8.05 -14.51 -0.02
CA GLN B 360 9.20 -14.38 0.87
C GLN B 360 10.29 -15.32 0.35
N SER B 361 11.49 -15.26 0.93
CA SER B 361 12.55 -16.09 0.42
C SER B 361 12.36 -17.55 0.75
N ASP B 362 12.95 -18.40 -0.09
CA ASP B 362 12.94 -19.84 0.19
C ASP B 362 13.66 -20.10 1.53
N GLU B 363 14.63 -19.26 1.87
CA GLU B 363 15.41 -19.47 3.08
C GLU B 363 14.50 -19.22 4.26
N GLN B 364 13.65 -18.21 4.12
CA GLN B 364 12.77 -17.98 5.27
C GLN B 364 11.79 -19.16 5.40
N THR B 365 11.27 -19.62 4.27
CA THR B 365 10.31 -20.73 4.34
C THR B 365 11.00 -21.97 4.93
N LYS B 366 12.25 -22.18 4.53
CA LYS B 366 12.95 -23.35 5.04
C LYS B 366 13.09 -23.28 6.55
N ALA B 367 13.40 -22.09 7.04
CA ALA B 367 13.54 -22.00 8.49
C ALA B 367 12.20 -22.24 9.20
N GLU B 368 11.10 -21.78 8.63
CA GLU B 368 9.79 -22.04 9.26
C GLU B 368 9.60 -23.57 9.29
N ILE B 369 9.88 -24.22 8.17
CA ILE B 369 9.68 -25.66 8.13
C ILE B 369 10.61 -26.40 9.09
N MET B 370 11.85 -25.93 9.23
CA MET B 370 12.71 -26.61 10.19
C MET B 370 12.16 -26.53 11.60
N GLN B 371 11.55 -25.41 12.01
CA GLN B 371 11.01 -25.44 13.38
C GLN B 371 9.88 -26.43 13.51
N VAL B 372 9.05 -26.50 12.48
CA VAL B 372 7.95 -27.47 12.50
C VAL B 372 8.52 -28.91 12.66
N LEU B 373 9.45 -29.25 11.79
CA LEU B 373 10.03 -30.59 11.82
C LEU B 373 10.68 -30.94 13.16
N ARG B 374 11.37 -29.98 13.74
CA ARG B 374 12.03 -30.28 14.99
C ARG B 374 10.97 -30.41 16.05
N LYS B 375 9.85 -29.74 15.87
CA LYS B 375 8.83 -29.93 16.92
C LYS B 375 8.20 -31.30 16.74
N MET B 376 8.05 -31.73 15.47
CA MET B 376 7.46 -33.04 15.20
C MET B 376 8.33 -34.21 15.62
N PHE B 377 9.65 -34.09 15.51
CA PHE B 377 10.56 -35.21 15.84
C PHE B 377 11.57 -34.79 16.89
N PRO B 378 11.00 -34.47 18.03
CA PRO B 378 11.82 -33.97 19.11
C PRO B 378 12.95 -34.91 19.52
N GLY B 379 12.76 -36.19 19.35
CA GLY B 379 13.85 -37.06 19.79
C GLY B 379 14.95 -37.31 18.77
N LYS B 380 14.76 -36.75 17.58
CA LYS B 380 15.73 -36.96 16.53
C LYS B 380 16.70 -35.80 16.41
N ASP B 381 17.83 -36.02 15.75
CA ASP B 381 18.73 -34.88 15.53
C ASP B 381 18.33 -34.53 14.09
N VAL B 382 17.48 -33.52 13.98
CA VAL B 382 16.96 -33.20 12.68
C VAL B 382 17.89 -32.21 12.03
N PRO B 383 18.46 -32.62 10.93
CA PRO B 383 19.37 -31.75 10.21
C PRO B 383 18.64 -30.77 9.28
N ASP B 384 19.21 -29.59 9.14
CA ASP B 384 18.68 -28.55 8.25
C ASP B 384 18.63 -29.08 6.80
N ALA B 385 17.55 -28.77 6.09
CA ALA B 385 17.42 -29.20 4.72
C ALA B 385 18.57 -28.54 3.97
N THR B 386 19.18 -29.25 3.03
CA THR B 386 20.27 -28.63 2.30
C THR B 386 19.72 -28.07 1.00
N ASP B 387 18.47 -28.39 0.71
CA ASP B 387 17.98 -27.82 -0.54
C ASP B 387 16.46 -27.71 -0.36
N ILE B 388 15.84 -26.72 -1.01
CA ILE B 388 14.39 -26.55 -0.93
C ILE B 388 13.86 -26.05 -2.26
N LEU B 389 12.65 -26.44 -2.63
CA LEU B 389 12.13 -25.93 -3.89
C LEU B 389 10.71 -25.42 -3.60
N VAL B 390 10.47 -24.15 -3.89
CA VAL B 390 9.16 -23.54 -3.65
C VAL B 390 8.60 -23.14 -5.00
N PRO B 391 7.68 -23.90 -5.57
CA PRO B 391 7.12 -23.57 -6.87
C PRO B 391 6.32 -22.27 -6.74
N ARG B 392 6.44 -21.37 -7.71
CA ARG B 392 5.74 -20.10 -7.60
C ARG B 392 4.71 -19.95 -8.71
N TRP B 393 3.72 -20.82 -8.74
CA TRP B 393 2.74 -20.73 -9.82
C TRP B 393 1.88 -19.47 -9.80
N TRP B 394 1.53 -18.98 -8.63
CA TRP B 394 0.66 -17.79 -8.59
C TRP B 394 1.43 -16.60 -9.15
N SER B 395 2.72 -16.52 -8.83
CA SER B 395 3.48 -15.39 -9.37
C SER B 395 3.81 -15.54 -10.85
N ASP B 396 3.60 -16.69 -11.45
CA ASP B 396 4.01 -16.82 -12.85
C ASP B 396 2.90 -16.31 -13.74
N ARG B 397 3.22 -15.31 -14.55
CA ARG B 397 2.19 -14.72 -15.38
C ARG B 397 1.52 -15.67 -16.35
N PHE B 398 2.15 -16.81 -16.67
CA PHE B 398 1.49 -17.67 -17.67
C PHE B 398 0.51 -18.61 -17.00
N TYR B 399 0.38 -18.50 -15.69
CA TYR B 399 -0.49 -19.45 -14.93
C TYR B 399 -1.36 -18.73 -13.87
N LYS B 400 -0.73 -17.93 -13.01
CA LYS B 400 -1.45 -17.17 -12.03
C LYS B 400 -2.23 -18.08 -11.07
N GLY B 401 -1.66 -19.23 -10.74
CA GLY B 401 -2.35 -20.14 -9.82
C GLY B 401 -2.13 -21.58 -10.36
N THR B 402 -2.72 -22.59 -9.71
CA THR B 402 -2.50 -23.97 -10.08
C THR B 402 -3.72 -24.62 -10.69
N PHE B 403 -4.92 -24.34 -10.17
CA PHE B 403 -6.13 -24.91 -10.75
C PHE B 403 -7.38 -24.23 -10.17
N SER B 404 -8.46 -24.27 -10.94
CA SER B 404 -9.71 -23.62 -10.55
C SER B 404 -10.37 -24.41 -9.43
N ASN B 405 -11.22 -23.73 -8.67
CA ASN B 405 -12.06 -24.31 -7.60
C ASN B 405 -13.41 -23.60 -7.73
N TRP B 406 -14.50 -24.38 -7.67
CA TRP B 406 -15.86 -23.87 -7.83
C TRP B 406 -16.29 -23.33 -6.45
N PRO B 407 -16.46 -22.02 -6.36
CA PRO B 407 -16.82 -21.38 -5.09
C PRO B 407 -18.31 -21.27 -4.88
N VAL B 408 -18.71 -21.12 -3.63
CA VAL B 408 -20.15 -20.91 -3.39
C VAL B 408 -20.36 -19.52 -3.96
N GLY B 409 -21.42 -19.39 -4.75
CA GLY B 409 -21.67 -18.10 -5.39
C GLY B 409 -21.72 -18.23 -6.91
N VAL B 410 -21.14 -19.27 -7.49
CA VAL B 410 -21.18 -19.36 -8.94
C VAL B 410 -22.23 -20.41 -9.22
N ASN B 411 -23.21 -20.03 -10.03
CA ASN B 411 -24.25 -21.00 -10.29
C ASN B 411 -24.03 -21.66 -11.63
N ARG B 412 -24.92 -22.58 -11.97
CA ARG B 412 -24.79 -23.36 -13.18
C ARG B 412 -24.76 -22.48 -14.40
N TYR B 413 -25.68 -21.54 -14.45
CA TYR B 413 -25.69 -20.68 -15.61
C TYR B 413 -24.40 -19.84 -15.66
N GLU B 414 -23.98 -19.27 -14.53
CA GLU B 414 -22.73 -18.51 -14.53
C GLU B 414 -21.56 -19.40 -14.98
N TYR B 415 -21.51 -20.66 -14.56
CA TYR B 415 -20.36 -21.44 -15.00
C TYR B 415 -20.49 -21.62 -16.50
N ASP B 416 -21.69 -21.78 -17.05
CA ASP B 416 -21.75 -21.97 -18.50
C ASP B 416 -21.24 -20.71 -19.22
N GLN B 417 -21.51 -19.54 -18.64
CA GLN B 417 -21.06 -18.31 -19.27
C GLN B 417 -19.55 -18.26 -19.27
N LEU B 418 -18.95 -18.88 -18.26
CA LEU B 418 -17.48 -18.92 -18.23
C LEU B 418 -16.96 -19.69 -19.44
N ARG B 419 -17.64 -20.78 -19.83
CA ARG B 419 -17.18 -21.60 -20.96
C ARG B 419 -17.55 -21.08 -22.33
N ALA B 420 -18.65 -20.36 -22.36
CA ALA B 420 -19.20 -19.94 -23.64
C ALA B 420 -18.26 -19.16 -24.54
N PRO B 421 -18.41 -19.49 -25.81
CA PRO B 421 -17.62 -18.84 -26.88
C PRO B 421 -18.09 -17.39 -27.05
N VAL B 422 -17.29 -16.52 -27.66
CA VAL B 422 -17.69 -15.12 -27.92
C VAL B 422 -17.29 -14.94 -29.38
N GLY B 423 -18.31 -14.89 -30.22
CA GLY B 423 -18.08 -14.83 -31.65
C GLY B 423 -17.22 -16.03 -32.06
N ARG B 424 -16.16 -15.72 -32.79
CA ARG B 424 -15.24 -16.73 -33.26
C ARG B 424 -14.21 -17.06 -32.19
N VAL B 425 -14.40 -16.54 -30.98
CA VAL B 425 -13.43 -16.85 -29.94
C VAL B 425 -13.98 -17.94 -29.04
N TYR B 426 -13.29 -19.07 -29.04
CA TYR B 426 -13.64 -20.21 -28.19
C TYR B 426 -12.71 -20.36 -26.99
N PHE B 427 -13.28 -20.95 -25.94
CA PHE B 427 -12.54 -21.18 -24.72
C PHE B 427 -12.40 -22.64 -24.36
N THR B 428 -11.27 -23.00 -23.78
CA THR B 428 -11.11 -24.39 -23.34
C THR B 428 -10.18 -24.37 -22.11
N GLY B 429 -9.90 -25.52 -21.50
CA GLY B 429 -9.06 -25.54 -20.31
C GLY B 429 -9.86 -26.18 -19.18
N GLU B 430 -9.12 -26.60 -18.16
CA GLU B 430 -9.76 -27.26 -17.03
C GLU B 430 -10.91 -26.48 -16.44
N HIS B 431 -10.77 -25.17 -16.45
CA HIS B 431 -11.83 -24.33 -15.86
C HIS B 431 -13.02 -24.40 -16.80
N THR B 432 -12.95 -25.04 -17.96
CA THR B 432 -14.16 -25.09 -18.76
C THR B 432 -14.71 -26.51 -18.73
N SER B 433 -14.15 -27.40 -17.91
CA SER B 433 -14.62 -28.79 -17.83
C SER B 433 -15.94 -28.82 -17.07
N GLU B 434 -16.96 -29.34 -17.74
CA GLU B 434 -18.28 -29.41 -17.14
C GLU B 434 -18.27 -30.15 -15.81
N HIS B 435 -17.63 -31.30 -15.75
CA HIS B 435 -17.70 -32.01 -14.47
C HIS B 435 -16.34 -32.33 -13.91
N TYR B 436 -15.30 -31.93 -14.63
CA TYR B 436 -14.01 -32.26 -14.02
C TYR B 436 -13.12 -31.05 -13.90
N ASN B 437 -13.64 -29.87 -13.55
CA ASN B 437 -12.78 -28.69 -13.47
C ASN B 437 -11.69 -28.98 -12.45
N GLY B 438 -10.50 -28.47 -12.69
CA GLY B 438 -9.39 -28.65 -11.75
C GLY B 438 -8.43 -29.82 -11.99
N TYR B 439 -8.68 -30.67 -12.98
CA TYR B 439 -7.87 -31.88 -13.17
C TYR B 439 -7.21 -32.08 -14.52
N VAL B 440 -6.25 -33.00 -14.58
CA VAL B 440 -5.65 -33.25 -15.90
C VAL B 440 -6.68 -33.85 -16.88
N HIS B 441 -7.49 -34.77 -16.38
CA HIS B 441 -8.48 -35.38 -17.24
C HIS B 441 -9.53 -34.35 -17.63
N GLY B 442 -9.76 -33.39 -16.75
CA GLY B 442 -10.74 -32.36 -17.10
C GLY B 442 -10.16 -31.49 -18.24
N ALA B 443 -8.86 -31.20 -18.17
CA ALA B 443 -8.28 -30.39 -19.25
C ALA B 443 -8.40 -31.17 -20.56
N TYR B 444 -8.00 -32.44 -20.46
CA TYR B 444 -8.01 -33.27 -21.65
C TYR B 444 -9.40 -33.29 -22.30
N LEU B 445 -10.40 -33.60 -21.48
CA LEU B 445 -11.76 -33.66 -22.01
C LEU B 445 -12.28 -32.30 -22.47
N SER B 446 -11.89 -31.24 -21.78
CA SER B 446 -12.38 -29.90 -22.16
C SER B 446 -11.85 -29.56 -23.54
N GLY B 447 -10.63 -30.02 -23.83
CA GLY B 447 -10.06 -29.74 -25.15
C GLY B 447 -10.96 -30.34 -26.25
N ILE B 448 -11.34 -31.60 -26.07
CA ILE B 448 -12.19 -32.28 -27.05
C ILE B 448 -13.54 -31.58 -27.12
N ASP B 449 -14.09 -31.31 -25.94
CA ASP B 449 -15.40 -30.67 -26.01
C ASP B 449 -15.43 -29.33 -26.72
N SER B 450 -14.44 -28.49 -26.44
CA SER B 450 -14.44 -27.16 -27.05
C SER B 450 -14.20 -27.31 -28.55
N ALA B 451 -13.30 -28.21 -28.92
CA ALA B 451 -13.04 -28.40 -30.35
C ALA B 451 -14.32 -28.83 -31.06
N GLU B 452 -15.07 -29.75 -30.45
CA GLU B 452 -16.30 -30.20 -31.10
C GLU B 452 -17.29 -29.08 -31.28
N ILE B 453 -17.37 -28.21 -30.29
CA ILE B 453 -18.31 -27.11 -30.50
C ILE B 453 -17.80 -26.33 -31.70
N LEU B 454 -16.49 -26.15 -31.76
CA LEU B 454 -16.04 -25.39 -32.91
C LEU B 454 -16.26 -26.13 -34.22
N ILE B 455 -16.08 -27.44 -34.19
CA ILE B 455 -16.28 -28.23 -35.39
C ILE B 455 -17.71 -28.14 -35.90
N ASN B 456 -18.66 -28.13 -34.97
CA ASN B 456 -20.06 -27.99 -35.35
C ASN B 456 -20.31 -26.68 -36.07
N CYS B 457 -19.77 -25.60 -35.52
CA CYS B 457 -20.00 -24.31 -36.14
C CYS B 457 -19.38 -24.31 -37.52
N ALA B 458 -18.09 -24.64 -37.53
CA ALA B 458 -17.33 -24.64 -38.77
C ALA B 458 -17.76 -25.68 -39.79
N GLN B 459 -18.03 -26.91 -39.36
CA GLN B 459 -18.29 -27.85 -40.41
C GLN B 459 -19.75 -28.03 -40.59
N LYS B 460 -20.53 -27.99 -39.53
CA LYS B 460 -21.94 -28.26 -39.75
C LYS B 460 -22.75 -26.99 -39.76
N LYS B 461 -22.05 -25.87 -39.79
CA LYS B 461 -22.78 -24.60 -39.76
C LYS B 461 -23.74 -24.48 -38.58
N MET B 462 -23.43 -25.16 -37.49
CA MET B 462 -24.23 -25.04 -36.28
C MET B 462 -23.38 -24.14 -35.37
N CYS B 463 -23.67 -22.85 -35.36
CA CYS B 463 -22.93 -21.86 -34.58
C CYS B 463 -23.58 -21.32 -33.31
N LYS B 464 -24.78 -21.78 -32.98
CA LYS B 464 -25.40 -21.25 -31.78
C LYS B 464 -24.91 -22.02 -30.57
N TYR B 465 -24.58 -21.34 -29.48
CA TYR B 465 -24.13 -22.11 -28.34
C TYR B 465 -25.09 -22.83 -27.38
N HIS B 466 -25.91 -22.12 -26.59
CA HIS B 466 -26.81 -22.83 -25.65
C HIS B 466 -28.15 -22.12 -25.60
N PRO C 5 12.10 64.24 -15.97
CA PRO C 5 11.35 63.01 -16.32
C PRO C 5 11.21 62.19 -15.06
N ARG C 6 10.08 61.54 -15.02
CA ARG C 6 9.80 60.71 -13.88
C ARG C 6 10.24 59.31 -14.30
N VAL C 7 10.99 58.67 -13.42
CA VAL C 7 11.49 57.31 -13.70
C VAL C 7 11.14 56.43 -12.55
N ILE C 8 10.54 55.30 -12.86
CA ILE C 8 10.25 54.34 -11.80
C ILE C 8 11.36 53.29 -11.87
N VAL C 9 11.93 53.01 -10.71
CA VAL C 9 12.98 52.00 -10.59
C VAL C 9 12.40 50.80 -9.89
N VAL C 10 12.40 49.68 -10.61
CA VAL C 10 11.88 48.45 -9.98
C VAL C 10 13.03 47.74 -9.24
N GLY C 11 12.92 47.64 -7.92
CA GLY C 11 13.89 46.94 -7.07
C GLY C 11 14.91 47.86 -6.40
N ALA C 12 15.13 47.66 -5.11
CA ALA C 12 16.09 48.47 -4.37
C ALA C 12 17.33 47.67 -3.94
N GLY C 13 17.85 46.84 -4.84
CA GLY C 13 19.07 46.07 -4.58
C GLY C 13 20.24 47.01 -4.90
N MET C 14 21.45 46.47 -4.96
CA MET C 14 22.58 47.36 -5.26
C MET C 14 22.39 48.14 -6.57
N SER C 15 21.99 47.47 -7.65
CA SER C 15 21.90 48.18 -8.92
C SER C 15 20.77 49.19 -8.95
N GLY C 16 19.64 48.87 -8.33
CA GLY C 16 18.53 49.83 -8.32
C GLY C 16 18.98 51.09 -7.55
N ILE C 17 19.59 50.90 -6.40
CA ILE C 17 20.00 52.06 -5.61
C ILE C 17 21.07 52.85 -6.32
N SER C 18 21.99 52.10 -6.90
CA SER C 18 23.08 52.74 -7.62
C SER C 18 22.55 53.51 -8.84
N ALA C 19 21.63 52.91 -9.58
CA ALA C 19 21.08 53.61 -10.75
C ALA C 19 20.33 54.88 -10.30
N ALA C 20 19.47 54.72 -9.30
CA ALA C 20 18.71 55.87 -8.84
C ALA C 20 19.69 56.92 -8.37
N LYS C 21 20.78 56.51 -7.76
CA LYS C 21 21.72 57.54 -7.32
C LYS C 21 22.33 58.28 -8.51
N ARG C 22 22.67 57.53 -9.54
CA ARG C 22 23.28 58.22 -10.67
C ARG C 22 22.28 59.15 -11.37
N LEU C 23 21.02 58.73 -11.39
CA LEU C 23 19.96 59.55 -12.00
C LEU C 23 19.83 60.87 -11.24
N SER C 24 19.72 60.76 -9.92
CA SER C 24 19.61 61.92 -9.05
C SER C 24 20.77 62.85 -9.34
N GLU C 25 21.94 62.26 -9.53
CA GLU C 25 23.05 63.14 -9.77
C GLU C 25 22.95 63.87 -11.09
N ALA C 26 22.16 63.40 -12.04
CA ALA C 26 22.11 64.08 -13.33
C ALA C 26 21.02 65.11 -13.19
N GLY C 27 20.41 65.12 -12.02
CA GLY C 27 19.29 66.02 -11.83
C GLY C 27 17.98 65.31 -12.06
N ILE C 28 17.95 64.01 -12.25
CA ILE C 28 16.62 63.39 -12.43
C ILE C 28 16.22 62.93 -11.06
N THR C 29 15.45 63.77 -10.36
CA THR C 29 15.06 63.44 -9.01
C THR C 29 13.64 62.99 -8.84
N ASP C 30 12.87 63.05 -9.92
CA ASP C 30 11.48 62.60 -9.84
C ASP C 30 11.55 61.11 -10.12
N LEU C 31 11.92 60.39 -9.05
CA LEU C 31 12.11 58.94 -9.04
C LEU C 31 11.15 58.27 -8.08
N LEU C 32 10.79 57.03 -8.38
CA LEU C 32 9.92 56.26 -7.50
C LEU C 32 10.54 54.87 -7.55
N ILE C 33 11.18 54.46 -6.45
CA ILE C 33 11.76 53.12 -6.37
C ILE C 33 10.80 52.17 -5.68
N LEU C 34 10.36 51.15 -6.41
CA LEU C 34 9.42 50.19 -5.84
C LEU C 34 10.20 48.91 -5.53
N GLU C 35 10.24 48.51 -4.26
CA GLU C 35 10.99 47.33 -3.79
C GLU C 35 10.00 46.29 -3.30
N ALA C 36 10.15 45.08 -3.80
CA ALA C 36 9.21 44.05 -3.41
C ALA C 36 9.26 43.66 -1.93
N THR C 37 10.44 43.62 -1.33
CA THR C 37 10.50 43.15 0.06
C THR C 37 10.37 44.28 1.04
N ASP C 38 10.51 43.97 2.32
CA ASP C 38 10.40 45.03 3.32
C ASP C 38 11.74 45.70 3.54
N HIS C 39 12.70 45.58 2.62
CA HIS C 39 13.96 46.26 2.93
C HIS C 39 14.72 46.39 1.63
N ILE C 40 15.76 47.22 1.68
CA ILE C 40 16.67 47.42 0.56
C ILE C 40 17.91 46.49 0.68
N GLY C 41 18.69 46.35 -0.40
CA GLY C 41 19.90 45.53 -0.36
C GLY C 41 19.81 44.28 -1.22
N GLY C 42 18.60 43.77 -1.45
CA GLY C 42 18.42 42.59 -2.31
C GLY C 42 19.35 41.43 -1.98
N ARG C 43 20.20 41.05 -2.92
CA ARG C 43 21.11 39.92 -2.74
C ARG C 43 22.24 40.13 -1.72
N MET C 44 22.29 41.33 -1.14
CA MET C 44 23.24 41.65 -0.05
C MET C 44 22.29 41.78 1.13
N HIS C 45 22.25 40.71 1.92
CA HIS C 45 21.32 40.70 3.03
C HIS C 45 21.74 39.72 4.13
N LYS C 46 21.79 40.23 5.36
CA LYS C 46 22.20 39.46 6.51
C LYS C 46 21.03 38.91 7.29
N THR C 47 21.31 38.01 8.23
CA THR C 47 20.26 37.46 9.08
C THR C 47 20.86 36.97 10.38
N ASN C 48 20.07 37.01 11.45
CA ASN C 48 20.68 36.55 12.69
C ASN C 48 20.72 35.04 12.70
N PHE C 49 21.86 34.43 13.02
CA PHE C 49 21.82 32.97 13.07
C PHE C 49 22.68 32.67 14.28
N ALA C 50 22.11 31.91 15.20
CA ALA C 50 22.91 31.47 16.35
C ALA C 50 23.43 32.70 17.07
N GLY C 51 22.56 33.69 17.17
CA GLY C 51 22.97 34.93 17.80
C GLY C 51 24.07 35.73 17.07
N ILE C 52 24.30 35.47 15.79
CA ILE C 52 25.26 36.33 15.09
C ILE C 52 24.60 36.64 13.76
N ASN C 53 25.01 37.75 13.15
CA ASN C 53 24.43 38.07 11.84
C ASN C 53 25.36 37.46 10.82
N VAL C 54 24.82 36.67 9.92
CA VAL C 54 25.69 36.09 8.89
C VAL C 54 25.03 36.56 7.59
N GLU C 55 25.77 36.41 6.51
CA GLU C 55 25.31 36.80 5.17
C GLU C 55 24.53 35.67 4.46
N LEU C 56 23.26 35.92 4.12
CA LEU C 56 22.52 34.91 3.37
C LEU C 56 22.95 34.94 1.91
N GLY C 57 23.47 36.09 1.49
CA GLY C 57 23.83 36.28 0.08
C GLY C 57 25.30 36.62 -0.12
N ALA C 58 25.64 37.69 -0.83
CA ALA C 58 27.05 37.97 -1.07
C ALA C 58 27.82 38.05 0.24
N ASN C 59 29.11 37.69 0.27
CA ASN C 59 29.86 37.76 1.53
C ASN C 59 31.25 38.32 1.27
N TRP C 60 31.73 38.26 0.03
CA TRP C 60 33.05 38.77 -0.25
C TRP C 60 33.09 39.99 -1.15
N VAL C 61 34.15 40.76 -1.01
CA VAL C 61 34.41 41.83 -1.95
C VAL C 61 35.47 41.05 -2.77
N GLU C 62 35.15 40.73 -4.02
CA GLU C 62 36.06 39.95 -4.85
C GLU C 62 36.80 40.78 -5.86
N GLY C 63 38.11 40.60 -5.98
CA GLY C 63 38.94 41.33 -6.93
C GLY C 63 39.47 42.51 -6.13
N VAL C 64 40.60 42.34 -5.45
CA VAL C 64 41.17 43.42 -4.65
C VAL C 64 42.67 43.28 -4.79
N ASN C 65 43.34 44.41 -4.64
CA ASN C 65 44.80 44.52 -4.71
C ASN C 65 45.36 44.49 -6.10
N GLY C 66 44.52 44.58 -7.12
CA GLY C 66 45.01 44.57 -8.49
C GLY C 66 45.36 45.94 -9.09
N GLY C 67 45.42 45.96 -10.42
CA GLY C 67 45.79 47.17 -11.16
C GLY C 67 44.75 48.27 -11.14
N LYS C 68 43.49 47.94 -10.93
CA LYS C 68 42.50 48.99 -10.87
C LYS C 68 41.81 48.72 -9.54
N MET C 69 41.20 49.75 -8.97
CA MET C 69 40.50 49.67 -7.69
C MET C 69 39.07 49.22 -7.84
N ASN C 70 38.67 48.16 -7.14
CA ASN C 70 37.29 47.71 -7.23
C ASN C 70 36.54 48.81 -6.47
N PRO C 71 35.60 49.45 -7.16
CA PRO C 71 34.88 50.55 -6.54
C PRO C 71 34.22 50.15 -5.22
N ILE C 72 33.93 48.88 -5.00
CA ILE C 72 33.28 48.59 -3.72
C ILE C 72 34.28 48.58 -2.56
N TRP C 73 35.54 48.30 -2.91
CA TRP C 73 36.52 48.14 -1.85
C TRP C 73 36.74 49.31 -0.88
N PRO C 74 36.88 50.50 -1.45
CA PRO C 74 37.09 51.63 -0.57
C PRO C 74 35.86 51.85 0.31
N ILE C 75 34.70 51.54 -0.25
CA ILE C 75 33.54 51.83 0.59
C ILE C 75 33.60 50.89 1.80
N VAL C 76 33.91 49.64 1.49
CA VAL C 76 33.93 48.66 2.57
C VAL C 76 35.07 48.86 3.55
N ASN C 77 36.26 49.02 2.96
CA ASN C 77 37.49 49.06 3.74
C ASN C 77 37.89 50.40 4.27
N SER C 78 37.31 51.47 3.75
CA SER C 78 37.70 52.79 4.26
C SER C 78 36.51 53.62 4.68
N THR C 79 35.52 53.72 3.81
CA THR C 79 34.44 54.58 4.26
C THR C 79 33.72 53.96 5.42
N LEU C 80 33.30 52.72 5.27
CA LEU C 80 32.54 52.14 6.38
C LEU C 80 33.43 51.36 7.33
N LYS C 81 34.60 50.94 6.88
CA LYS C 81 35.45 50.11 7.73
C LYS C 81 34.67 48.89 8.21
N LEU C 82 34.04 48.14 7.31
CA LEU C 82 33.31 46.96 7.77
C LEU C 82 34.41 45.95 8.08
N ARG C 83 34.21 45.17 9.14
CA ARG C 83 35.22 44.19 9.54
C ARG C 83 35.37 43.13 8.46
N ASN C 84 36.61 42.84 8.08
CA ASN C 84 36.81 41.87 7.01
C ASN C 84 38.12 41.09 7.05
N PHE C 85 38.20 40.02 6.26
CA PHE C 85 39.33 39.10 6.28
C PHE C 85 39.71 38.61 4.89
N ARG C 86 40.99 38.66 4.56
CA ARG C 86 41.40 38.19 3.24
C ARG C 86 41.29 36.66 3.25
N SER C 87 40.70 36.03 2.26
CA SER C 87 40.62 34.57 2.30
C SER C 87 41.92 34.04 1.71
N ASP C 88 42.53 33.06 2.37
CA ASP C 88 43.77 32.49 1.86
C ASP C 88 43.50 31.04 1.53
N PHE C 89 43.67 30.67 0.27
CA PHE C 89 43.39 29.30 -0.15
C PHE C 89 44.66 28.46 -0.28
N ASP C 90 45.76 29.00 0.19
CA ASP C 90 47.04 28.32 0.07
C ASP C 90 47.19 27.00 0.79
N TYR C 91 46.38 26.73 1.81
CA TYR C 91 46.48 25.47 2.55
C TYR C 91 45.55 24.36 2.14
N LEU C 92 44.83 24.57 1.05
CA LEU C 92 43.87 23.54 0.68
C LEU C 92 44.45 22.16 0.55
N ALA C 93 45.72 22.03 0.13
CA ALA C 93 46.24 20.67 -0.02
C ALA C 93 46.29 19.90 1.29
N GLN C 94 46.28 20.63 2.40
CA GLN C 94 46.28 19.96 3.71
C GLN C 94 44.87 19.69 4.24
N ASN C 95 43.84 20.07 3.49
CA ASN C 95 42.49 19.95 4.02
C ASN C 95 41.46 19.33 3.11
N VAL C 96 41.83 18.24 2.44
CA VAL C 96 40.89 17.55 1.57
C VAL C 96 40.57 16.24 2.26
N TYR C 97 39.31 16.09 2.64
CA TYR C 97 38.92 14.87 3.34
C TYR C 97 38.44 13.77 2.42
N LYS C 98 38.85 12.54 2.72
CA LYS C 98 38.41 11.41 1.91
C LYS C 98 36.96 11.09 2.25
N GLU C 99 36.26 10.47 1.30
CA GLU C 99 34.86 10.14 1.55
C GLU C 99 34.61 9.42 2.87
N ASP C 100 35.50 8.51 3.25
CA ASP C 100 35.32 7.80 4.51
C ASP C 100 36.16 8.25 5.70
N GLY C 101 36.80 9.41 5.60
CA GLY C 101 37.48 9.83 6.81
C GLY C 101 38.95 10.14 6.65
N GLY C 102 39.38 11.20 7.34
CA GLY C 102 40.79 11.59 7.22
C GLY C 102 41.11 12.40 5.95
N VAL C 103 42.23 13.11 5.99
CA VAL C 103 42.58 13.93 4.85
C VAL C 103 43.54 13.16 3.99
N TYR C 104 43.56 13.43 2.70
CA TYR C 104 44.49 12.77 1.81
C TYR C 104 45.86 13.42 2.11
N ASP C 105 46.89 12.74 1.62
CA ASP C 105 48.27 13.23 1.72
C ASP C 105 48.36 14.56 0.98
N GLU C 106 48.99 15.47 1.71
CA GLU C 106 49.19 16.82 1.22
C GLU C 106 49.96 16.91 -0.08
N ASP C 107 51.03 16.14 -0.16
CA ASP C 107 51.81 16.21 -1.38
C ASP C 107 50.98 15.70 -2.54
N TYR C 108 50.18 14.68 -2.30
CA TYR C 108 49.38 14.15 -3.38
C TYR C 108 48.41 15.24 -3.81
N VAL C 109 47.72 15.77 -2.82
CA VAL C 109 46.74 16.79 -3.19
C VAL C 109 47.37 17.99 -3.90
N GLN C 110 48.48 18.50 -3.37
CA GLN C 110 49.11 19.66 -4.00
C GLN C 110 49.39 19.37 -5.47
N LYS C 111 49.74 18.12 -5.76
CA LYS C 111 50.00 17.84 -7.17
C LYS C 111 48.75 17.93 -8.03
N ARG C 112 47.62 17.41 -7.53
CA ARG C 112 46.37 17.45 -8.30
C ARG C 112 45.98 18.92 -8.47
N ILE C 113 46.21 19.74 -7.45
CA ILE C 113 45.88 21.15 -7.55
C ILE C 113 46.75 21.81 -8.61
N GLU C 114 48.05 21.56 -8.52
CA GLU C 114 48.91 22.21 -9.50
C GLU C 114 48.56 21.78 -10.90
N LEU C 115 48.14 20.54 -11.03
CA LEU C 115 47.78 20.11 -12.37
C LEU C 115 46.52 20.89 -12.79
N ALA C 116 45.58 21.04 -11.86
CA ALA C 116 44.34 21.71 -12.23
C ALA C 116 44.62 23.13 -12.62
N ASP C 117 45.54 23.73 -11.86
CA ASP C 117 45.85 25.12 -12.17
C ASP C 117 46.54 25.28 -13.51
N SER C 118 47.47 24.40 -13.83
CA SER C 118 48.16 24.51 -15.12
C SER C 118 47.17 24.31 -16.27
N VAL C 119 46.22 23.39 -16.15
CA VAL C 119 45.25 23.23 -17.23
C VAL C 119 44.49 24.54 -17.37
N GLU C 120 44.09 25.12 -16.25
CA GLU C 120 43.39 26.38 -16.42
C GLU C 120 44.24 27.47 -17.08
N GLU C 121 45.52 27.51 -16.72
CA GLU C 121 46.36 28.57 -17.27
C GLU C 121 46.42 28.36 -18.75
N MET C 122 46.47 27.10 -19.15
CA MET C 122 46.50 26.89 -20.57
C MET C 122 45.18 27.34 -21.18
N GLY C 123 44.06 27.22 -20.47
CA GLY C 123 42.77 27.64 -21.08
C GLY C 123 42.79 29.15 -21.30
N GLU C 124 43.47 29.84 -20.38
CA GLU C 124 43.55 31.30 -20.51
C GLU C 124 44.25 31.70 -21.79
N LYS C 125 45.30 30.98 -22.12
CA LYS C 125 46.02 31.32 -23.33
C LYS C 125 45.13 31.07 -24.53
N LEU C 126 44.46 29.92 -24.53
CA LEU C 126 43.60 29.54 -25.65
C LEU C 126 42.51 30.60 -25.78
N SER C 127 41.92 30.90 -24.63
CA SER C 127 40.84 31.87 -24.61
C SER C 127 41.22 33.18 -25.28
N ALA C 128 42.43 33.66 -24.99
CA ALA C 128 42.88 34.92 -25.58
C ALA C 128 42.82 34.91 -27.11
N THR C 129 42.99 33.75 -27.73
CA THR C 129 43.02 33.77 -29.19
C THR C 129 41.66 33.52 -29.81
N LEU C 130 40.61 33.25 -29.04
CA LEU C 130 39.33 32.94 -29.68
C LEU C 130 38.73 34.13 -30.39
N HIS C 131 38.04 33.88 -31.49
CA HIS C 131 37.42 34.99 -32.21
C HIS C 131 36.36 35.73 -31.37
N ALA C 132 36.39 37.05 -31.49
CA ALA C 132 35.53 37.92 -30.71
C ALA C 132 34.04 37.64 -30.95
N SER C 133 33.71 37.01 -32.06
CA SER C 133 32.28 36.80 -32.25
C SER C 133 31.83 35.71 -31.29
N GLY C 134 32.71 34.95 -30.67
CA GLY C 134 32.23 33.85 -29.83
C GLY C 134 32.03 32.54 -30.61
N ARG C 135 32.28 32.61 -31.90
CA ARG C 135 32.12 31.42 -32.74
C ARG C 135 33.03 30.25 -32.37
N ASP C 136 34.16 30.51 -31.72
CA ASP C 136 35.01 29.36 -31.45
C ASP C 136 34.87 29.04 -29.98
N ASP C 137 33.89 29.60 -29.28
CA ASP C 137 33.88 29.33 -27.85
C ASP C 137 33.62 27.84 -27.56
N MET C 138 33.94 27.42 -26.34
CA MET C 138 33.71 26.03 -25.92
C MET C 138 33.53 26.06 -24.40
N SER C 139 33.00 24.99 -23.84
CA SER C 139 32.86 25.03 -22.37
C SER C 139 34.23 24.88 -21.72
N ILE C 140 34.30 25.20 -20.44
CA ILE C 140 35.57 25.02 -19.73
C ILE C 140 35.91 23.52 -19.74
N LEU C 141 34.89 22.67 -19.66
CA LEU C 141 35.18 21.23 -19.66
C LEU C 141 35.89 20.82 -20.95
N ALA C 142 35.40 21.32 -22.08
CA ALA C 142 36.06 20.95 -23.35
C ALA C 142 37.52 21.39 -23.30
N MET C 143 37.77 22.59 -22.83
CA MET C 143 39.15 23.02 -22.75
C MET C 143 39.89 22.08 -21.83
N GLN C 144 39.23 21.60 -20.78
CA GLN C 144 39.93 20.70 -19.89
C GLN C 144 40.33 19.39 -20.56
N ARG C 145 39.40 18.80 -21.30
CA ARG C 145 39.75 17.53 -21.96
C ARG C 145 40.93 17.73 -22.92
N LEU C 146 40.82 18.84 -23.64
CA LEU C 146 41.76 19.21 -24.67
C LEU C 146 43.12 19.28 -24.03
N ASN C 147 43.18 19.92 -22.87
CA ASN C 147 44.45 20.07 -22.17
C ASN C 147 44.96 18.88 -21.41
N GLU C 148 44.08 17.98 -21.01
CA GLU C 148 44.58 16.83 -20.29
C GLU C 148 44.62 15.67 -21.24
N HIS C 149 44.17 15.86 -22.46
CA HIS C 149 44.12 14.70 -23.31
C HIS C 149 43.35 13.57 -22.70
N GLN C 150 42.08 13.78 -22.43
CA GLN C 150 41.32 12.68 -21.87
C GLN C 150 39.92 12.91 -22.39
N PRO C 151 39.09 11.89 -22.36
CA PRO C 151 37.70 11.96 -22.78
C PRO C 151 36.82 12.42 -21.61
N ASN C 152 37.39 12.97 -20.55
CA ASN C 152 36.50 13.43 -19.49
C ASN C 152 37.34 14.43 -18.75
N GLY C 153 36.68 15.25 -17.95
CA GLY C 153 37.43 16.21 -17.13
C GLY C 153 37.69 15.49 -15.79
N PRO C 154 38.05 16.24 -14.76
CA PRO C 154 38.31 15.67 -13.43
C PRO C 154 37.22 14.65 -13.12
N ALA C 155 37.61 13.44 -12.78
CA ALA C 155 36.63 12.40 -12.55
C ALA C 155 36.84 11.55 -11.31
N THR C 156 37.95 11.70 -10.60
CA THR C 156 38.13 10.96 -9.35
C THR C 156 37.62 11.92 -8.27
N PRO C 157 37.30 11.36 -7.10
CA PRO C 157 36.79 12.17 -6.01
C PRO C 157 37.64 13.38 -5.69
N VAL C 158 38.95 13.22 -5.53
CA VAL C 158 39.75 14.42 -5.19
C VAL C 158 39.82 15.45 -6.32
N ASP C 159 39.97 14.96 -7.55
CA ASP C 159 40.08 15.90 -8.67
C ASP C 159 38.76 16.57 -8.85
N MET C 160 37.69 15.81 -8.68
CA MET C 160 36.37 16.46 -8.83
C MET C 160 36.14 17.55 -7.79
N VAL C 161 36.50 17.30 -6.52
CA VAL C 161 36.24 18.34 -5.50
C VAL C 161 37.19 19.50 -5.72
N VAL C 162 38.37 19.25 -6.25
CA VAL C 162 39.24 20.41 -6.50
C VAL C 162 38.61 21.24 -7.63
N ASP C 163 38.07 20.56 -8.63
CA ASP C 163 37.43 21.21 -9.78
C ASP C 163 36.21 22.04 -9.34
N TYR C 164 35.40 21.48 -8.46
CA TYR C 164 34.20 22.17 -7.98
C TYR C 164 34.62 23.40 -7.20
N TYR C 165 35.67 23.22 -6.42
CA TYR C 165 36.19 24.34 -5.65
C TYR C 165 36.71 25.41 -6.63
N LYS C 166 37.41 25.01 -7.68
CA LYS C 166 37.93 26.05 -8.52
C LYS C 166 36.86 26.70 -9.36
N PHE C 167 35.88 25.95 -9.82
CA PHE C 167 34.89 26.55 -10.70
C PHE C 167 33.48 26.75 -10.14
N ASP C 168 32.82 25.66 -9.78
CA ASP C 168 31.44 25.75 -9.29
C ASP C 168 31.35 26.69 -8.07
N TYR C 169 32.37 26.68 -7.22
CA TYR C 169 32.33 27.50 -6.01
C TYR C 169 32.39 28.97 -6.38
N GLU C 170 32.80 29.24 -7.61
CA GLU C 170 32.87 30.62 -8.05
C GLU C 170 31.70 30.98 -8.94
N PHE C 171 31.36 30.13 -9.90
CA PHE C 171 30.31 30.43 -10.84
C PHE C 171 28.99 29.77 -10.57
N ALA C 172 28.96 28.82 -9.64
CA ALA C 172 27.73 28.10 -9.31
C ALA C 172 27.12 27.19 -10.36
N GLU C 173 27.86 26.85 -11.40
CA GLU C 173 27.39 25.81 -12.32
C GLU C 173 28.72 25.14 -12.70
N PRO C 174 28.63 23.96 -13.28
CA PRO C 174 29.82 23.20 -13.65
C PRO C 174 30.50 23.73 -14.89
N PRO C 175 31.78 23.41 -14.96
CA PRO C 175 32.59 23.85 -16.08
C PRO C 175 31.93 23.42 -17.38
N ARG C 176 31.30 22.25 -17.35
CA ARG C 176 30.75 21.88 -18.64
C ARG C 176 29.67 22.77 -19.18
N VAL C 177 29.07 23.66 -18.40
CA VAL C 177 28.09 24.47 -19.15
C VAL C 177 28.61 25.91 -19.24
N THR C 178 29.75 26.18 -18.61
CA THR C 178 30.26 27.54 -18.53
C THR C 178 31.12 27.92 -19.71
N SER C 179 30.92 29.13 -20.24
CA SER C 179 31.69 29.63 -21.38
C SER C 179 33.15 29.86 -21.00
N LEU C 180 34.06 29.20 -21.71
CA LEU C 180 35.47 29.41 -21.38
C LEU C 180 35.87 30.85 -21.72
N GLN C 181 35.45 31.27 -22.91
CA GLN C 181 35.85 32.57 -23.42
C GLN C 181 35.46 33.70 -22.50
N ASN C 182 34.29 33.58 -21.89
CA ASN C 182 33.86 34.67 -21.03
C ASN C 182 34.08 34.48 -19.53
N THR C 183 34.85 33.48 -19.09
CA THR C 183 35.07 33.36 -17.65
C THR C 183 36.53 33.06 -17.35
N VAL C 184 37.29 32.71 -18.37
CA VAL C 184 38.68 32.35 -18.09
C VAL C 184 39.60 33.01 -19.09
N PRO C 185 40.39 33.96 -18.65
CA PRO C 185 40.39 34.43 -17.25
C PRO C 185 39.16 35.30 -17.01
N LEU C 186 38.94 35.70 -15.76
CA LEU C 186 37.77 36.50 -15.42
C LEU C 186 38.14 37.98 -15.24
N ALA C 187 37.38 38.88 -15.86
CA ALA C 187 37.74 40.28 -15.72
C ALA C 187 37.84 40.83 -14.30
N THR C 188 36.95 40.35 -13.45
CA THR C 188 36.94 40.82 -12.06
C THR C 188 38.33 40.70 -11.46
N PHE C 189 38.96 39.56 -11.69
CA PHE C 189 40.28 39.31 -11.11
C PHE C 189 41.35 39.92 -11.98
N SER C 190 41.22 39.82 -13.29
CA SER C 190 42.26 40.45 -14.09
C SER C 190 42.25 41.94 -13.82
N ASP C 191 41.08 42.56 -13.72
CA ASP C 191 41.17 44.00 -13.53
C ASP C 191 41.46 44.44 -12.10
N PHE C 192 40.70 43.86 -11.17
CA PHE C 192 40.80 44.34 -9.79
C PHE C 192 41.79 43.66 -8.85
N GLY C 193 42.32 42.51 -9.25
CA GLY C 193 43.22 41.82 -8.33
C GLY C 193 42.74 40.38 -7.99
N ASP C 194 43.65 39.49 -7.63
CA ASP C 194 43.32 38.11 -7.33
C ASP C 194 42.81 37.85 -5.94
N ASP C 195 42.93 38.81 -5.06
CA ASP C 195 42.44 38.59 -3.70
C ASP C 195 40.95 38.79 -3.49
N VAL C 196 40.47 38.14 -2.44
CA VAL C 196 39.07 38.26 -2.03
C VAL C 196 39.01 38.46 -0.52
N TYR C 197 38.08 39.32 -0.13
CA TYR C 197 37.94 39.64 1.28
C TYR C 197 36.54 39.37 1.81
N PHE C 198 36.50 38.53 2.83
CA PHE C 198 35.27 38.06 3.46
C PHE C 198 34.82 39.14 4.45
N VAL C 199 33.63 39.67 4.22
CA VAL C 199 33.08 40.70 5.09
C VAL C 199 32.37 40.04 6.28
N ALA C 200 32.76 40.35 7.52
CA ALA C 200 32.06 39.72 8.65
C ALA C 200 31.88 40.83 9.67
N ASP C 201 30.81 41.59 9.48
CA ASP C 201 30.54 42.73 10.33
C ASP C 201 29.06 42.67 10.66
N GLN C 202 28.77 42.98 11.92
CA GLN C 202 27.39 42.93 12.37
C GLN C 202 26.51 43.85 11.55
N ARG C 203 27.09 44.90 11.00
CA ARG C 203 26.28 45.81 10.20
C ARG C 203 25.87 45.20 8.87
N GLY C 204 26.56 44.14 8.44
CA GLY C 204 26.18 43.48 7.19
C GLY C 204 26.85 44.14 5.99
N TYR C 205 27.14 43.33 4.98
CA TYR C 205 27.73 43.80 3.73
C TYR C 205 26.71 44.78 3.11
N GLU C 206 25.42 44.56 3.40
CA GLU C 206 24.36 45.44 2.88
C GLU C 206 24.59 46.86 3.35
N ALA C 207 25.43 47.09 4.36
CA ALA C 207 25.62 48.48 4.79
C ALA C 207 26.11 49.31 3.60
N VAL C 208 26.78 48.64 2.67
CA VAL C 208 27.29 49.38 1.52
C VAL C 208 26.11 50.00 0.76
N VAL C 209 25.07 49.21 0.53
CA VAL C 209 23.91 49.73 -0.19
C VAL C 209 23.23 50.80 0.67
N TYR C 210 23.09 50.57 1.98
CA TYR C 210 22.46 51.59 2.81
C TYR C 210 23.25 52.86 2.69
N TYR C 211 24.57 52.72 2.67
CA TYR C 211 25.35 53.94 2.53
C TYR C 211 25.06 54.67 1.22
N LEU C 212 25.01 53.96 0.11
CA LEU C 212 24.80 54.73 -1.12
C LEU C 212 23.45 55.39 -1.15
N ALA C 213 22.45 54.69 -0.63
CA ALA C 213 21.08 55.18 -0.65
C ALA C 213 20.97 56.48 0.12
N GLY C 214 21.69 56.49 1.24
CA GLY C 214 21.63 57.63 2.12
C GLY C 214 22.31 58.82 1.49
N GLN C 215 22.99 58.57 0.38
CA GLN C 215 23.58 59.75 -0.19
C GLN C 215 22.55 60.58 -0.97
N TYR C 216 21.35 60.11 -1.24
CA TYR C 216 20.46 60.98 -1.98
C TYR C 216 19.03 60.80 -1.50
N LEU C 217 18.77 59.75 -0.74
CA LEU C 217 17.41 59.57 -0.25
C LEU C 217 17.37 60.16 1.14
N LYS C 218 16.22 60.71 1.52
CA LYS C 218 16.16 61.27 2.86
C LYS C 218 16.02 60.21 3.95
N THR C 219 16.67 60.51 5.06
CA THR C 219 16.73 59.66 6.26
C THR C 219 16.39 60.47 7.51
N ASP C 220 15.77 59.83 8.48
CA ASP C 220 15.39 60.45 9.76
C ASP C 220 16.68 60.91 10.44
N ASP C 221 16.71 62.16 10.87
CA ASP C 221 17.88 62.74 11.54
C ASP C 221 18.25 61.97 12.79
N LYS C 222 17.25 61.37 13.42
CA LYS C 222 17.47 60.58 14.61
C LYS C 222 17.83 59.15 14.25
N SER C 223 16.81 58.38 13.86
CA SER C 223 16.99 56.97 13.54
C SER C 223 17.95 56.73 12.39
N GLY C 224 18.17 57.72 11.54
CA GLY C 224 19.06 57.45 10.42
C GLY C 224 18.35 56.61 9.35
N LYS C 225 17.13 56.16 9.65
CA LYS C 225 16.38 55.38 8.68
C LYS C 225 16.03 56.22 7.47
N ILE C 226 15.89 55.57 6.32
CA ILE C 226 15.51 56.31 5.14
C ILE C 226 14.02 56.60 5.28
N VAL C 227 13.65 57.84 5.05
CA VAL C 227 12.22 58.13 5.13
C VAL C 227 11.73 58.81 3.86
N ASP C 228 12.60 58.87 2.86
CA ASP C 228 12.21 59.45 1.57
C ASP C 228 10.99 58.76 0.97
N PRO C 229 9.98 59.53 0.61
CA PRO C 229 8.80 58.84 0.08
C PRO C 229 9.07 58.37 -1.35
N ARG C 230 10.23 58.69 -1.91
CA ARG C 230 10.43 58.20 -3.28
C ARG C 230 10.76 56.70 -3.23
N LEU C 231 10.99 56.17 -2.03
CA LEU C 231 11.31 54.75 -1.86
C LEU C 231 10.10 54.06 -1.30
N GLN C 232 9.58 53.03 -1.94
CA GLN C 232 8.40 52.43 -1.32
C GLN C 232 8.60 50.93 -1.27
N LEU C 233 8.72 50.40 -0.06
CA LEU C 233 8.93 48.97 0.21
C LEU C 233 7.65 48.15 0.10
N ASN C 234 7.76 46.84 0.18
CA ASN C 234 6.56 46.02 0.03
C ASN C 234 5.74 46.32 -1.19
N LYS C 235 6.38 46.84 -2.25
CA LYS C 235 5.66 47.07 -3.50
C LYS C 235 6.07 46.04 -4.58
N VAL C 236 5.29 44.99 -4.81
CA VAL C 236 5.63 43.96 -5.80
C VAL C 236 5.14 44.33 -7.20
N VAL C 237 6.06 44.74 -8.08
CA VAL C 237 5.63 45.10 -9.42
C VAL C 237 5.13 43.87 -10.13
N ARG C 238 3.95 43.87 -10.74
CA ARG C 238 3.51 42.66 -11.42
C ARG C 238 3.21 42.94 -12.90
N GLU C 239 3.15 44.21 -13.30
CA GLU C 239 2.89 44.45 -14.71
C GLU C 239 3.50 45.76 -15.10
N ILE C 240 4.05 45.79 -16.31
CA ILE C 240 4.70 47.01 -16.78
C ILE C 240 4.14 47.26 -18.16
N LYS C 241 3.32 48.30 -18.34
CA LYS C 241 2.72 48.63 -19.65
C LYS C 241 3.57 49.74 -20.24
N TYR C 242 3.87 49.72 -21.55
CA TYR C 242 4.72 50.80 -22.08
C TYR C 242 4.29 51.19 -23.48
N SER C 243 4.49 52.43 -23.88
CA SER C 243 4.07 52.82 -25.23
C SER C 243 5.20 53.73 -25.66
N PRO C 244 5.11 54.30 -26.85
CA PRO C 244 6.21 55.16 -27.27
C PRO C 244 6.32 56.41 -26.40
N GLY C 245 5.27 56.70 -25.66
CA GLY C 245 5.39 57.93 -24.90
C GLY C 245 5.59 57.83 -23.41
N GLY C 246 5.43 56.65 -22.82
CA GLY C 246 5.64 56.61 -21.38
C GLY C 246 5.35 55.19 -20.91
N VAL C 247 5.24 55.04 -19.59
CA VAL C 247 4.92 53.71 -19.05
C VAL C 247 4.00 53.84 -17.86
N THR C 248 3.42 52.70 -17.49
CA THR C 248 2.52 52.51 -16.34
C THR C 248 2.96 51.23 -15.66
N VAL C 249 3.05 51.26 -14.33
CA VAL C 249 3.51 50.09 -13.56
C VAL C 249 2.49 49.79 -12.47
N LYS C 250 2.08 48.53 -12.40
CA LYS C 250 1.06 48.13 -11.45
C LYS C 250 1.64 47.12 -10.47
N THR C 251 1.33 47.27 -9.18
CA THR C 251 1.88 46.40 -8.17
C THR C 251 0.82 45.46 -7.72
N GLU C 252 1.27 44.44 -7.03
CA GLU C 252 0.33 43.43 -6.62
C GLU C 252 -0.74 43.98 -5.66
N ASP C 253 -0.46 45.02 -4.88
CA ASP C 253 -1.47 45.56 -3.96
C ASP C 253 -2.48 46.41 -4.72
N ASN C 254 -2.34 46.38 -6.03
CA ASN C 254 -3.23 47.12 -6.88
C ASN C 254 -2.87 48.56 -7.18
N SER C 255 -1.87 49.13 -6.52
CA SER C 255 -1.54 50.48 -6.95
C SER C 255 -1.15 50.56 -8.44
N VAL C 256 -1.23 51.74 -9.04
CA VAL C 256 -0.86 51.88 -10.45
C VAL C 256 -0.06 53.14 -10.50
N TYR C 257 1.10 53.12 -11.15
CA TYR C 257 1.94 54.32 -11.17
C TYR C 257 2.22 54.64 -12.63
N SER C 258 2.50 55.91 -12.92
CA SER C 258 2.74 56.36 -14.29
C SER C 258 4.07 57.03 -14.37
N ALA C 259 4.80 56.90 -15.47
CA ALA C 259 6.08 57.60 -15.54
C ALA C 259 6.46 57.69 -17.01
N ASP C 260 7.56 58.40 -17.26
CA ASP C 260 8.20 58.53 -18.58
C ASP C 260 9.08 57.34 -18.98
N TYR C 261 9.68 56.72 -17.96
CA TYR C 261 10.59 55.58 -18.14
C TYR C 261 10.54 54.59 -17.00
N VAL C 262 11.01 53.37 -17.20
CA VAL C 262 11.07 52.45 -16.05
C VAL C 262 12.43 51.77 -16.13
N MET C 263 13.08 51.58 -14.99
CA MET C 263 14.41 50.94 -14.98
C MET C 263 14.18 49.64 -14.20
N VAL C 264 14.28 48.52 -14.89
CA VAL C 264 14.05 47.20 -14.26
C VAL C 264 15.34 46.54 -13.73
N SER C 265 15.45 46.49 -12.40
CA SER C 265 16.64 45.93 -11.77
C SER C 265 16.43 44.56 -11.19
N ALA C 266 15.24 43.99 -11.30
CA ALA C 266 15.00 42.66 -10.78
C ALA C 266 15.95 41.66 -11.43
N SER C 267 16.22 40.52 -10.78
CA SER C 267 17.15 39.51 -11.29
C SER C 267 16.74 38.89 -12.63
N LEU C 268 17.77 38.32 -13.25
CA LEU C 268 17.59 37.59 -14.49
C LEU C 268 16.60 36.47 -14.18
N GLY C 269 16.78 35.83 -13.03
CA GLY C 269 15.87 34.72 -12.74
C GLY C 269 14.47 35.30 -12.64
N VAL C 270 14.36 36.47 -12.01
CA VAL C 270 13.00 37.03 -11.94
C VAL C 270 12.50 37.31 -13.37
N LEU C 271 13.35 37.87 -14.23
CA LEU C 271 12.89 38.08 -15.59
C LEU C 271 12.54 36.76 -16.29
N GLN C 272 13.21 35.66 -15.99
CA GLN C 272 12.85 34.42 -16.70
C GLN C 272 11.57 33.80 -16.15
N SER C 273 11.10 34.29 -15.01
CA SER C 273 9.91 33.71 -14.41
C SER C 273 8.55 34.29 -14.78
N ASP C 274 8.41 35.36 -15.56
CA ASP C 274 7.00 35.75 -15.75
C ASP C 274 6.27 36.32 -14.51
N LEU C 275 7.00 36.69 -13.48
CA LEU C 275 6.34 37.34 -12.35
C LEU C 275 5.85 38.71 -12.85
N ILE C 276 6.67 39.37 -13.65
CA ILE C 276 6.30 40.70 -14.15
C ILE C 276 5.79 40.54 -15.57
N GLN C 277 4.55 40.96 -15.84
CA GLN C 277 4.02 40.85 -17.19
C GLN C 277 4.29 42.13 -17.96
N PHE C 278 4.89 41.98 -19.14
CA PHE C 278 5.19 43.16 -19.96
C PHE C 278 4.09 43.32 -20.99
N LYS C 279 3.59 44.54 -21.19
CA LYS C 279 2.51 44.68 -22.17
C LYS C 279 2.84 45.94 -22.95
N PRO C 280 3.09 45.76 -24.24
CA PRO C 280 3.03 44.47 -24.92
C PRO C 280 4.19 43.57 -24.54
N LYS C 281 4.11 42.30 -24.95
CA LYS C 281 5.18 41.38 -24.60
C LYS C 281 6.52 41.88 -25.13
N LEU C 282 7.60 41.55 -24.43
CA LEU C 282 8.91 41.99 -24.93
C LEU C 282 9.15 41.30 -26.27
N PRO C 283 9.98 41.90 -27.12
CA PRO C 283 10.25 41.32 -28.43
C PRO C 283 11.01 40.00 -28.35
N THR C 284 10.79 39.20 -29.38
CA THR C 284 11.44 37.89 -29.42
C THR C 284 12.94 37.99 -29.21
N TRP C 285 13.55 38.98 -29.86
CA TRP C 285 14.99 39.04 -29.65
C TRP C 285 15.34 39.18 -28.17
N LYS C 286 14.54 39.96 -27.46
CA LYS C 286 14.82 40.20 -26.05
C LYS C 286 14.52 38.93 -25.25
N VAL C 287 13.36 38.35 -25.53
CA VAL C 287 12.98 37.16 -24.79
C VAL C 287 14.03 36.06 -25.00
N ARG C 288 14.53 36.02 -26.22
CA ARG C 288 15.52 34.97 -26.40
C ARG C 288 16.80 35.19 -25.62
N ALA C 289 17.24 36.45 -25.54
CA ALA C 289 18.48 36.75 -24.84
C ALA C 289 18.23 36.42 -23.39
N ILE C 290 17.06 36.78 -22.92
CA ILE C 290 16.77 36.48 -21.52
C ILE C 290 16.82 34.98 -21.20
N TYR C 291 16.20 34.12 -22.00
CA TYR C 291 16.20 32.72 -21.63
C TYR C 291 17.49 31.98 -21.91
N GLN C 292 18.29 32.52 -22.81
CA GLN C 292 19.56 31.81 -23.04
C GLN C 292 20.62 32.00 -21.97
N PHE C 293 20.61 33.15 -21.27
CA PHE C 293 21.66 33.30 -20.26
C PHE C 293 21.29 32.48 -19.00
N ASP C 294 22.25 32.18 -18.11
CA ASP C 294 21.88 31.35 -16.96
C ASP C 294 21.79 32.14 -15.66
N MET C 295 20.79 31.81 -14.83
CA MET C 295 20.66 32.39 -13.48
C MET C 295 21.07 31.21 -12.58
N ALA C 296 22.20 31.29 -11.90
CA ALA C 296 22.61 30.15 -11.06
C ALA C 296 22.11 30.28 -9.62
N VAL C 297 22.37 29.26 -8.80
CA VAL C 297 21.95 29.33 -7.41
C VAL C 297 23.13 28.81 -6.58
N TYR C 298 23.37 29.43 -5.44
CA TYR C 298 24.52 29.10 -4.60
C TYR C 298 23.91 29.19 -3.20
N THR C 299 23.85 28.04 -2.56
CA THR C 299 23.17 27.96 -1.27
C THR C 299 24.17 27.80 -0.12
N LYS C 300 24.14 28.75 0.80
CA LYS C 300 25.05 28.79 1.95
C LYS C 300 24.37 28.20 3.16
N ILE C 301 24.63 26.91 3.39
CA ILE C 301 23.99 26.24 4.52
C ILE C 301 24.80 26.44 5.80
N PHE C 302 24.27 27.22 6.71
CA PHE C 302 25.01 27.45 7.96
C PHE C 302 24.53 26.44 9.01
N LEU C 303 25.46 26.00 9.85
CA LEU C 303 25.16 25.02 10.90
C LEU C 303 25.76 25.44 12.24
N LYS C 304 24.98 25.30 13.31
CA LYS C 304 25.41 25.66 14.67
C LYS C 304 25.59 24.38 15.46
N PHE C 305 26.72 24.23 16.17
CA PHE C 305 26.93 23.02 16.98
C PHE C 305 27.17 23.36 18.46
N PRO C 306 26.85 22.44 19.36
CA PRO C 306 27.04 22.68 20.79
C PRO C 306 28.51 22.64 21.22
N ARG C 307 29.40 22.12 20.37
CA ARG C 307 30.83 22.07 20.69
C ARG C 307 31.50 21.83 19.34
N LYS C 308 32.78 22.23 19.20
CA LYS C 308 33.53 22.17 17.95
C LYS C 308 34.08 20.77 17.80
N PHE C 309 34.27 20.27 16.58
CA PHE C 309 34.85 18.93 16.48
C PHE C 309 35.77 18.93 15.27
N TRP C 310 35.99 20.08 14.63
CA TRP C 310 36.88 20.14 13.47
C TRP C 310 38.13 20.85 13.90
N PRO C 311 39.16 20.77 13.06
CA PRO C 311 40.42 21.40 13.40
C PRO C 311 40.35 22.90 13.25
N GLU C 312 41.16 23.59 14.04
CA GLU C 312 41.25 25.03 13.91
C GLU C 312 42.73 25.32 13.79
N GLY C 313 43.10 26.46 13.22
CA GLY C 313 44.54 26.67 13.08
C GLY C 313 44.93 27.18 11.69
N LYS C 314 46.23 27.33 11.51
CA LYS C 314 46.72 27.85 10.25
C LYS C 314 46.25 27.05 9.08
N GLY C 315 45.64 27.73 8.14
CA GLY C 315 45.21 26.99 6.96
C GLY C 315 43.94 26.17 7.13
N ARG C 316 43.38 26.16 8.34
CA ARG C 316 42.15 25.39 8.58
C ARG C 316 40.82 25.99 8.10
N GLU C 317 40.78 27.28 7.76
CA GLU C 317 39.52 27.91 7.39
C GLU C 317 38.65 27.23 6.33
N PHE C 318 39.28 26.82 5.23
CA PHE C 318 38.55 26.15 4.18
C PHE C 318 38.94 24.70 4.08
N PHE C 319 37.99 23.80 3.91
CA PHE C 319 38.33 22.40 3.74
C PHE C 319 37.37 21.83 2.73
N LEU C 320 37.75 20.71 2.11
CA LEU C 320 36.88 20.10 1.09
C LEU C 320 36.60 18.66 1.44
N TYR C 321 35.43 18.19 0.99
CA TYR C 321 35.04 16.80 1.21
C TYR C 321 35.01 16.15 -0.15
N ALA C 322 35.89 15.19 -0.36
CA ALA C 322 35.94 14.55 -1.66
C ALA C 322 34.93 13.41 -1.79
N SER C 323 33.67 13.74 -2.01
CA SER C 323 32.63 12.70 -2.13
C SER C 323 32.80 12.01 -3.47
N SER C 324 32.36 10.76 -3.60
CA SER C 324 32.44 10.16 -4.93
C SER C 324 31.29 10.76 -5.77
N ARG C 325 30.37 11.51 -5.12
CA ARG C 325 29.21 12.14 -5.78
C ARG C 325 29.59 13.60 -5.97
N ARG C 326 29.81 13.98 -7.21
CA ARG C 326 30.31 15.32 -7.46
C ARG C 326 29.42 16.39 -6.85
N GLY C 327 30.05 17.35 -6.18
CA GLY C 327 29.32 18.48 -5.63
C GLY C 327 28.50 18.22 -4.38
N TYR C 328 28.62 17.01 -3.83
CA TYR C 328 27.84 16.70 -2.64
C TYR C 328 28.47 17.29 -1.40
N TYR C 329 27.83 18.27 -0.77
CA TYR C 329 28.38 18.87 0.46
C TYR C 329 29.90 18.99 0.46
N GLY C 330 30.46 19.55 -0.61
CA GLY C 330 31.88 19.58 -0.85
C GLY C 330 32.78 20.70 -0.36
N VAL C 331 32.29 21.92 -0.25
CA VAL C 331 33.19 22.99 0.14
C VAL C 331 32.77 23.58 1.47
N TRP C 332 33.66 23.41 2.44
CA TRP C 332 33.39 23.85 3.80
C TRP C 332 34.24 25.03 4.24
N GLN C 333 33.68 25.78 5.19
CA GLN C 333 34.37 26.92 5.79
C GLN C 333 34.10 26.97 7.29
N GLU C 334 35.14 27.14 8.12
CA GLU C 334 34.95 27.20 9.58
C GLU C 334 35.36 28.61 9.96
N PHE C 335 34.64 29.19 10.91
CA PHE C 335 34.80 30.59 11.25
C PHE C 335 35.57 30.97 12.48
N GLU C 336 36.65 30.25 12.74
CA GLU C 336 37.41 30.61 13.94
C GLU C 336 37.81 32.10 13.90
N LYS C 337 38.19 32.59 12.72
CA LYS C 337 38.55 33.99 12.62
C LYS C 337 37.35 34.94 12.62
N GLN C 338 36.34 34.64 11.82
CA GLN C 338 35.20 35.56 11.77
C GLN C 338 34.27 35.59 12.96
N TYR C 339 33.93 34.43 13.52
CA TYR C 339 32.96 34.41 14.62
C TYR C 339 33.51 33.44 15.65
N PRO C 340 34.61 33.85 16.25
CA PRO C 340 35.37 33.01 17.17
C PRO C 340 34.60 32.23 18.19
N ASP C 341 33.56 32.77 18.79
CA ASP C 341 33.08 31.76 19.73
C ASP C 341 31.88 30.93 19.35
N ALA C 342 31.51 31.12 18.08
CA ALA C 342 30.28 30.52 17.59
C ALA C 342 30.08 29.03 17.35
N ASN C 343 31.10 28.31 16.94
CA ASN C 343 30.84 26.89 16.67
C ASN C 343 29.89 26.71 15.50
N VAL C 344 30.12 27.52 14.47
CA VAL C 344 29.28 27.43 13.29
C VAL C 344 30.14 26.96 12.12
N LEU C 345 29.57 26.18 11.21
CA LEU C 345 30.30 25.79 10.01
C LEU C 345 29.41 26.24 8.86
N LEU C 346 30.01 26.39 7.69
CA LEU C 346 29.28 26.77 6.50
C LEU C 346 29.65 25.82 5.36
N VAL C 347 28.64 25.12 4.82
CA VAL C 347 28.88 24.21 3.70
C VAL C 347 28.14 24.84 2.54
N THR C 348 28.79 24.94 1.39
CA THR C 348 28.17 25.56 0.23
C THR C 348 27.79 24.57 -0.85
N VAL C 349 26.57 24.67 -1.40
CA VAL C 349 26.21 23.75 -2.48
C VAL C 349 25.68 24.66 -3.60
N THR C 350 25.51 24.15 -4.82
CA THR C 350 25.01 25.03 -5.88
C THR C 350 24.17 24.18 -6.85
N ASP C 351 23.65 24.84 -7.88
CA ASP C 351 23.03 24.15 -9.00
C ASP C 351 22.06 23.03 -8.64
N GLU C 352 22.30 21.84 -9.19
CA GLU C 352 21.42 20.69 -8.90
C GLU C 352 21.15 20.39 -7.43
N GLU C 353 22.22 20.39 -6.65
CA GLU C 353 22.03 20.13 -5.22
C GLU C 353 21.23 21.27 -4.58
N SER C 354 21.50 22.50 -5.00
CA SER C 354 20.73 23.60 -4.40
C SER C 354 19.25 23.38 -4.69
N ARG C 355 18.89 23.07 -5.95
CA ARG C 355 17.46 22.96 -6.20
C ARG C 355 16.83 21.81 -5.44
N ARG C 356 17.61 20.74 -5.34
CA ARG C 356 17.08 19.59 -4.60
C ARG C 356 16.92 19.99 -3.12
N ILE C 357 17.97 20.59 -2.59
CA ILE C 357 17.91 20.90 -1.17
C ILE C 357 16.82 21.91 -0.77
N GLU C 358 16.64 22.94 -1.57
CA GLU C 358 15.62 23.94 -1.25
C GLU C 358 14.27 23.26 -1.17
N GLN C 359 14.10 22.20 -1.94
CA GLN C 359 12.82 21.52 -1.95
C GLN C 359 12.59 20.50 -0.85
N GLN C 360 13.50 20.35 0.11
CA GLN C 360 13.21 19.36 1.16
C GLN C 360 13.34 20.12 2.47
N SER C 361 12.95 19.52 3.59
CA SER C 361 13.00 20.25 4.86
C SER C 361 14.41 20.41 5.36
N ASP C 362 14.55 21.39 6.25
CA ASP C 362 15.84 21.67 6.85
C ASP C 362 16.30 20.45 7.64
N GLU C 363 15.32 19.80 8.25
CA GLU C 363 15.66 18.65 9.07
C GLU C 363 16.29 17.59 8.20
N GLN C 364 15.72 17.39 7.02
CA GLN C 364 16.27 16.31 6.17
C GLN C 364 17.66 16.72 5.69
N THR C 365 17.79 18.00 5.41
CA THR C 365 19.08 18.42 4.96
C THR C 365 20.05 18.23 6.12
N LYS C 366 19.61 18.60 7.31
CA LYS C 366 20.52 18.47 8.45
C LYS C 366 21.01 17.03 8.63
N ALA C 367 20.08 16.11 8.42
CA ALA C 367 20.44 14.72 8.60
C ALA C 367 21.42 14.28 7.56
N GLU C 368 21.27 14.77 6.34
CA GLU C 368 22.24 14.37 5.30
C GLU C 368 23.65 14.86 5.69
N ILE C 369 23.68 16.11 6.16
CA ILE C 369 24.93 16.76 6.49
C ILE C 369 25.58 16.03 7.67
N MET C 370 24.79 15.59 8.67
CA MET C 370 25.43 14.89 9.80
C MET C 370 26.09 13.59 9.32
N GLN C 371 25.48 12.92 8.35
CA GLN C 371 26.07 11.68 7.83
C GLN C 371 27.41 12.02 7.22
N VAL C 372 27.42 13.12 6.46
CA VAL C 372 28.71 13.51 5.87
C VAL C 372 29.77 13.92 6.93
N LEU C 373 29.38 14.73 7.89
CA LEU C 373 30.38 15.11 8.88
C LEU C 373 30.84 13.90 9.69
N ARG C 374 29.97 12.94 9.99
CA ARG C 374 30.45 11.76 10.72
C ARG C 374 31.45 10.92 9.95
N LYS C 375 31.32 10.93 8.61
CA LYS C 375 32.24 10.20 7.74
C LYS C 375 33.52 10.96 7.61
N MET C 376 33.48 12.28 7.64
CA MET C 376 34.69 13.06 7.46
C MET C 376 35.56 12.99 8.67
N PHE C 377 34.91 12.95 9.84
CA PHE C 377 35.62 12.96 11.13
C PHE C 377 35.32 11.69 11.93
N PRO C 378 35.77 10.56 11.42
CA PRO C 378 35.48 9.29 12.09
C PRO C 378 36.07 9.19 13.50
N GLY C 379 37.13 9.94 13.76
CA GLY C 379 37.71 9.83 15.10
C GLY C 379 37.05 10.72 16.14
N LYS C 380 36.04 11.47 15.73
CA LYS C 380 35.38 12.39 16.65
C LYS C 380 33.97 11.91 16.94
N ASP C 381 33.47 12.35 18.09
CA ASP C 381 32.09 12.05 18.51
C ASP C 381 31.41 13.28 17.96
N VAL C 382 30.83 13.20 16.78
CA VAL C 382 30.27 14.41 16.19
C VAL C 382 28.89 14.73 16.71
N PRO C 383 28.69 15.93 17.23
CA PRO C 383 27.37 16.30 17.78
C PRO C 383 26.37 16.71 16.71
N ASP C 384 25.10 16.42 16.93
CA ASP C 384 24.08 16.83 15.96
C ASP C 384 24.09 18.37 15.93
N ALA C 385 23.91 19.00 14.77
CA ALA C 385 23.88 20.46 14.76
C ALA C 385 22.60 20.88 15.50
N THR C 386 22.64 21.93 16.30
CA THR C 386 21.41 22.28 17.00
C THR C 386 20.70 23.37 16.21
N ASP C 387 21.25 23.83 15.11
CA ASP C 387 20.51 24.82 14.31
C ASP C 387 21.07 24.75 12.90
N ILE C 388 20.26 25.05 11.90
CA ILE C 388 20.77 25.01 10.53
C ILE C 388 20.04 26.09 9.77
N LEU C 389 20.67 26.72 8.79
CA LEU C 389 19.98 27.77 8.03
C LEU C 389 20.20 27.45 6.57
N VAL C 390 19.10 27.18 5.87
CA VAL C 390 19.17 26.87 4.46
C VAL C 390 18.58 28.03 3.66
N PRO C 391 19.38 28.93 3.08
CA PRO C 391 18.73 30.01 2.30
C PRO C 391 18.02 29.46 1.04
N ARG C 392 16.82 29.96 0.71
CA ARG C 392 16.08 29.44 -0.43
C ARG C 392 15.91 30.48 -1.51
N TRP C 393 17.03 30.92 -2.04
CA TRP C 393 17.01 31.95 -3.06
C TRP C 393 16.30 31.56 -4.36
N TRP C 394 16.45 30.30 -4.78
CA TRP C 394 15.80 29.94 -6.04
C TRP C 394 14.32 29.86 -5.85
N SER C 395 13.90 29.44 -4.66
CA SER C 395 12.48 29.30 -4.44
C SER C 395 11.88 30.69 -4.21
N ASP C 396 12.68 31.68 -3.86
CA ASP C 396 12.12 33.00 -3.60
C ASP C 396 11.72 33.74 -4.90
N ARG C 397 10.44 34.02 -5.05
CA ARG C 397 9.95 34.61 -6.30
C ARG C 397 10.57 35.96 -6.60
N PHE C 398 11.19 36.58 -5.61
CA PHE C 398 11.82 37.89 -5.89
C PHE C 398 13.29 37.80 -6.33
N TYR C 399 13.80 36.57 -6.47
CA TYR C 399 15.21 36.39 -6.84
C TYR C 399 15.39 35.28 -7.86
N LYS C 400 14.71 34.17 -7.59
CA LYS C 400 14.75 33.00 -8.43
C LYS C 400 16.20 32.52 -8.69
N GLY C 401 17.11 32.59 -7.73
CA GLY C 401 18.51 32.20 -7.98
C GLY C 401 19.42 33.17 -7.25
N THR C 402 20.74 33.06 -7.35
CA THR C 402 21.64 33.98 -6.63
C THR C 402 22.48 34.89 -7.52
N PHE C 403 22.90 34.41 -8.69
CA PHE C 403 23.65 35.27 -9.62
C PHE C 403 23.79 34.64 -10.99
N SER C 404 23.90 35.46 -12.04
CA SER C 404 23.93 34.92 -13.41
C SER C 404 25.26 34.22 -13.66
N ASN C 405 25.30 33.35 -14.67
CA ASN C 405 26.55 32.70 -15.05
C ASN C 405 26.42 32.66 -16.58
N TRP C 406 27.56 32.83 -17.23
CA TRP C 406 27.63 32.87 -18.70
C TRP C 406 27.89 31.51 -19.29
N PRO C 407 26.88 31.01 -19.98
CA PRO C 407 26.95 29.70 -20.61
C PRO C 407 27.55 29.62 -22.02
N VAL C 408 28.09 28.46 -22.36
CA VAL C 408 28.66 28.32 -23.68
C VAL C 408 27.44 28.38 -24.59
N GLY C 409 27.56 29.14 -25.66
CA GLY C 409 26.42 29.23 -26.57
C GLY C 409 26.07 30.71 -26.70
N VAL C 410 26.35 31.48 -25.66
CA VAL C 410 25.95 32.87 -25.74
C VAL C 410 27.18 33.68 -26.09
N ASN C 411 27.11 34.53 -27.11
CA ASN C 411 28.27 35.40 -27.41
C ASN C 411 28.08 36.82 -26.88
N ARG C 412 29.04 37.71 -27.13
CA ARG C 412 28.84 39.04 -26.54
C ARG C 412 27.64 39.85 -27.01
N TYR C 413 27.37 39.67 -28.28
CA TYR C 413 26.29 40.38 -28.93
C TYR C 413 25.03 39.94 -28.20
N GLU C 414 24.87 38.64 -28.01
CA GLU C 414 23.65 38.25 -27.32
C GLU C 414 23.63 38.69 -25.87
N TYR C 415 24.79 38.73 -25.24
CA TYR C 415 24.74 39.15 -23.86
C TYR C 415 24.35 40.60 -23.85
N ASP C 416 24.90 41.36 -24.77
CA ASP C 416 24.53 42.77 -24.71
C ASP C 416 23.03 42.96 -24.93
N GLN C 417 22.44 42.04 -25.68
CA GLN C 417 21.00 42.09 -25.86
C GLN C 417 20.25 41.97 -24.55
N LEU C 418 20.91 41.50 -23.48
CA LEU C 418 20.24 41.42 -22.20
C LEU C 418 20.21 42.80 -21.63
N ARG C 419 21.23 43.56 -21.96
CA ARG C 419 21.23 44.84 -21.30
C ARG C 419 20.39 45.80 -22.13
N ALA C 420 20.19 45.48 -23.39
CA ALA C 420 19.50 46.49 -24.18
C ALA C 420 18.09 46.92 -23.79
N PRO C 421 17.75 48.20 -23.88
CA PRO C 421 16.42 48.62 -23.49
C PRO C 421 15.44 48.24 -24.58
N VAL C 422 14.16 48.29 -24.23
CA VAL C 422 13.13 48.01 -25.23
C VAL C 422 12.28 49.26 -25.16
N GLY C 423 12.38 50.13 -26.16
CA GLY C 423 11.56 51.35 -26.09
C GLY C 423 11.92 52.19 -24.85
N ARG C 424 10.95 52.42 -23.97
CA ARG C 424 11.21 53.18 -22.73
C ARG C 424 11.47 52.28 -21.48
N VAL C 425 11.58 50.97 -21.71
CA VAL C 425 11.87 50.00 -20.66
C VAL C 425 13.38 49.73 -20.66
N TYR C 426 14.06 50.17 -19.60
CA TYR C 426 15.50 49.94 -19.43
C TYR C 426 15.72 48.82 -18.39
N PHE C 427 16.92 48.24 -18.46
CA PHE C 427 17.28 47.15 -17.56
C PHE C 427 18.62 47.43 -16.93
N THR C 428 18.81 46.93 -15.72
CA THR C 428 20.09 47.10 -15.04
C THR C 428 20.17 45.89 -14.13
N GLY C 429 21.30 45.75 -13.43
CA GLY C 429 21.45 44.58 -12.58
C GLY C 429 22.74 43.85 -12.96
N GLU C 430 23.19 42.96 -12.08
CA GLU C 430 24.45 42.27 -12.29
C GLU C 430 24.44 41.58 -13.64
N HIS C 431 23.31 41.03 -14.05
CA HIS C 431 23.29 40.34 -15.36
C HIS C 431 23.36 41.32 -16.53
N THR C 432 23.52 42.62 -16.25
CA THR C 432 23.66 43.56 -17.36
C THR C 432 25.05 44.20 -17.23
N SER C 433 25.89 43.71 -16.33
CA SER C 433 27.23 44.28 -16.18
C SER C 433 28.10 43.88 -17.39
N GLU C 434 28.67 44.87 -18.09
CA GLU C 434 29.41 44.52 -19.29
C GLU C 434 30.48 43.48 -19.04
N HIS C 435 31.24 43.68 -17.98
CA HIS C 435 32.31 42.72 -17.65
C HIS C 435 32.37 42.07 -16.30
N TYR C 436 31.41 42.35 -15.43
CA TYR C 436 31.47 41.78 -14.11
C TYR C 436 30.14 41.12 -13.80
N ASN C 437 29.52 40.43 -14.75
CA ASN C 437 28.26 39.85 -14.34
C ASN C 437 28.54 38.93 -13.18
N GLY C 438 27.54 38.77 -12.31
CA GLY C 438 27.64 37.91 -11.13
C GLY C 438 28.11 38.53 -9.82
N TYR C 439 28.66 39.74 -9.85
CA TYR C 439 29.21 40.36 -8.63
C TYR C 439 28.52 41.56 -8.00
N VAL C 440 28.93 41.89 -6.78
CA VAL C 440 28.35 43.07 -6.13
C VAL C 440 28.85 44.28 -6.90
N HIS C 441 30.11 44.25 -7.32
CA HIS C 441 30.64 45.40 -8.02
C HIS C 441 30.01 45.53 -9.41
N GLY C 442 29.65 44.38 -9.98
CA GLY C 442 28.98 44.39 -11.27
C GLY C 442 27.62 45.07 -11.12
N ALA C 443 26.91 44.79 -10.03
CA ALA C 443 25.57 45.36 -9.81
C ALA C 443 25.74 46.85 -9.69
N TYR C 444 26.68 47.22 -8.85
CA TYR C 444 26.96 48.63 -8.64
C TYR C 444 27.27 49.36 -9.94
N LEU C 445 28.24 48.88 -10.70
CA LEU C 445 28.56 49.55 -11.96
C LEU C 445 27.44 49.43 -13.01
N SER C 446 26.62 48.38 -12.97
CA SER C 446 25.59 48.29 -14.00
C SER C 446 24.53 49.36 -13.79
N GLY C 447 24.38 49.73 -12.51
CA GLY C 447 23.36 50.72 -12.18
C GLY C 447 23.80 52.07 -12.76
N ILE C 448 25.09 52.37 -12.61
CA ILE C 448 25.57 53.64 -13.14
C ILE C 448 25.47 53.58 -14.66
N ASP C 449 25.89 52.48 -15.26
CA ASP C 449 25.85 52.44 -16.71
C ASP C 449 24.45 52.52 -17.27
N SER C 450 23.55 51.75 -16.69
CA SER C 450 22.19 51.81 -17.18
C SER C 450 21.64 53.23 -17.03
N ALA C 451 21.94 53.83 -15.90
CA ALA C 451 21.36 55.14 -15.67
C ALA C 451 21.84 56.08 -16.77
N GLU C 452 23.12 55.98 -17.06
CA GLU C 452 23.73 56.88 -18.03
C GLU C 452 23.17 56.75 -19.42
N ILE C 453 22.83 55.53 -19.80
CA ILE C 453 22.22 55.34 -21.11
C ILE C 453 20.87 56.04 -21.08
N LEU C 454 20.14 55.86 -19.98
CA LEU C 454 18.83 56.48 -19.90
C LEU C 454 18.99 58.00 -19.88
N ILE C 455 19.96 58.50 -19.14
CA ILE C 455 20.15 59.94 -19.06
C ILE C 455 20.41 60.49 -20.47
N ASN C 456 21.27 59.86 -21.24
CA ASN C 456 21.52 60.39 -22.56
C ASN C 456 20.30 60.42 -23.46
N CYS C 457 19.56 59.32 -23.40
CA CYS C 457 18.36 59.24 -24.21
C CYS C 457 17.34 60.28 -23.78
N ALA C 458 17.03 60.31 -22.48
CA ALA C 458 16.03 61.23 -21.97
C ALA C 458 16.43 62.69 -21.94
N GLN C 459 17.63 62.98 -21.48
CA GLN C 459 18.03 64.38 -21.37
C GLN C 459 18.65 64.94 -22.63
N LYS C 460 19.55 64.20 -23.27
CA LYS C 460 20.21 64.73 -24.46
C LYS C 460 19.52 64.30 -25.76
N LYS C 461 18.50 63.45 -25.64
CA LYS C 461 17.76 62.96 -26.80
C LYS C 461 18.67 62.21 -27.72
N MET C 462 19.73 61.64 -27.15
CA MET C 462 20.66 60.81 -27.92
C MET C 462 20.54 59.37 -27.40
N CYS C 463 19.62 58.59 -27.96
CA CYS C 463 19.39 57.22 -27.52
C CYS C 463 20.33 56.28 -28.22
N LYS C 464 21.44 55.94 -27.56
CA LYS C 464 22.43 55.07 -28.18
C LYS C 464 21.81 53.82 -28.79
N TYR C 465 22.14 53.57 -30.04
CA TYR C 465 21.58 52.41 -30.73
C TYR C 465 22.25 51.08 -30.41
N HIS C 466 23.57 50.98 -30.48
CA HIS C 466 24.16 49.71 -30.08
C HIS C 466 24.55 49.74 -28.61
#